data_6ADV
# 
_entry.id   6ADV 
# 
_audit_conform.dict_name       mmcif_pdbx.dic 
_audit_conform.dict_version    5.380 
_audit_conform.dict_location   http://mmcif.pdb.org/dictionaries/ascii/mmcif_pdbx.dic 
# 
loop_
_database_2.database_id 
_database_2.database_code 
_database_2.pdbx_database_accession 
_database_2.pdbx_DOI 
PDB   6ADV         pdb_00006adv 10.2210/pdb6adv/pdb 
WWPDB D_1300008583 ?            ?                   
# 
_pdbx_database_status.status_code                     REL 
_pdbx_database_status.status_code_sf                  REL 
_pdbx_database_status.status_code_mr                  ? 
_pdbx_database_status.entry_id                        6ADV 
_pdbx_database_status.recvd_initial_deposition_date   2018-08-02 
_pdbx_database_status.SG_entry                        N 
_pdbx_database_status.deposit_site                    PDBJ 
_pdbx_database_status.process_site                    PDBJ 
_pdbx_database_status.status_code_cs                  ? 
_pdbx_database_status.methods_development_category    ? 
_pdbx_database_status.pdb_format_compatible           Y 
_pdbx_database_status.status_code_nmr_data            ? 
# 
loop_
_audit_author.name 
_audit_author.pdbx_ordinal 
_audit_author.identifier_ORCID 
'Aoyama, H.A.'    1 0000-0001-7915-8975 
'Habuchi, T.H.'   2 ?                   
'Yamaguchi, T.Y.' 3 0000-0003-3180-0257 
'Obika, S.O.'     4 0000-0002-6842-6812 
# 
_citation.abstract                  ? 
_citation.abstract_id_CAS           ? 
_citation.book_id_ISBN              ? 
_citation.book_publisher            ? 
_citation.book_publisher_city       ? 
_citation.book_title                ? 
_citation.coordinate_linkage        ? 
_citation.country                   US 
_citation.database_id_Medline       ? 
_citation.details                   ? 
_citation.id                        primary 
_citation.journal_abbrev            'J. Org. Chem.' 
_citation.journal_id_ASTM           JOCEAH 
_citation.journal_id_CSD            0035 
_citation.journal_id_ISSN           1520-6904 
_citation.journal_full              ? 
_citation.journal_issue             ? 
_citation.journal_volume            84 
_citation.language                  ? 
_citation.page_first                1430 
_citation.page_last                 1439 
_citation.title                     
;Hybridization and Mismatch Discrimination Abilities of 2',4'-Bridged Nucleic Acids Bearing 2-Thiothymine or 2-Selenothymine Nucleobase.
;
_citation.year                      2019 
_citation.database_id_CSD           ? 
_citation.pdbx_database_id_DOI      10.1021/acs.joc.8b02863 
_citation.pdbx_database_id_PubMed   30632750 
_citation.unpublished_flag          ? 
# 
loop_
_citation_author.citation_id 
_citation_author.name 
_citation_author.ordinal 
_citation_author.identifier_ORCID 
primary 'Habuchi, T.'   1 ?                   
primary 'Yamaguchi, T.' 2 0000-0003-3180-0257 
primary 'Aoyama, H.'    3 ?                   
primary 'Horiba, M.'    4 ?                   
primary 'Ito, K.R.'     5 ?                   
primary 'Obika, S.'     6 0000-0002-6842-6812 
# 
_cell.angle_alpha                  90.000 
_cell.angle_alpha_esd              ? 
_cell.angle_beta                   90.000 
_cell.angle_beta_esd               ? 
_cell.angle_gamma                  90.000 
_cell.angle_gamma_esd              ? 
_cell.entry_id                     6ADV 
_cell.details                      ? 
_cell.formula_units_Z              ? 
_cell.length_a                     25.490 
_cell.length_a_esd                 ? 
_cell.length_b                     41.130 
_cell.length_b_esd                 ? 
_cell.length_c                     65.420 
_cell.length_c_esd                 ? 
_cell.volume                       ? 
_cell.volume_esd                   ? 
_cell.Z_PDB                        8 
_cell.reciprocal_angle_alpha       ? 
_cell.reciprocal_angle_beta        ? 
_cell.reciprocal_angle_gamma       ? 
_cell.reciprocal_angle_alpha_esd   ? 
_cell.reciprocal_angle_beta_esd    ? 
_cell.reciprocal_angle_gamma_esd   ? 
_cell.reciprocal_length_a          ? 
_cell.reciprocal_length_b          ? 
_cell.reciprocal_length_c          ? 
_cell.reciprocal_length_a_esd      ? 
_cell.reciprocal_length_b_esd      ? 
_cell.reciprocal_length_c_esd      ? 
_cell.pdbx_unique_axis             ? 
# 
_symmetry.entry_id                         6ADV 
_symmetry.cell_setting                     ? 
_symmetry.Int_Tables_number                19 
_symmetry.space_group_name_Hall            ? 
_symmetry.space_group_name_H-M             'P 21 21 21' 
_symmetry.pdbx_full_space_group_name_H-M   ? 
# 
loop_
_entity.id 
_entity.type 
_entity.src_method 
_entity.pdbx_description 
_entity.formula_weight 
_entity.pdbx_number_of_molecules 
_entity.pdbx_ec 
_entity.pdbx_mutation 
_entity.pdbx_fragment 
_entity.details 
1 polymer syn "5'-D(*CP*GP*CP*GP*AP*AP*TP*TP*(9V9)P*GP*CP*G)-3'" 3722.479 2  ? ? ? ? 
2 water   nat water                                              18.015   15 ? ? ? ? 
# 
_entity_poly.entity_id                      1 
_entity_poly.type                           polydeoxyribonucleotide 
_entity_poly.nstd_linkage                   no 
_entity_poly.nstd_monomer                   yes 
_entity_poly.pdbx_seq_one_letter_code       '(DC)(DG)(DC)(DG)(DA)(DA)(DT)(DT)(9V9)(DG)(DC)(DG)' 
_entity_poly.pdbx_seq_one_letter_code_can   CGCGAATTXGCG 
_entity_poly.pdbx_strand_id                 A,B 
_entity_poly.pdbx_target_identifier         ? 
# 
loop_
_entity_poly_seq.entity_id 
_entity_poly_seq.num 
_entity_poly_seq.mon_id 
_entity_poly_seq.hetero 
1 1  DC  n 
1 2  DG  n 
1 3  DC  n 
1 4  DG  n 
1 5  DA  n 
1 6  DA  n 
1 7  DT  n 
1 8  DT  n 
1 9  9V9 n 
1 10 DG  n 
1 11 DC  n 
1 12 DG  n 
# 
_pdbx_entity_src_syn.entity_id              1 
_pdbx_entity_src_syn.pdbx_src_id            1 
_pdbx_entity_src_syn.pdbx_alt_source_flag   sample 
_pdbx_entity_src_syn.pdbx_beg_seq_num       1 
_pdbx_entity_src_syn.pdbx_end_seq_num       12 
_pdbx_entity_src_syn.organism_scientific    'synthetic construct' 
_pdbx_entity_src_syn.organism_common_name   ? 
_pdbx_entity_src_syn.ncbi_taxonomy_id       32630 
_pdbx_entity_src_syn.details                ? 
# 
_struct_ref.id                         1 
_struct_ref.db_name                    PDB 
_struct_ref.db_code                    6ADV 
_struct_ref.pdbx_db_accession          6ADV 
_struct_ref.pdbx_db_isoform            ? 
_struct_ref.entity_id                  1 
_struct_ref.pdbx_seq_one_letter_code   ? 
_struct_ref.pdbx_align_begin           1 
# 
loop_
_struct_ref_seq.align_id 
_struct_ref_seq.ref_id 
_struct_ref_seq.pdbx_PDB_id_code 
_struct_ref_seq.pdbx_strand_id 
_struct_ref_seq.seq_align_beg 
_struct_ref_seq.pdbx_seq_align_beg_ins_code 
_struct_ref_seq.seq_align_end 
_struct_ref_seq.pdbx_seq_align_end_ins_code 
_struct_ref_seq.pdbx_db_accession 
_struct_ref_seq.db_align_beg 
_struct_ref_seq.pdbx_db_align_beg_ins_code 
_struct_ref_seq.db_align_end 
_struct_ref_seq.pdbx_db_align_end_ins_code 
_struct_ref_seq.pdbx_auth_seq_align_beg 
_struct_ref_seq.pdbx_auth_seq_align_end 
1 1 6ADV A 1 ? 12 ? 6ADV 1 ? 12 ? 1 12 
2 1 6ADV B 1 ? 12 ? 6ADV 1 ? 12 ? 1 12 
# 
loop_
_chem_comp.id 
_chem_comp.type 
_chem_comp.mon_nstd_flag 
_chem_comp.name 
_chem_comp.pdbx_synonyms 
_chem_comp.formula 
_chem_comp.formula_weight 
9V9 'RNA linking' . 
'1-{2,5-anhydro-4-[(phosphonooxy)methyl]-alpha-L-lyxofuranosyl}-5-methyl-2-sulfanylidene-2,3-dihydropyrimidin-4(1H)-one' ? 
'C11 H15 N2 O8 P S' 366.284 
DA  'DNA linking' y "2'-DEOXYADENOSINE-5'-MONOPHOSPHATE" ? 'C10 H14 N5 O6 P'   331.222 
DC  'DNA linking' y "2'-DEOXYCYTIDINE-5'-MONOPHOSPHATE" ? 'C9 H14 N3 O7 P'    307.197 
DG  'DNA linking' y "2'-DEOXYGUANOSINE-5'-MONOPHOSPHATE" ? 'C10 H14 N5 O7 P'   347.221 
DT  'DNA linking' y "THYMIDINE-5'-MONOPHOSPHATE" ? 'C10 H15 N2 O8 P'   322.208 
HOH non-polymer   . WATER ? 'H2 O'              18.015  
# 
_exptl.absorpt_coefficient_mu     ? 
_exptl.absorpt_correction_T_max   ? 
_exptl.absorpt_correction_T_min   ? 
_exptl.absorpt_correction_type    ? 
_exptl.absorpt_process_details    ? 
_exptl.entry_id                   6ADV 
_exptl.crystals_number            1 
_exptl.details                    ? 
_exptl.method                     'X-RAY DIFFRACTION' 
_exptl.method_details             ? 
# 
_exptl_crystal.colour                      ? 
_exptl_crystal.density_diffrn              ? 
_exptl_crystal.density_Matthews            2.21 
_exptl_crystal.density_method              ? 
_exptl_crystal.density_percent_sol         44.47 
_exptl_crystal.description                 ? 
_exptl_crystal.F_000                       ? 
_exptl_crystal.id                          1 
_exptl_crystal.preparation                 ? 
_exptl_crystal.size_max                    ? 
_exptl_crystal.size_mid                    ? 
_exptl_crystal.size_min                    ? 
_exptl_crystal.size_rad                    ? 
_exptl_crystal.colour_lustre               ? 
_exptl_crystal.colour_modifier             ? 
_exptl_crystal.colour_primary              ? 
_exptl_crystal.density_meas                ? 
_exptl_crystal.density_meas_esd            ? 
_exptl_crystal.density_meas_gt             ? 
_exptl_crystal.density_meas_lt             ? 
_exptl_crystal.density_meas_temp           ? 
_exptl_crystal.density_meas_temp_esd       ? 
_exptl_crystal.density_meas_temp_gt        ? 
_exptl_crystal.density_meas_temp_lt        ? 
_exptl_crystal.pdbx_crystal_image_url      ? 
_exptl_crystal.pdbx_crystal_image_format   ? 
_exptl_crystal.pdbx_mosaicity              0.900 
_exptl_crystal.pdbx_mosaicity_esd          ? 
# 
_exptl_crystal_grow.apparatus       ? 
_exptl_crystal_grow.atmosphere      ? 
_exptl_crystal_grow.crystal_id      1 
_exptl_crystal_grow.details         ? 
_exptl_crystal_grow.method          EVAPORATION 
_exptl_crystal_grow.method_ref      ? 
_exptl_crystal_grow.pH              7.0 
_exptl_crystal_grow.pressure        ? 
_exptl_crystal_grow.pressure_esd    ? 
_exptl_crystal_grow.seeding         ? 
_exptl_crystal_grow.seeding_ref     ? 
_exptl_crystal_grow.temp            293 
_exptl_crystal_grow.temp_details    ? 
_exptl_crystal_grow.temp_esd        ? 
_exptl_crystal_grow.time            ? 
_exptl_crystal_grow.pdbx_details    2-Methyl-2,4-pentanediol 
_exptl_crystal_grow.pdbx_pH_range   ? 
# 
_diffrn.ambient_environment              ? 
_diffrn.ambient_temp                     100 
_diffrn.ambient_temp_details             ? 
_diffrn.ambient_temp_esd                 ? 
_diffrn.crystal_id                       1 
_diffrn.crystal_support                  ? 
_diffrn.crystal_treatment                ? 
_diffrn.details                          ? 
_diffrn.id                               1 
_diffrn.ambient_pressure                 ? 
_diffrn.ambient_pressure_esd             ? 
_diffrn.ambient_pressure_gt              ? 
_diffrn.ambient_pressure_lt              ? 
_diffrn.ambient_temp_gt                  ? 
_diffrn.ambient_temp_lt                  ? 
_diffrn.pdbx_serial_crystal_experiment   ? 
# 
_diffrn_detector.details                      ? 
_diffrn_detector.detector                     CCD 
_diffrn_detector.diffrn_id                    1 
_diffrn_detector.type                         'RAYONIX MX300HE' 
_diffrn_detector.area_resol_mean              ? 
_diffrn_detector.dtime                        ? 
_diffrn_detector.pdbx_frames_total            ? 
_diffrn_detector.pdbx_collection_time_total   ? 
_diffrn_detector.pdbx_collection_date         2017-05-12 
_diffrn_detector.pdbx_frequency               ? 
# 
_diffrn_radiation.collimation                      ? 
_diffrn_radiation.diffrn_id                        1 
_diffrn_radiation.filter_edge                      ? 
_diffrn_radiation.inhomogeneity                    ? 
_diffrn_radiation.monochromator                    ? 
_diffrn_radiation.polarisn_norm                    ? 
_diffrn_radiation.polarisn_ratio                   ? 
_diffrn_radiation.probe                            ? 
_diffrn_radiation.type                             ? 
_diffrn_radiation.xray_symbol                      ? 
_diffrn_radiation.wavelength_id                    1 
_diffrn_radiation.pdbx_monochromatic_or_laue_m_l   M 
_diffrn_radiation.pdbx_wavelength_list             ? 
_diffrn_radiation.pdbx_wavelength                  ? 
_diffrn_radiation.pdbx_diffrn_protocol             'SINGLE WAVELENGTH' 
_diffrn_radiation.pdbx_analyzer                    ? 
_diffrn_radiation.pdbx_scattering_type             x-ray 
# 
_diffrn_radiation_wavelength.id           1 
_diffrn_radiation_wavelength.wavelength   0.9 
_diffrn_radiation_wavelength.wt           1.0 
# 
_diffrn_source.current                     ? 
_diffrn_source.details                     ? 
_diffrn_source.diffrn_id                   1 
_diffrn_source.power                       ? 
_diffrn_source.size                        ? 
_diffrn_source.source                      SYNCHROTRON 
_diffrn_source.target                      ? 
_diffrn_source.type                        'SPRING-8 BEAMLINE BL44XU' 
_diffrn_source.voltage                     ? 
_diffrn_source.take-off_angle              ? 
_diffrn_source.pdbx_wavelength_list        0.9 
_diffrn_source.pdbx_wavelength             ? 
_diffrn_source.pdbx_synchrotron_beamline   BL44XU 
_diffrn_source.pdbx_synchrotron_site       SPring-8 
# 
_reflns.B_iso_Wilson_estimate            ? 
_reflns.entry_id                         6ADV 
_reflns.data_reduction_details           ? 
_reflns.data_reduction_method            ? 
_reflns.d_resolution_high                1.960 
_reflns.d_resolution_low                 32.710 
_reflns.details                          ? 
_reflns.limit_h_max                      ? 
_reflns.limit_h_min                      ? 
_reflns.limit_k_max                      ? 
_reflns.limit_k_min                      ? 
_reflns.limit_l_max                      ? 
_reflns.limit_l_min                      ? 
_reflns.number_all                       ? 
_reflns.number_obs                       5231 
_reflns.observed_criterion               ? 
_reflns.observed_criterion_F_max         ? 
_reflns.observed_criterion_F_min         ? 
_reflns.observed_criterion_I_max         ? 
_reflns.observed_criterion_I_min         ? 
_reflns.observed_criterion_sigma_F       ? 
_reflns.observed_criterion_sigma_I       ? 
_reflns.percent_possible_obs             98.700 
_reflns.R_free_details                   ? 
_reflns.Rmerge_F_all                     ? 
_reflns.Rmerge_F_obs                     ? 
_reflns.Friedel_coverage                 ? 
_reflns.number_gt                        ? 
_reflns.threshold_expression             ? 
_reflns.pdbx_redundancy                  6.600 
_reflns.pdbx_Rmerge_I_obs                0.062 
_reflns.pdbx_Rmerge_I_all                ? 
_reflns.pdbx_Rsym_value                  ? 
_reflns.pdbx_netI_over_av_sigmaI         ? 
_reflns.pdbx_netI_over_sigmaI            12.100 
_reflns.pdbx_res_netI_over_av_sigmaI_2   ? 
_reflns.pdbx_res_netI_over_sigmaI_2      ? 
_reflns.pdbx_chi_squared                 ? 
_reflns.pdbx_scaling_rejects             146 
_reflns.pdbx_d_res_high_opt              ? 
_reflns.pdbx_d_res_low_opt               ? 
_reflns.pdbx_d_res_opt_method            ? 
_reflns.phase_calculation_details        ? 
_reflns.pdbx_Rrim_I_all                  0.067 
_reflns.pdbx_Rpim_I_all                  0.026 
_reflns.pdbx_d_opt                       ? 
_reflns.pdbx_number_measured_all         34495 
_reflns.pdbx_diffrn_id                   1 
_reflns.pdbx_ordinal                     1 
_reflns.pdbx_CC_half                     0.998 
_reflns.pdbx_R_split                     ? 
# 
loop_
_reflns_shell.d_res_high 
_reflns_shell.d_res_low 
_reflns_shell.meanI_over_sigI_all 
_reflns_shell.meanI_over_sigI_obs 
_reflns_shell.number_measured_all 
_reflns_shell.number_measured_obs 
_reflns_shell.number_possible 
_reflns_shell.number_unique_all 
_reflns_shell.number_unique_obs 
_reflns_shell.percent_possible_all 
_reflns_shell.percent_possible_obs 
_reflns_shell.Rmerge_F_all 
_reflns_shell.Rmerge_F_obs 
_reflns_shell.Rmerge_I_all 
_reflns_shell.Rmerge_I_obs 
_reflns_shell.meanI_over_sigI_gt 
_reflns_shell.meanI_over_uI_all 
_reflns_shell.meanI_over_uI_gt 
_reflns_shell.number_measured_gt 
_reflns_shell.number_unique_gt 
_reflns_shell.percent_possible_gt 
_reflns_shell.Rmerge_F_gt 
_reflns_shell.Rmerge_I_gt 
_reflns_shell.pdbx_redundancy 
_reflns_shell.pdbx_Rsym_value 
_reflns_shell.pdbx_chi_squared 
_reflns_shell.pdbx_netI_over_sigmaI_all 
_reflns_shell.pdbx_netI_over_sigmaI_obs 
_reflns_shell.pdbx_Rrim_I_all 
_reflns_shell.pdbx_Rpim_I_all 
_reflns_shell.pdbx_rejects 
_reflns_shell.pdbx_ordinal 
_reflns_shell.pdbx_diffrn_id 
_reflns_shell.pdbx_CC_half 
_reflns_shell.pdbx_R_split 
1.960 2.010  ? ? ? ? ? ? 351 99.700 ? ? ? ? 0.808 ? ? ? ? ? ? ? ? 6.600 ? ? ? ? 0.875 0.331 ? 1 1 0.826 ? 
8.980 32.710 ? ? ? ? ? ? 37  48.700 ? ? ? ? 0.055 ? ? ? ? ? ? ? ? 4.900 ? ? ? ? 0.061 0.026 ? 2 1 0.997 ? 
# 
_refine.aniso_B[1][1]                            -2.0300 
_refine.aniso_B[1][2]                            -0.0000 
_refine.aniso_B[1][3]                            0.0000 
_refine.aniso_B[2][2]                            4.0100 
_refine.aniso_B[2][3]                            -0.0000 
_refine.aniso_B[3][3]                            -1.9800 
_refine.B_iso_max                                88.420 
_refine.B_iso_mean                               50.5180 
_refine.B_iso_min                                31.480 
_refine.correlation_coeff_Fo_to_Fc               0.9530 
_refine.correlation_coeff_Fo_to_Fc_free          0.9340 
_refine.details                                  'HYDROGENS HAVE BEEN ADDED IN THE RIDING POSITIONS U VALUES      : WITH TLS ADDED' 
_refine.diff_density_max                         ? 
_refine.diff_density_max_esd                     ? 
_refine.diff_density_min                         ? 
_refine.diff_density_min_esd                     ? 
_refine.diff_density_rms                         ? 
_refine.diff_density_rms_esd                     ? 
_refine.entry_id                                 6ADV 
_refine.pdbx_refine_id                           'X-RAY DIFFRACTION' 
_refine.ls_abs_structure_details                 ? 
_refine.ls_abs_structure_Flack                   ? 
_refine.ls_abs_structure_Flack_esd               ? 
_refine.ls_abs_structure_Rogers                  ? 
_refine.ls_abs_structure_Rogers_esd              ? 
_refine.ls_d_res_high                            1.9600 
_refine.ls_d_res_low                             32.710 
_refine.ls_extinction_coef                       ? 
_refine.ls_extinction_coef_esd                   ? 
_refine.ls_extinction_expression                 ? 
_refine.ls_extinction_method                     ? 
_refine.ls_goodness_of_fit_all                   ? 
_refine.ls_goodness_of_fit_all_esd               ? 
_refine.ls_goodness_of_fit_obs                   ? 
_refine.ls_goodness_of_fit_obs_esd               ? 
_refine.ls_hydrogen_treatment                    ? 
_refine.ls_matrix_type                           ? 
_refine.ls_number_constraints                    ? 
_refine.ls_number_parameters                     ? 
_refine.ls_number_reflns_all                     ? 
_refine.ls_number_reflns_obs                     4680 
_refine.ls_number_reflns_R_free                  491 
_refine.ls_number_reflns_R_work                  ? 
_refine.ls_number_restraints                     ? 
_refine.ls_percent_reflns_obs                    97.4200 
_refine.ls_percent_reflns_R_free                 9.5000 
_refine.ls_R_factor_all                          ? 
_refine.ls_R_factor_obs                          0.2576 
_refine.ls_R_factor_R_free                       0.2968 
_refine.ls_R_factor_R_free_error                 ? 
_refine.ls_R_factor_R_free_error_details         ? 
_refine.ls_R_factor_R_work                       0.2531 
_refine.ls_R_Fsqd_factor_obs                     ? 
_refine.ls_R_I_factor_obs                        ? 
_refine.ls_redundancy_reflns_all                 ? 
_refine.ls_redundancy_reflns_obs                 ? 
_refine.ls_restrained_S_all                      ? 
_refine.ls_restrained_S_obs                      ? 
_refine.ls_shift_over_esd_max                    ? 
_refine.ls_shift_over_esd_mean                   ? 
_refine.ls_structure_factor_coef                 ? 
_refine.ls_weighting_details                     ? 
_refine.ls_weighting_scheme                      ? 
_refine.ls_wR_factor_all                         ? 
_refine.ls_wR_factor_obs                         ? 
_refine.ls_wR_factor_R_free                      ? 
_refine.ls_wR_factor_R_work                      ? 
_refine.occupancy_max                            ? 
_refine.occupancy_min                            ? 
_refine.solvent_model_details                    ? 
_refine.solvent_model_param_bsol                 ? 
_refine.solvent_model_param_ksol                 ? 
_refine.ls_R_factor_gt                           ? 
_refine.ls_goodness_of_fit_gt                    ? 
_refine.ls_goodness_of_fit_ref                   ? 
_refine.ls_shift_over_su_max                     ? 
_refine.ls_shift_over_su_max_lt                  ? 
_refine.ls_shift_over_su_mean                    ? 
_refine.ls_shift_over_su_mean_lt                 ? 
_refine.pdbx_ls_sigma_I                          ? 
_refine.pdbx_ls_sigma_F                          0.000 
_refine.pdbx_ls_sigma_Fsqd                       ? 
_refine.pdbx_data_cutoff_high_absF               ? 
_refine.pdbx_data_cutoff_high_rms_absF           ? 
_refine.pdbx_data_cutoff_low_absF                ? 
_refine.pdbx_isotropic_thermal_model             ? 
_refine.pdbx_ls_cross_valid_method               THROUGHOUT 
_refine.pdbx_method_to_determine_struct          'MOLECULAR REPLACEMENT' 
_refine.pdbx_starting_model                      1d27 
_refine.pdbx_stereochemistry_target_values       ? 
_refine.pdbx_R_Free_selection_details            RANDOM 
_refine.pdbx_stereochem_target_val_spec_case     ? 
_refine.pdbx_overall_ESU_R                       0.2260 
_refine.pdbx_overall_ESU_R_Free                  0.2000 
_refine.pdbx_solvent_vdw_probe_radii             1.2000 
_refine.pdbx_solvent_ion_probe_radii             0.8000 
_refine.pdbx_solvent_shrinkage_radii             0.8000 
_refine.pdbx_real_space_R                        ? 
_refine.pdbx_density_correlation                 ? 
_refine.pdbx_pd_number_of_powder_patterns        ? 
_refine.pdbx_pd_number_of_points                 ? 
_refine.pdbx_pd_meas_number_of_points            ? 
_refine.pdbx_pd_proc_ls_prof_R_factor            ? 
_refine.pdbx_pd_proc_ls_prof_wR_factor           ? 
_refine.pdbx_pd_Marquardt_correlation_coeff      ? 
_refine.pdbx_pd_Fsqrd_R_factor                   ? 
_refine.pdbx_pd_ls_matrix_band_width             ? 
_refine.pdbx_overall_phase_error                 ? 
_refine.pdbx_overall_SU_R_free_Cruickshank_DPI   ? 
_refine.pdbx_overall_SU_R_free_Blow_DPI          ? 
_refine.pdbx_overall_SU_R_Blow_DPI               ? 
_refine.pdbx_TLS_residual_ADP_flag               ? 
_refine.pdbx_diffrn_id                           1 
_refine.overall_SU_B                             15.8310 
_refine.overall_SU_ML                            0.2000 
_refine.overall_SU_R_Cruickshank_DPI             0.2261 
_refine.overall_SU_R_free                        ? 
_refine.overall_FOM_free_R_set                   ? 
_refine.overall_FOM_work_R_set                   ? 
_refine.pdbx_average_fsc_overall                 ? 
_refine.pdbx_average_fsc_work                    ? 
_refine.pdbx_average_fsc_free                    ? 
# 
_refine_hist.cycle_id                         final 
_refine_hist.pdbx_refine_id                   'X-RAY DIFFRACTION' 
_refine_hist.d_res_high                       1.9600 
_refine_hist.d_res_low                        32.710 
_refine_hist.pdbx_number_atoms_ligand         0 
_refine_hist.number_atoms_solvent             15 
_refine_hist.number_atoms_total               507 
_refine_hist.pdbx_number_residues_total       24 
_refine_hist.pdbx_B_iso_mean_solvent          50.82 
_refine_hist.pdbx_number_atoms_protein        0 
_refine_hist.pdbx_number_atoms_nucleic_acid   492 
# 
loop_
_refine_ls_restr.pdbx_refine_id 
_refine_ls_restr.criterion 
_refine_ls_restr.dev_ideal 
_refine_ls_restr.dev_ideal_target 
_refine_ls_restr.number 
_refine_ls_restr.rejects 
_refine_ls_restr.type 
_refine_ls_restr.weight 
_refine_ls_restr.pdbx_restraint_function 
'X-RAY DIFFRACTION' ? 0.010 0.012 552 ? r_bond_refined_d     ? ? 
'X-RAY DIFFRACTION' ? 0.003 0.020 272 ? r_bond_other_d       ? ? 
'X-RAY DIFFRACTION' ? 2.515 1.319 854 ? r_angle_refined_deg  ? ? 
'X-RAY DIFFRACTION' ? 1.911 3.000 644 ? r_angle_other_deg    ? ? 
'X-RAY DIFFRACTION' ? 0.137 0.200 74  ? r_chiral_restr       ? ? 
'X-RAY DIFFRACTION' ? 0.015 0.019 286 ? r_gen_planes_refined ? ? 
'X-RAY DIFFRACTION' ? 0.002 0.019 116 ? r_gen_planes_other   ? ? 
# 
loop_
_refine_ls_restr_ncs.pdbx_ordinal 
_refine_ls_restr_ncs.pdbx_refine_id 
_refine_ls_restr_ncs.pdbx_ens_id 
_refine_ls_restr_ncs.dom_id 
_refine_ls_restr_ncs.pdbx_type 
_refine_ls_restr_ncs.pdbx_auth_asym_id 
_refine_ls_restr_ncs.pdbx_number 
_refine_ls_restr_ncs.rms_dev_position 
_refine_ls_restr_ncs.weight_position 
_refine_ls_restr_ncs.ncs_model_details 
_refine_ls_restr_ncs.rms_dev_B_iso 
_refine_ls_restr_ncs.weight_B_iso 
_refine_ls_restr_ncs.pdbx_asym_id 
_refine_ls_restr_ncs.pdbx_rms 
_refine_ls_restr_ncs.pdbx_weight 
1 'X-RAY DIFFRACTION' 1 1 'MEDIUM POSITIONAL' A 382 0.800 0.500 ? ? ? ? ? ? 
2 'X-RAY DIFFRACTION' 1 1 'MEDIUM THERMAL'    A 382 4.260 2.000 ? ? ? ? ? ? 
# 
_refine_ls_shell.pdbx_refine_id                   'X-RAY DIFFRACTION' 
_refine_ls_shell.d_res_high                       1.9590 
_refine_ls_shell.d_res_low                        2.0100 
_refine_ls_shell.number_reflns_all                368 
_refine_ls_shell.number_reflns_obs                ? 
_refine_ls_shell.number_reflns_R_free             36 
_refine_ls_shell.number_reflns_R_work             332 
_refine_ls_shell.percent_reflns_obs               97.6100 
_refine_ls_shell.percent_reflns_R_free            ? 
_refine_ls_shell.R_factor_all                     ? 
_refine_ls_shell.R_factor_obs                     ? 
_refine_ls_shell.R_factor_R_free                  0.3640 
_refine_ls_shell.R_factor_R_free_error            0.0000 
_refine_ls_shell.R_factor_R_work                  0.3350 
_refine_ls_shell.redundancy_reflns_all            ? 
_refine_ls_shell.redundancy_reflns_obs            ? 
_refine_ls_shell.wR_factor_all                    ? 
_refine_ls_shell.wR_factor_obs                    ? 
_refine_ls_shell.wR_factor_R_free                 ? 
_refine_ls_shell.wR_factor_R_work                 ? 
_refine_ls_shell.pdbx_total_number_of_bins_used   20 
_refine_ls_shell.pdbx_phase_error                 ? 
_refine_ls_shell.pdbx_fsc_work                    ? 
_refine_ls_shell.pdbx_fsc_free                    ? 
# 
loop_
_struct_ncs_oper.code 
_struct_ncs_oper.id 
_struct_ncs_oper.matrix[1][1] 
_struct_ncs_oper.matrix[1][2] 
_struct_ncs_oper.matrix[1][3] 
_struct_ncs_oper.matrix[2][1] 
_struct_ncs_oper.matrix[2][2] 
_struct_ncs_oper.matrix[2][3] 
_struct_ncs_oper.matrix[3][1] 
_struct_ncs_oper.matrix[3][2] 
_struct_ncs_oper.matrix[3][3] 
_struct_ncs_oper.vector[1] 
_struct_ncs_oper.vector[2] 
_struct_ncs_oper.vector[3] 
_struct_ncs_oper.details 
given 1 1.000000   0.000000    0.000000   0.000000    1.000000    0.000000    0.000000   0.000000   1.000000    0.000000  0.000000 0.000000  ? 
given 2 0.36162365 -0.02312851 0.93203729 -0.00760071 -0.99973195 -0.02185956 0.93229296 0.00082132 -0.36170270 -0.127476 0.052394 -0.172628 ? 
# 
loop_
_struct_ncs_dom.pdbx_ens_id 
_struct_ncs_dom.id 
_struct_ncs_dom.details 
1 1 A 
1 2 B 
# 
loop_
_struct_ncs_dom_lim.pdbx_ens_id 
_struct_ncs_dom_lim.dom_id 
_struct_ncs_dom_lim.pdbx_component_id 
_struct_ncs_dom_lim.beg_label_asym_id 
_struct_ncs_dom_lim.beg_label_comp_id 
_struct_ncs_dom_lim.beg_label_seq_id 
_struct_ncs_dom_lim.beg_label_alt_id 
_struct_ncs_dom_lim.end_label_asym_id 
_struct_ncs_dom_lim.end_label_comp_id 
_struct_ncs_dom_lim.end_label_seq_id 
_struct_ncs_dom_lim.end_label_alt_id 
_struct_ncs_dom_lim.beg_auth_asym_id 
_struct_ncs_dom_lim.beg_auth_comp_id 
_struct_ncs_dom_lim.beg_auth_seq_id 
_struct_ncs_dom_lim.end_auth_asym_id 
_struct_ncs_dom_lim.end_auth_comp_id 
_struct_ncs_dom_lim.end_auth_seq_id 
_struct_ncs_dom_lim.pdbx_refine_code 
_struct_ncs_dom_lim.selection_details 
1 1 1 A DC 1 . A DG 12 . A DC 1 A DG 12 4 ? 
1 2 1 B DC 1 . B DG 12 . B DC 1 B DG 12 4 ? 
# 
_struct_ncs_ens.id        1 
_struct_ncs_ens.details   ? 
# 
_struct.entry_id                     6ADV 
_struct.title                        
;Crystal Structure Analysis of the duplex containing the S2T(2',4'-BNA/LNA)G mismatch pairs
;
_struct.pdbx_model_details           ? 
_struct.pdbx_formula_weight          ? 
_struct.pdbx_formula_weight_method   ? 
_struct.pdbx_model_type_details      ? 
_struct.pdbx_CASP_flag               N 
# 
_struct_keywords.entry_id        6ADV 
_struct_keywords.text            
;DNA, LNA, 2', 4'-BNA, mismatched base pairs
;
_struct_keywords.pdbx_keywords   DNA 
# 
loop_
_struct_asym.id 
_struct_asym.pdbx_blank_PDB_chainid_flag 
_struct_asym.pdbx_modified 
_struct_asym.entity_id 
_struct_asym.details 
A N N 1 ? 
B N N 1 ? 
C N N 2 ? 
D N N 2 ? 
# 
loop_
_struct_conn.id 
_struct_conn.conn_type_id 
_struct_conn.pdbx_leaving_atom_flag 
_struct_conn.pdbx_PDB_id 
_struct_conn.ptnr1_label_asym_id 
_struct_conn.ptnr1_label_comp_id 
_struct_conn.ptnr1_label_seq_id 
_struct_conn.ptnr1_label_atom_id 
_struct_conn.pdbx_ptnr1_label_alt_id 
_struct_conn.pdbx_ptnr1_PDB_ins_code 
_struct_conn.pdbx_ptnr1_standard_comp_id 
_struct_conn.ptnr1_symmetry 
_struct_conn.ptnr2_label_asym_id 
_struct_conn.ptnr2_label_comp_id 
_struct_conn.ptnr2_label_seq_id 
_struct_conn.ptnr2_label_atom_id 
_struct_conn.pdbx_ptnr2_label_alt_id 
_struct_conn.pdbx_ptnr2_PDB_ins_code 
_struct_conn.ptnr1_auth_asym_id 
_struct_conn.ptnr1_auth_comp_id 
_struct_conn.ptnr1_auth_seq_id 
_struct_conn.ptnr2_auth_asym_id 
_struct_conn.ptnr2_auth_comp_id 
_struct_conn.ptnr2_auth_seq_id 
_struct_conn.ptnr2_symmetry 
_struct_conn.pdbx_ptnr3_label_atom_id 
_struct_conn.pdbx_ptnr3_label_seq_id 
_struct_conn.pdbx_ptnr3_label_comp_id 
_struct_conn.pdbx_ptnr3_label_asym_id 
_struct_conn.pdbx_ptnr3_label_alt_id 
_struct_conn.pdbx_ptnr3_PDB_ins_code 
_struct_conn.details 
_struct_conn.pdbx_dist_value 
_struct_conn.pdbx_value_order 
_struct_conn.pdbx_role 
covale1  covale both ? A DT  8  "O3'" ? ? ? 1_555 A 9V9 9  P  ? ? A DT  8  A 9V9 9  1_555 ? ? ? ? ? ? ?            1.595 ? ? 
covale2  covale one  ? A 9V9 9  "O3'" ? ? ? 1_555 A DG  10 P  ? ? A 9V9 9  A DG  10 1_555 ? ? ? ? ? ? ?            1.587 ? ? 
covale3  covale both ? B DT  8  "O3'" ? ? ? 1_555 B 9V9 9  P  ? ? B DT  8  B 9V9 9  1_555 ? ? ? ? ? ? ?            1.570 ? ? 
covale4  covale one  ? B 9V9 9  "O3'" ? ? ? 1_555 B DG  10 P  ? ? B 9V9 9  B DG  10 1_555 ? ? ? ? ? ? ?            1.579 ? ? 
hydrog1  hydrog ?    ? A DC  1  N3    ? ? ? 1_555 B DG  12 N1 ? ? A DC  1  B DG  12 1_555 ? ? ? ? ? ? WATSON-CRICK ?     ? ? 
hydrog2  hydrog ?    ? A DC  1  N4    ? ? ? 1_555 B DG  12 O6 ? ? A DC  1  B DG  12 1_555 ? ? ? ? ? ? WATSON-CRICK ?     ? ? 
hydrog3  hydrog ?    ? A DC  1  O2    ? ? ? 1_555 B DG  12 N2 ? ? A DC  1  B DG  12 1_555 ? ? ? ? ? ? WATSON-CRICK ?     ? ? 
hydrog4  hydrog ?    ? A DG  2  N1    ? ? ? 1_555 B DC  11 N3 ? ? A DG  2  B DC  11 1_555 ? ? ? ? ? ? WATSON-CRICK ?     ? ? 
hydrog5  hydrog ?    ? A DG  2  N2    ? ? ? 1_555 B DC  11 O2 ? ? A DG  2  B DC  11 1_555 ? ? ? ? ? ? WATSON-CRICK ?     ? ? 
hydrog6  hydrog ?    ? A DG  2  O6    ? ? ? 1_555 B DC  11 N4 ? ? A DG  2  B DC  11 1_555 ? ? ? ? ? ? WATSON-CRICK ?     ? ? 
hydrog7  hydrog ?    ? A DC  3  N3    ? ? ? 1_555 B DG  10 N1 ? ? A DC  3  B DG  10 1_555 ? ? ? ? ? ? WATSON-CRICK ?     ? ? 
hydrog8  hydrog ?    ? A DC  3  N4    ? ? ? 1_555 B DG  10 O6 ? ? A DC  3  B DG  10 1_555 ? ? ? ? ? ? WATSON-CRICK ?     ? ? 
hydrog9  hydrog ?    ? A DC  3  O2    ? ? ? 1_555 B DG  10 N2 ? ? A DC  3  B DG  10 1_555 ? ? ? ? ? ? WATSON-CRICK ?     ? ? 
hydrog10 hydrog ?    ? A DA  5  N1    ? ? ? 1_555 B DT  8  N3 ? ? A DA  5  B DT  8  1_555 ? ? ? ? ? ? WATSON-CRICK ?     ? ? 
hydrog11 hydrog ?    ? A DA  5  N6    ? ? ? 1_555 B DT  8  O4 ? ? A DA  5  B DT  8  1_555 ? ? ? ? ? ? WATSON-CRICK ?     ? ? 
hydrog12 hydrog ?    ? A DA  6  N1    ? ? ? 1_555 B DT  7  N3 ? ? A DA  6  B DT  7  1_555 ? ? ? ? ? ? WATSON-CRICK ?     ? ? 
hydrog13 hydrog ?    ? A DA  6  N6    ? ? ? 1_555 B DT  7  O4 ? ? A DA  6  B DT  7  1_555 ? ? ? ? ? ? WATSON-CRICK ?     ? ? 
hydrog14 hydrog ?    ? A DT  7  N3    ? ? ? 1_555 B DA  6  N1 ? ? A DT  7  B DA  6  1_555 ? ? ? ? ? ? WATSON-CRICK ?     ? ? 
hydrog15 hydrog ?    ? A DT  7  O4    ? ? ? 1_555 B DA  6  N6 ? ? A DT  7  B DA  6  1_555 ? ? ? ? ? ? WATSON-CRICK ?     ? ? 
hydrog16 hydrog ?    ? A DT  8  N3    ? ? ? 1_555 B DA  5  N1 ? ? A DT  8  B DA  5  1_555 ? ? ? ? ? ? WATSON-CRICK ?     ? ? 
hydrog17 hydrog ?    ? A DT  8  O4    ? ? ? 1_555 B DA  5  N6 ? ? A DT  8  B DA  5  1_555 ? ? ? ? ? ? WATSON-CRICK ?     ? ? 
hydrog18 hydrog ?    ? A DG  10 N1    ? ? ? 1_555 B DC  3  N3 ? ? A DG  10 B DC  3  1_555 ? ? ? ? ? ? WATSON-CRICK ?     ? ? 
hydrog19 hydrog ?    ? A DG  10 N2    ? ? ? 1_555 B DC  3  O2 ? ? A DG  10 B DC  3  1_555 ? ? ? ? ? ? WATSON-CRICK ?     ? ? 
hydrog20 hydrog ?    ? A DG  10 O6    ? ? ? 1_555 B DC  3  N4 ? ? A DG  10 B DC  3  1_555 ? ? ? ? ? ? WATSON-CRICK ?     ? ? 
hydrog21 hydrog ?    ? A DC  11 N3    ? ? ? 1_555 B DG  2  N1 ? ? A DC  11 B DG  2  1_555 ? ? ? ? ? ? WATSON-CRICK ?     ? ? 
hydrog22 hydrog ?    ? A DC  11 N4    ? ? ? 1_555 B DG  2  O6 ? ? A DC  11 B DG  2  1_555 ? ? ? ? ? ? WATSON-CRICK ?     ? ? 
hydrog23 hydrog ?    ? A DC  11 O2    ? ? ? 1_555 B DG  2  N2 ? ? A DC  11 B DG  2  1_555 ? ? ? ? ? ? WATSON-CRICK ?     ? ? 
hydrog24 hydrog ?    ? A DG  12 N1    ? ? ? 1_555 B DC  1  N3 ? ? A DG  12 B DC  1  1_555 ? ? ? ? ? ? WATSON-CRICK ?     ? ? 
hydrog25 hydrog ?    ? A DG  12 N2    ? ? ? 1_555 B DC  1  O2 ? ? A DG  12 B DC  1  1_555 ? ? ? ? ? ? WATSON-CRICK ?     ? ? 
hydrog26 hydrog ?    ? A DG  12 O6    ? ? ? 1_555 B DC  1  N4 ? ? A DG  12 B DC  1  1_555 ? ? ? ? ? ? WATSON-CRICK ?     ? ? 
# 
loop_
_struct_conn_type.id 
_struct_conn_type.criteria 
_struct_conn_type.reference 
covale ? ? 
hydrog ? ? 
# 
_atom_sites.entry_id                    6ADV 
_atom_sites.fract_transf_matrix[1][1]   0.02530907 
_atom_sites.fract_transf_matrix[1][2]   0.00851687 
_atom_sites.fract_transf_matrix[1][3]   0.02873996 
_atom_sites.fract_transf_matrix[2][1]   0.01685375 
_atom_sites.fract_transf_matrix[2][2]   -0.01384801 
_atom_sites.fract_transf_matrix[2][3]   -0.01073804 
_atom_sites.fract_transf_matrix[3][1]   0.00491257 
_atom_sites.fract_transf_matrix[3][2]   0.01211802 
_atom_sites.fract_transf_matrix[3][3]   -0.00791720 
_atom_sites.fract_transf_vector[1]      -0.089491 
_atom_sites.fract_transf_vector[2]      0.016660 
_atom_sites.fract_transf_vector[3]      -0.137437 
# 
loop_
_atom_type.symbol 
C 
N 
O 
P 
S 
# 
loop_
_atom_site.group_PDB 
_atom_site.id 
_atom_site.type_symbol 
_atom_site.label_atom_id 
_atom_site.label_alt_id 
_atom_site.label_comp_id 
_atom_site.label_asym_id 
_atom_site.label_entity_id 
_atom_site.label_seq_id 
_atom_site.pdbx_PDB_ins_code 
_atom_site.Cartn_x 
_atom_site.Cartn_y 
_atom_site.Cartn_z 
_atom_site.occupancy 
_atom_site.B_iso_or_equiv 
_atom_site.pdbx_formal_charge 
_atom_site.auth_seq_id 
_atom_site.auth_comp_id 
_atom_site.auth_asym_id 
_atom_site.auth_atom_id 
_atom_site.pdbx_PDB_model_num 
ATOM   1   O "O5'" . DC  A 1 1  ? 1.611   -19.600 -1.613  1.00 73.03 ? 1   DC  A "O5'" 1 
ATOM   2   C "C5'" . DC  A 1 1  ? 0.488   -20.145 -0.907  1.00 64.14 ? 1   DC  A "C5'" 1 
ATOM   3   C "C4'" . DC  A 1 1  ? -0.580  -19.092 -0.731  1.00 58.35 ? 1   DC  A "C4'" 1 
ATOM   4   O "O4'" . DC  A 1 1  ? -0.817  -18.964 0.681   1.00 55.04 ? 1   DC  A "O4'" 1 
ATOM   5   C "C3'" . DC  A 1 1  ? -0.242  -17.678 -1.217  1.00 58.78 ? 1   DC  A "C3'" 1 
ATOM   6   O "O3'" . DC  A 1 1  ? -1.392  -16.973 -1.691  1.00 66.88 ? 1   DC  A "O3'" 1 
ATOM   7   C "C2'" . DC  A 1 1  ? 0.089   -16.948 0.066   1.00 57.96 ? 1   DC  A "C2'" 1 
ATOM   8   C "C1'" . DC  A 1 1  ? -0.935  -17.587 0.956   1.00 54.23 ? 1   DC  A "C1'" 1 
ATOM   9   N N1    . DC  A 1 1  ? -0.751  -17.397 2.383   1.00 51.54 ? 1   DC  A N1    1 
ATOM   10  C C2    . DC  A 1 1  ? -1.865  -17.112 3.162   1.00 47.08 ? 1   DC  A C2    1 
ATOM   11  O O2    . DC  A 1 1  ? -2.967  -17.014 2.613   1.00 46.04 ? 1   DC  A O2    1 
ATOM   12  N N3    . DC  A 1 1  ? -1.718  -16.942 4.490   1.00 47.67 ? 1   DC  A N3    1 
ATOM   13  C C4    . DC  A 1 1  ? -0.514  -17.067 5.045   1.00 51.50 ? 1   DC  A C4    1 
ATOM   14  N N4    . DC  A 1 1  ? -0.418  -16.910 6.362   1.00 54.65 ? 1   DC  A N4    1 
ATOM   15  C C5    . DC  A 1 1  ? 0.640   -17.375 4.277   1.00 57.69 ? 1   DC  A C5    1 
ATOM   16  C C6    . DC  A 1 1  ? 0.477   -17.543 2.962   1.00 56.77 ? 1   DC  A C6    1 
ATOM   17  P P     . DG  A 1 2  ? -1.726  -16.935 -3.249  1.00 73.28 ? 2   DG  A P     1 
ATOM   18  O OP1   . DG  A 1 2  ? -1.829  -18.344 -3.724  1.00 69.65 ? 2   DG  A OP1   1 
ATOM   19  O OP2   . DG  A 1 2  ? -0.842  -15.933 -3.886  1.00 72.14 ? 2   DG  A OP2   1 
ATOM   20  O "O5'" . DG  A 1 2  ? -3.194  -16.335 -3.287  1.00 64.19 ? 2   DG  A "O5'" 1 
ATOM   21  C "C5'" . DG  A 1 2  ? -4.273  -17.202 -2.974  1.00 57.64 ? 2   DG  A "C5'" 1 
ATOM   22  C "C4'" . DG  A 1 2  ? -5.413  -16.358 -2.474  1.00 54.76 ? 2   DG  A "C4'" 1 
ATOM   23  O "O4'" . DG  A 1 2  ? -5.204  -16.095 -1.069  1.00 49.57 ? 2   DG  A "O4'" 1 
ATOM   24  C "C3'" . DG  A 1 2  ? -5.474  -15.000 -3.175  1.00 53.25 ? 2   DG  A "C3'" 1 
ATOM   25  O "O3'" . DG  A 1 2  ? -6.812  -14.666 -3.508  1.00 58.30 ? 2   DG  A "O3'" 1 
ATOM   26  C "C2'" . DG  A 1 2  ? -4.910  -14.035 -2.158  1.00 50.13 ? 2   DG  A "C2'" 1 
ATOM   27  C "C1'" . DG  A 1 2  ? -5.221  -14.704 -0.843  1.00 45.46 ? 2   DG  A "C1'" 1 
ATOM   28  N N9    . DG  A 1 2  ? -4.223  -14.410 0.165   1.00 44.46 ? 2   DG  A N9    1 
ATOM   29  C C8    . DG  A 1 2  ? -2.858  -14.443 0.025   1.00 40.19 ? 2   DG  A C8    1 
ATOM   30  N N7    . DG  A 1 2  ? -2.225  -14.119 1.116   1.00 39.83 ? 2   DG  A N7    1 
ATOM   31  C C5    . DG  A 1 2  ? -3.235  -13.856 2.033   1.00 39.93 ? 2   DG  A C5    1 
ATOM   32  C C6    . DG  A 1 2  ? -3.161  -13.442 3.381   1.00 36.01 ? 2   DG  A C6    1 
ATOM   33  O O6    . DG  A 1 2  ? -2.159  -13.179 4.046   1.00 38.25 ? 2   DG  A O6    1 
ATOM   34  N N1    . DG  A 1 2  ? -4.427  -13.281 3.940   1.00 38.80 ? 2   DG  A N1    1 
ATOM   35  C C2    . DG  A 1 2  ? -5.613  -13.491 3.279   1.00 35.82 ? 2   DG  A C2    1 
ATOM   36  N N2    . DG  A 1 2  ? -6.731  -13.284 3.984   1.00 42.02 ? 2   DG  A N2    1 
ATOM   37  N N3    . DG  A 1 2  ? -5.693  -13.867 2.014   1.00 42.51 ? 2   DG  A N3    1 
ATOM   38  C C4    . DG  A 1 2  ? -4.473  -14.010 1.452   1.00 38.19 ? 2   DG  A C4    1 
ATOM   39  P P     . DC  A 1 3  ? -7.116  -13.343 -4.318  1.00 62.28 ? 3   DC  A P     1 
ATOM   40  O OP1   . DC  A 1 3  ? -8.371  -13.557 -5.087  1.00 68.69 ? 3   DC  A OP1   1 
ATOM   41  O OP2   . DC  A 1 3  ? -5.856  -12.891 -4.957  1.00 62.39 ? 3   DC  A OP2   1 
ATOM   42  O "O5'" . DC  A 1 3  ? -7.503  -12.315 -3.171  1.00 54.39 ? 3   DC  A "O5'" 1 
ATOM   43  C "C5'" . DC  A 1 3  ? -8.678  -12.580 -2.396  1.00 48.10 ? 3   DC  A "C5'" 1 
ATOM   44  C "C4'" . DC  A 1 3  ? -8.729  -11.564 -1.291  1.00 44.25 ? 3   DC  A "C4'" 1 
ATOM   45  O "O4'" . DC  A 1 3  ? -7.624  -11.830 -0.423  1.00 37.43 ? 3   DC  A "O4'" 1 
ATOM   46  C "C3'" . DC  A 1 3  ? -8.529  -10.131 -1.756  1.00 41.66 ? 3   DC  A "C3'" 1 
ATOM   47  O "O3'" . DC  A 1 3  ? -9.807  -9.550  -1.847  1.00 47.58 ? 3   DC  A "O3'" 1 
ATOM   48  C "C2'" . DC  A 1 3  ? -7.760  -9.492  -0.621  1.00 40.66 ? 3   DC  A "C2'" 1 
ATOM   49  C "C1'" . DC  A 1 3  ? -7.264  -10.656 0.243   1.00 38.01 ? 3   DC  A "C1'" 1 
ATOM   50  N N1    . DC  A 1 3  ? -5.798  -10.678 0.411   1.00 35.41 ? 3   DC  A N1    1 
ATOM   51  C C2    . DC  A 1 3  ? -5.253  -10.412 1.670   1.00 34.36 ? 3   DC  A C2    1 
ATOM   52  O O2    . DC  A 1 3  ? -6.026  -10.148 2.613   1.00 33.79 ? 3   DC  A O2    1 
ATOM   53  N N3    . DC  A 1 3  ? -3.904  -10.400 1.817   1.00 32.25 ? 3   DC  A N3    1 
ATOM   54  C C4    . DC  A 1 3  ? -3.118  -10.630 0.759   1.00 37.63 ? 3   DC  A C4    1 
ATOM   55  N N4    . DC  A 1 3  ? -1.793  -10.645 0.946   1.00 37.99 ? 3   DC  A N4    1 
ATOM   56  C C5    . DC  A 1 3  ? -3.654  -10.961 -0.519  1.00 38.22 ? 3   DC  A C5    1 
ATOM   57  C C6    . DC  A 1 3  ? -4.983  -10.925 -0.660  1.00 37.82 ? 3   DC  A C6    1 
ATOM   58  P P     . DG  A 1 4  ? -9.977  -8.166  -2.559  1.00 51.85 ? 4   DG  A P     1 
ATOM   59  O OP1   . DG  A 1 4  ? -11.317 -8.212  -3.174  1.00 61.96 ? 4   DG  A OP1   1 
ATOM   60  O OP2   . DG  A 1 4  ? -8.747  -7.906  -3.370  1.00 56.16 ? 4   DG  A OP2   1 
ATOM   61  O "O5'" . DG  A 1 4  ? -9.971  -7.118  -1.366  1.00 48.03 ? 4   DG  A "O5'" 1 
ATOM   62  C "C5'" . DG  A 1 4  ? -10.800 -7.339  -0.227  1.00 46.46 ? 4   DG  A "C5'" 1 
ATOM   63  C "C4'" . DG  A 1 4  ? -10.327 -6.412  0.860   1.00 46.82 ? 4   DG  A "C4'" 1 
ATOM   64  O "O4'" . DG  A 1 4  ? -9.041  -6.880  1.322   1.00 45.63 ? 4   DG  A "O4'" 1 
ATOM   65  C "C3'" . DG  A 1 4  ? -10.099 -4.971  0.402   1.00 49.71 ? 4   DG  A "C3'" 1 
ATOM   66  O "O3'" . DG  A 1 4  ? -10.518 -4.211  1.507   1.00 56.80 ? 4   DG  A "O3'" 1 
ATOM   67  C "C2'" . DG  A 1 4  ? -8.596  -4.859  0.281   1.00 46.09 ? 4   DG  A "C2'" 1 
ATOM   68  C "C1'" . DG  A 1 4  ? -8.182  -5.779  1.409   1.00 43.94 ? 4   DG  A "C1'" 1 
ATOM   69  N N9    . DG  A 1 4  ? -6.815  -6.271  1.364   1.00 37.63 ? 4   DG  A N9    1 
ATOM   70  C C8    . DG  A 1 4  ? -6.091  -6.671  0.270   1.00 35.22 ? 4   DG  A C8    1 
ATOM   71  N N7    . DG  A 1 4  ? -4.873  -7.027  0.568   1.00 36.63 ? 4   DG  A N7    1 
ATOM   72  C C5    . DG  A 1 4  ? -4.786  -6.837  1.936   1.00 34.59 ? 4   DG  A C5    1 
ATOM   73  C C6    . DG  A 1 4  ? -3.685  -6.986  2.816   1.00 36.10 ? 4   DG  A C6    1 
ATOM   74  O O6    . DG  A 1 4  ? -2.537  -7.367  2.567   1.00 38.69 ? 4   DG  A O6    1 
ATOM   75  N N1    . DG  A 1 4  ? -4.028  -6.650  4.112   1.00 37.20 ? 4   DG  A N1    1 
ATOM   76  C C2    . DG  A 1 4  ? -5.257  -6.175  4.511   1.00 41.63 ? 4   DG  A C2    1 
ATOM   77  N N2    . DG  A 1 4  ? -5.390  -5.890  5.814   1.00 40.97 ? 4   DG  A N2    1 
ATOM   78  N N3    . DG  A 1 4  ? -6.279  -6.008  3.699   1.00 38.25 ? 4   DG  A N3    1 
ATOM   79  C C4    . DG  A 1 4  ? -5.976  -6.356  2.437   1.00 35.21 ? 4   DG  A C4    1 
ATOM   80  P P     . DA  A 1 5  ? -10.500 -2.653  1.456   1.00 59.33 ? 5   DA  A P     1 
ATOM   81  O OP1   . DA  A 1 5  ? -11.853 -2.224  1.858   1.00 68.34 ? 5   DA  A OP1   1 
ATOM   82  O OP2   . DA  A 1 5  ? -9.892  -2.189  0.168   1.00 51.66 ? 5   DA  A OP2   1 
ATOM   83  O "O5'" . DA  A 1 5  ? -9.571  -2.336  2.696   1.00 55.27 ? 5   DA  A "O5'" 1 
ATOM   84  C "C5'" . DA  A 1 5  ? -9.914  -2.953  3.938   1.00 54.98 ? 5   DA  A "C5'" 1 
ATOM   85  C "C4'" . DA  A 1 5  ? -9.004  -2.448  5.027   1.00 53.19 ? 5   DA  A "C4'" 1 
ATOM   86  O "O4'" . DA  A 1 5  ? -7.676  -2.972  4.807   1.00 52.24 ? 5   DA  A "O4'" 1 
ATOM   87  C "C3'" . DA  A 1 5  ? -8.833  -0.934  5.049   1.00 56.39 ? 5   DA  A "C3'" 1 
ATOM   88  O "O3'" . DA  A 1 5  ? -8.398  -0.637  6.369   1.00 58.78 ? 5   DA  A "O3'" 1 
ATOM   89  C "C2'" . DA  A 1 5  ? -7.711  -0.720  4.057   1.00 53.33 ? 5   DA  A "C2'" 1 
ATOM   90  C "C1'" . DA  A 1 5  ? -6.824  -1.921  4.369   1.00 48.75 ? 5   DA  A "C1'" 1 
ATOM   91  N N9    . DA  A 1 5  ? -6.011  -2.433  3.270   1.00 42.83 ? 5   DA  A N9    1 
ATOM   92  C C8    . DA  A 1 5  ? -6.302  -2.629  1.941   1.00 41.22 ? 5   DA  A C8    1 
ATOM   93  N N7    . DA  A 1 5  ? -5.292  -3.094  1.243   1.00 37.04 ? 5   DA  A N7    1 
ATOM   94  C C5    . DA  A 1 5  ? -4.274  -3.227  2.180   1.00 34.88 ? 5   DA  A C5    1 
ATOM   95  C C6    . DA  A 1 5  ? -2.951  -3.705  2.086   1.00 35.14 ? 5   DA  A C6    1 
ATOM   96  N N6    . DA  A 1 5  ? -2.392  -4.136  0.948   1.00 31.48 ? 5   DA  A N6    1 
ATOM   97  N N1    . DA  A 1 5  ? -2.201  -3.695  3.208   1.00 34.36 ? 5   DA  A N1    1 
ATOM   98  C C2    . DA  A 1 5  ? -2.757  -3.269  4.349   1.00 41.11 ? 5   DA  A C2    1 
ATOM   99  N N3    . DA  A 1 5  ? -3.990  -2.810  4.565   1.00 35.61 ? 5   DA  A N3    1 
ATOM   100 C C4    . DA  A 1 5  ? -4.712  -2.846  3.434   1.00 37.00 ? 5   DA  A C4    1 
ATOM   101 P P     . DA  A 1 6  ? -8.293  0.863   6.870   1.00 67.22 ? 6   DA  A P     1 
ATOM   102 O OP1   . DA  A 1 6  ? -8.852  0.878   8.251   1.00 68.54 ? 6   DA  A OP1   1 
ATOM   103 O OP2   . DA  A 1 6  ? -8.842  1.747   5.807   1.00 62.20 ? 6   DA  A OP2   1 
ATOM   104 O "O5'" . DA  A 1 6  ? -6.721  1.079   7.002   1.00 53.47 ? 6   DA  A "O5'" 1 
ATOM   105 C "C5'" . DA  A 1 6  ? -6.010  0.257   7.930   1.00 53.88 ? 6   DA  A "C5'" 1 
ATOM   106 C "C4'" . DA  A 1 6  ? -4.534  0.521   7.820   1.00 55.14 ? 6   DA  A "C4'" 1 
ATOM   107 O "O4'" . DA  A 1 6  ? -4.037  -0.029  6.577   1.00 48.17 ? 6   DA  A "O4'" 1 
ATOM   108 C "C3'" . DA  A 1 6  ? -4.179  2.007   7.810   1.00 59.05 ? 6   DA  A "C3'" 1 
ATOM   109 O "O3'" . DA  A 1 6  ? -3.060  2.152   8.678   1.00 67.96 ? 6   DA  A "O3'" 1 
ATOM   110 C "C2'" . DA  A 1 6  ? -3.894  2.305   6.350   1.00 52.50 ? 6   DA  A "C2'" 1 
ATOM   111 C "C1'" . DA  A 1 6  ? -3.320  0.974   5.877   1.00 49.97 ? 6   DA  A "C1'" 1 
ATOM   112 N N9    . DA  A 1 6  ? -3.432  0.682   4.451   1.00 43.32 ? 6   DA  A N9    1 
ATOM   113 C C8    . DA  A 1 6  ? -4.499  0.823   3.597   1.00 45.54 ? 6   DA  A C8    1 
ATOM   114 N N7    . DA  A 1 6  ? -4.253  0.413   2.372   1.00 41.62 ? 6   DA  A N7    1 
ATOM   115 C C5    . DA  A 1 6  ? -2.938  -0.030  2.429   1.00 37.69 ? 6   DA  A C5    1 
ATOM   116 C C6    . DA  A 1 6  ? -2.095  -0.605  1.472   1.00 34.16 ? 6   DA  A C6    1 
ATOM   117 N N6    . DA  A 1 6  ? -2.444  -0.803  0.204   1.00 36.01 ? 6   DA  A N6    1 
ATOM   118 N N1    . DA  A 1 6  ? -0.823  -0.865  1.834   1.00 37.67 ? 6   DA  A N1    1 
ATOM   119 C C2    . DA  A 1 6  ? -0.476  -0.698  3.111   1.00 38.78 ? 6   DA  A C2    1 
ATOM   120 N N3    . DA  A 1 6  ? -1.187  -0.191  4.113   1.00 41.98 ? 6   DA  A N3    1 
ATOM   121 C C4    . DA  A 1 6  ? -2.422  0.130   3.700   1.00 40.63 ? 6   DA  A C4    1 
ATOM   122 P P     . DT  A 1 7  ? -2.485  3.593   9.035   1.00 70.55 ? 7   DT  A P     1 
ATOM   123 O OP1   . DT  A 1 7  ? -2.363  3.650   10.502  1.00 62.03 ? 7   DT  A OP1   1 
ATOM   124 O OP2   . DT  A 1 7  ? -3.235  4.649   8.261   1.00 62.48 ? 7   DT  A OP2   1 
ATOM   125 O "O5'" . DT  A 1 7  ? -1.003  3.520   8.475   1.00 54.93 ? 7   DT  A "O5'" 1 
ATOM   126 C "C5'" . DT  A 1 7  ? -0.287  2.286   8.464   1.00 54.31 ? 7   DT  A "C5'" 1 
ATOM   127 C "C4'" . DT  A 1 7  ? 0.727   2.369   7.353   1.00 49.76 ? 7   DT  A "C4'" 1 
ATOM   128 O "O4'" . DT  A 1 7  ? 0.059   2.249   6.085   1.00 48.76 ? 7   DT  A "O4'" 1 
ATOM   129 C "C3'" . DT  A 1 7  ? 1.471   3.706   7.301   1.00 54.17 ? 7   DT  A "C3'" 1 
ATOM   130 O "O3'" . DT  A 1 7  ? 2.844   3.419   7.622   1.00 57.25 ? 7   DT  A "O3'" 1 
ATOM   131 C "C2'" . DT  A 1 7  ? 1.159   4.258   5.906   1.00 52.02 ? 7   DT  A "C2'" 1 
ATOM   132 C "C1'" . DT  A 1 7  ? 0.789   3.000   5.136   1.00 49.67 ? 7   DT  A "C1'" 1 
ATOM   133 N N1    . DT  A 1 7  ? -0.041  3.107   3.896   1.00 46.38 ? 7   DT  A N1    1 
ATOM   134 C C2    . DT  A 1 7  ? 0.436   2.597   2.703   1.00 42.25 ? 7   DT  A C2    1 
ATOM   135 O O2    . DT  A 1 7  ? 1.548   2.130   2.576   1.00 40.10 ? 7   DT  A O2    1 
ATOM   136 N N3    . DT  A 1 7  ? -0.436  2.693   1.650   1.00 40.17 ? 7   DT  A N3    1 
ATOM   137 C C4    . DT  A 1 7  ? -1.716  3.213   1.675   1.00 45.66 ? 7   DT  A C4    1 
ATOM   138 O O4    . DT  A 1 7  ? -2.396  3.221   0.655   1.00 46.69 ? 7   DT  A O4    1 
ATOM   139 C C5    . DT  A 1 7  ? -2.139  3.745   2.946   1.00 45.86 ? 7   DT  A C5    1 
ATOM   140 C C7    . DT  A 1 7  ? -3.504  4.346   3.058   1.00 46.33 ? 7   DT  A C7    1 
ATOM   141 C C6    . DT  A 1 7  ? -1.307  3.633   3.987   1.00 47.45 ? 7   DT  A C6    1 
ATOM   142 P P     . DT  A 1 8  ? 3.903   4.608   7.783   1.00 63.18 ? 8   DT  A P     1 
ATOM   143 O OP1   . DT  A 1 8  ? 4.759   4.269   8.946   1.00 64.85 ? 8   DT  A OP1   1 
ATOM   144 O OP2   . DT  A 1 8  ? 3.170   5.883   7.787   1.00 55.90 ? 8   DT  A OP2   1 
ATOM   145 O "O5'" . DT  A 1 8  ? 4.691   4.517   6.397   1.00 55.84 ? 8   DT  A "O5'" 1 
ATOM   146 C "C5'" . DT  A 1 8  ? 5.348   3.286   6.061   1.00 54.90 ? 8   DT  A "C5'" 1 
ATOM   147 C "C4'" . DT  A 1 8  ? 5.843   3.369   4.643   1.00 55.07 ? 8   DT  A "C4'" 1 
ATOM   148 O "O4'" . DT  A 1 8  ? 4.719   3.496   3.747   1.00 49.38 ? 8   DT  A "O4'" 1 
ATOM   149 C "C3'" . DT  A 1 8  ? 6.734   4.582   4.373   1.00 56.93 ? 8   DT  A "C3'" 1 
ATOM   150 O "O3'" . DT  A 1 8  ? 8.012   4.120   3.909   1.00 59.63 ? 8   DT  A "O3'" 1 
ATOM   151 C "C2'" . DT  A 1 8  ? 5.968   5.398   3.337   1.00 51.68 ? 8   DT  A "C2'" 1 
ATOM   152 C "C1'" . DT  A 1 8  ? 5.079   4.353   2.693   1.00 50.66 ? 8   DT  A "C1'" 1 
ATOM   153 N N1    . DT  A 1 8  ? 3.826   4.819   2.073   1.00 46.94 ? 8   DT  A N1    1 
ATOM   154 C C2    . DT  A 1 8  ? 3.544   4.454   0.772   1.00 46.40 ? 8   DT  A C2    1 
ATOM   155 O O2    . DT  A 1 8  ? 4.321   3.818   0.065   1.00 48.47 ? 8   DT  A O2    1 
ATOM   156 N N3    . DT  A 1 8  ? 2.321   4.877   0.315   1.00 41.00 ? 8   DT  A N3    1 
ATOM   157 C C4    . DT  A 1 8  ? 1.354   5.555   1.034   1.00 38.05 ? 8   DT  A C4    1 
ATOM   158 O O4    . DT  A 1 8  ? 0.302   5.851   0.498   1.00 35.60 ? 8   DT  A O4    1 
ATOM   159 C C5    . DT  A 1 8  ? 1.715   5.897   2.391   1.00 45.39 ? 8   DT  A C5    1 
ATOM   160 C C7    . DT  A 1 8  ? 0.747   6.674   3.230   1.00 49.36 ? 8   DT  A C7    1 
ATOM   161 C C6    . DT  A 1 8  ? 2.909   5.499   2.841   1.00 47.00 ? 8   DT  A C6    1 
HETATM 162 C C4    . 9V9 A 1 9  ? 3.560   8.138   -0.259  1.00 44.37 ? 9   9V9 A C4    1 
HETATM 163 C C5    . 9V9 A 1 9  ? 4.593   7.849   0.759   1.00 48.25 ? 9   9V9 A C5    1 
HETATM 164 C C6    . 9V9 A 1 9  ? 5.638   7.026   0.376   1.00 47.32 ? 9   9V9 A C6    1 
HETATM 165 P P     . 9V9 A 1 9  ? 9.174   5.178   3.636   1.00 61.28 ? 9   9V9 A P     1 
HETATM 166 O OP1   . 9V9 A 1 9  ? 10.499  4.451   3.807   1.00 58.69 ? 9   9V9 A OP1   1 
HETATM 167 O OP2   . 9V9 A 1 9  ? 8.826   6.425   4.373   1.00 57.85 ? 9   9V9 A OP2   1 
HETATM 168 O "O5'" . 9V9 A 1 9  ? 8.970   5.544   2.084   1.00 51.70 ? 9   9V9 A "O5'" 1 
HETATM 169 C "C5'" . 9V9 A 1 9  ? 9.276   4.461   1.208   1.00 51.62 ? 9   9V9 A "C5'" 1 
HETATM 170 C "C4'" . 9V9 A 1 9  ? 8.713   4.764   -0.155  1.00 50.85 ? 9   9V9 A "C4'" 1 
HETATM 171 O "O4'" . 9V9 A 1 9  ? 7.295   4.852   -0.099  1.00 49.46 ? 9   9V9 A "O4'" 1 
HETATM 172 C "C1'" . 9V9 A 1 9  ? 6.863   5.613   -1.269  1.00 49.58 ? 9   9V9 A "C1'" 1 
HETATM 173 N N1    . 9V9 A 1 9  ? 5.726   6.502   -0.870  1.00 45.73 ? 9   9V9 A N1    1 
HETATM 174 C C2    . 9V9 A 1 9  ? 4.716   6.800   -1.827  1.00 47.05 ? 9   9V9 A C2    1 
HETATM 175 N N3    . 9V9 A 1 9  ? 3.684   7.596   -1.491  1.00 42.64 ? 9   9V9 A N3    1 
HETATM 176 O O4    . 9V9 A 1 9  ? 2.590   8.875   0.021   1.00 44.88 ? 9   9V9 A O4    1 
HETATM 177 C C5M   . 9V9 A 1 9  ? 4.476   8.446   2.149   1.00 54.29 ? 9   9V9 A C5M   1 
HETATM 178 S S1    . 9V9 A 1 9  ? 4.810   6.184   -3.308  1.00 47.59 ? 9   9V9 A S1    1 
HETATM 179 C "C2'" . 9V9 A 1 9  ? 8.193   5.987   -1.866  1.00 51.95 ? 9   9V9 A "C2'" 1 
HETATM 180 O "O2'" . 9V9 A 1 9  ? 8.718   4.735   -2.409  1.00 49.02 ? 9   9V9 A "O2'" 1 
HETATM 181 C "C6'" . 9V9 A 1 9  ? 9.049   3.863   -1.325  1.00 46.63 ? 9   9V9 A "C6'" 1 
HETATM 182 C "C3'" . 9V9 A 1 9  ? 9.122   6.103   -0.723  1.00 51.83 ? 9   9V9 A "C3'" 1 
HETATM 183 O "O3'" . 9V9 A 1 9  ? 10.411  6.108   -1.308  1.00 57.41 ? 9   9V9 A "O3'" 1 
ATOM   184 P P     . DG  A 1 10 ? 11.076  7.492   -1.709  1.00 56.88 ? 10  DG  A P     1 
ATOM   185 O OP1   . DG  A 1 10 ? 12.520  7.270   -1.876  1.00 64.63 ? 10  DG  A OP1   1 
ATOM   186 O OP2   . DG  A 1 10 ? 10.538  8.537   -0.786  1.00 55.15 ? 10  DG  A OP2   1 
ATOM   187 O "O5'" . DG  A 1 10 ? 10.548  7.726   -3.183  1.00 64.92 ? 10  DG  A "O5'" 1 
ATOM   188 C "C5'" . DG  A 1 10 ? 10.696  6.706   -4.184  1.00 65.74 ? 10  DG  A "C5'" 1 
ATOM   189 C "C4'" . DG  A 1 10 ? 9.916   7.129   -5.405  1.00 66.26 ? 10  DG  A "C4'" 1 
ATOM   190 O "O4'" . DG  A 1 10 ? 8.537   7.402   -5.042  1.00 59.33 ? 10  DG  A "O4'" 1 
ATOM   191 C "C3'" . DG  A 1 10 ? 10.421  8.426   -6.030  1.00 66.70 ? 10  DG  A "C3'" 1 
ATOM   192 O "O3'" . DG  A 1 10 ? 9.975   8.460   -7.379  1.00 72.04 ? 10  DG  A "O3'" 1 
ATOM   193 C "C2'" . DG  A 1 10 ? 9.607   9.476   -5.311  1.00 63.83 ? 10  DG  A "C2'" 1 
ATOM   194 C "C1'" . DG  A 1 10 ? 8.265   8.767   -5.290  1.00 59.02 ? 10  DG  A "C1'" 1 
ATOM   195 N N9    . DG  A 1 10 ? 7.333   9.236   -4.278  1.00 50.45 ? 10  DG  A N9    1 
ATOM   196 C C8    . DG  A 1 10 ? 7.589   9.582   -2.973  1.00 48.75 ? 10  DG  A C8    1 
ATOM   197 N N7    . DG  A 1 10 ? 6.518   9.945   -2.322  1.00 48.06 ? 10  DG  A N7    1 
ATOM   198 C C5    . DG  A 1 10 ? 5.509   9.906   -3.277  1.00 46.85 ? 10  DG  A C5    1 
ATOM   199 C C6    . DG  A 1 10 ? 4.131   10.220  -3.172  1.00 42.52 ? 10  DG  A C6    1 
ATOM   200 O O6    . DG  A 1 10 ? 3.505   10.617  -2.184  1.00 43.24 ? 10  DG  A O6    1 
ATOM   201 N N1    . DG  A 1 10 ? 3.459   9.982   -4.369  1.00 41.80 ? 10  DG  A N1    1 
ATOM   202 C C2    . DG  A 1 10 ? 4.040   9.496   -5.518  1.00 42.11 ? 10  DG  A C2    1 
ATOM   203 N N2    . DG  A 1 10 ? 3.228   9.326   -6.572  1.00 41.61 ? 10  DG  A N2    1 
ATOM   204 N N3    . DG  A 1 10 ? 5.322   9.207   -5.628  1.00 43.34 ? 10  DG  A N3    1 
ATOM   205 C C4    . DG  A 1 10 ? 5.991   9.432   -4.476  1.00 49.13 ? 10  DG  A C4    1 
ATOM   206 P P     . DC  A 1 11 ? 10.992  8.768   -8.525  1.00 67.11 ? 11  DC  A P     1 
ATOM   207 O OP1   . DC  A 1 11 ? 11.906  7.602   -8.631  1.00 70.22 ? 11  DC  A OP1   1 
ATOM   208 O OP2   . DC  A 1 11 ? 11.530  10.137  -8.273  1.00 60.27 ? 11  DC  A OP2   1 
ATOM   209 O "O5'" . DC  A 1 11 ? 10.070  8.801   -9.825  1.00 64.15 ? 11  DC  A "O5'" 1 
ATOM   210 C "C5'" . DC  A 1 11 ? 9.120   7.754   -10.104 1.00 63.64 ? 11  DC  A "C5'" 1 
ATOM   211 C "C4'" . DC  A 1 11 ? 7.854   8.358   -10.666 1.00 64.83 ? 11  DC  A "C4'" 1 
ATOM   212 O "O4'" . DC  A 1 11 ? 7.101   9.019   -9.621  1.00 59.29 ? 11  DC  A "O4'" 1 
ATOM   213 C "C3'" . DC  A 1 11 ? 8.088   9.420   -11.735 1.00 68.32 ? 11  DC  A "C3'" 1 
ATOM   214 O "O3'" . DC  A 1 11 ? 7.070   9.241   -12.720 1.00 75.18 ? 11  DC  A "O3'" 1 
ATOM   215 C "C2'" . DC  A 1 11 ? 7.951   10.728  -10.967 1.00 65.20 ? 11  DC  A "C2'" 1 
ATOM   216 C "C1'" . DC  A 1 11 ? 6.841   10.368  -9.994  1.00 59.72 ? 11  DC  A "C1'" 1 
ATOM   217 N N1    . DC  A 1 11 ? 6.749   11.170  -8.755  1.00 50.48 ? 11  DC  A N1    1 
ATOM   218 C C2    . DC  A 1 11 ? 5.482   11.566  -8.306  1.00 46.24 ? 11  DC  A C2    1 
ATOM   219 O O2    . DC  A 1 11 ? 4.490   11.270  -8.981  1.00 40.06 ? 11  DC  A O2    1 
ATOM   220 N N3    . DC  A 1 11 ? 5.383   12.294  -7.167  1.00 44.27 ? 11  DC  A N3    1 
ATOM   221 C C4    . DC  A 1 11 ? 6.476   12.553  -6.446  1.00 47.75 ? 11  DC  A C4    1 
ATOM   222 N N4    . DC  A 1 11 ? 6.336   13.257  -5.326  1.00 50.94 ? 11  DC  A N4    1 
ATOM   223 C C5    . DC  A 1 11 ? 7.776   12.167  -6.885  1.00 48.24 ? 11  DC  A C5    1 
ATOM   224 C C6    . DC  A 1 11 ? 7.865   11.476  -8.028  1.00 48.06 ? 11  DC  A C6    1 
ATOM   225 P P     . DG  A 1 12 ? 7.170   10.031  -14.097 1.00 87.39 ? 12  DG  A P     1 
ATOM   226 O OP1   . DG  A 1 12 ? 7.578   9.040   -15.124 1.00 88.42 ? 12  DG  A OP1   1 
ATOM   227 O OP2   . DG  A 1 12 ? 7.995   11.276  -13.894 1.00 76.21 ? 12  DG  A OP2   1 
ATOM   228 O "O5'" . DG  A 1 12 ? 5.667   10.504  -14.366 1.00 86.18 ? 12  DG  A "O5'" 1 
ATOM   229 C "C5'" . DG  A 1 12 ? 4.828   11.056  -13.322 1.00 75.11 ? 12  DG  A "C5'" 1 
ATOM   230 C "C4'" . DG  A 1 12 ? 4.383   12.469  -13.625 1.00 67.08 ? 12  DG  A "C4'" 1 
ATOM   231 O "O4'" . DG  A 1 12 ? 4.517   13.258  -12.426 1.00 58.79 ? 12  DG  A "O4'" 1 
ATOM   232 C "C3'" . DG  A 1 12 ? 5.115   13.252  -14.713 1.00 63.35 ? 12  DG  A "C3'" 1 
ATOM   233 O "O3'" . DG  A 1 12 ? 4.129   14.056  -15.366 1.00 71.61 ? 12  DG  A "O3'" 1 
ATOM   234 C "C2'" . DG  A 1 12 ? 6.075   14.142  -13.943 1.00 62.22 ? 12  DG  A "C2'" 1 
ATOM   235 C "C1'" . DG  A 1 12 ? 5.331   14.404  -12.643 1.00 57.66 ? 12  DG  A "C1'" 1 
ATOM   236 N N9    . DG  A 1 12 ? 6.167   14.559  -11.454 1.00 52.13 ? 12  DG  A N9    1 
ATOM   237 C C8    . DG  A 1 12 ? 7.498   14.237  -11.334 1.00 51.64 ? 12  DG  A C8    1 
ATOM   238 N N7    . DG  A 1 12 ? 7.957   14.402  -10.123 1.00 52.79 ? 12  DG  A N7    1 
ATOM   239 C C5    . DG  A 1 12 ? 6.865   14.866  -9.400  1.00 47.53 ? 12  DG  A C5    1 
ATOM   240 C C6    . DG  A 1 12 ? 6.751   15.213  -8.022  1.00 42.58 ? 12  DG  A C6    1 
ATOM   241 O O6    . DG  A 1 12 ? 7.625   15.205  -7.154  1.00 42.86 ? 12  DG  A O6    1 
ATOM   242 N N1    . DG  A 1 12 ? 5.462   15.619  -7.701  1.00 41.76 ? 12  DG  A N1    1 
ATOM   243 C C2    . DG  A 1 12 ? 4.406   15.654  -8.576  1.00 40.61 ? 12  DG  A C2    1 
ATOM   244 N N2    . DG  A 1 12 ? 3.241   16.083  -8.071  1.00 39.80 ? 12  DG  A N2    1 
ATOM   245 N N3    . DG  A 1 12 ? 4.497   15.335  -9.862  1.00 40.43 ? 12  DG  A N3    1 
ATOM   246 C C4    . DG  A 1 12 ? 5.746   14.941  -10.199 1.00 44.48 ? 12  DG  A C4    1 
ATOM   247 O "O5'" . DC  B 1 1  ? 2.817   21.382  -0.694  1.00 71.41 ? 1   DC  B "O5'" 1 
ATOM   248 C "C5'" . DC  B 1 1  ? 1.501   21.235  -1.229  1.00 65.73 ? 1   DC  B "C5'" 1 
ATOM   249 C "C4'" . DC  B 1 1  ? 1.407   19.955  -2.028  1.00 63.44 ? 1   DC  B "C4'" 1 
ATOM   250 O "O4'" . DC  B 1 1  ? 2.624   19.619  -2.766  1.00 57.82 ? 1   DC  B "O4'" 1 
ATOM   251 C "C3'" . DC  B 1 1  ? 1.065   18.719  -1.199  1.00 59.85 ? 1   DC  B "C3'" 1 
ATOM   252 O "O3'" . DC  B 1 1  ? -0.029  18.111  -1.850  1.00 65.07 ? 1   DC  B "O3'" 1 
ATOM   253 C "C2'" . DC  B 1 1  ? 2.226   17.770  -1.452  1.00 57.24 ? 1   DC  B "C2'" 1 
ATOM   254 C "C1'" . DC  B 1 1  ? 2.658   18.202  -2.838  1.00 53.53 ? 1   DC  B "C1'" 1 
ATOM   255 N N1    . DC  B 1 1  ? 4.010   17.774  -3.232  1.00 54.42 ? 1   DC  B N1    1 
ATOM   256 C C2    . DC  B 1 1  ? 4.189   17.070  -4.434  1.00 48.14 ? 1   DC  B C2    1 
ATOM   257 O O2    . DC  B 1 1  ? 3.211   16.866  -5.165  1.00 44.61 ? 1   DC  B O2    1 
ATOM   258 N N3    . DC  B 1 1  ? 5.419   16.640  -4.767  1.00 50.19 ? 1   DC  B N3    1 
ATOM   259 C C4    . DC  B 1 1  ? 6.454   16.893  -3.966  1.00 56.91 ? 1   DC  B C4    1 
ATOM   260 N N4    . DC  B 1 1  ? 7.659   16.468  -4.353  1.00 63.70 ? 1   DC  B N4    1 
ATOM   261 C C5    . DC  B 1 1  ? 6.303   17.591  -2.736  1.00 55.35 ? 1   DC  B C5    1 
ATOM   262 C C6    . DC  B 1 1  ? 5.073   18.001  -2.405  1.00 54.10 ? 1   DC  B C6    1 
ATOM   263 P P     . DG  B 1 2  ? -1.472  18.305  -1.308  1.00 74.03 ? 2   DG  B P     1 
ATOM   264 O OP1   . DG  B 1 2  ? -1.812  19.765  -1.432  1.00 73.16 ? 2   DG  B OP1   1 
ATOM   265 O OP2   . DG  B 1 2  ? -1.546  17.595  -0.009  1.00 73.93 ? 2   DG  B OP2   1 
ATOM   266 O "O5'" . DG  B 1 2  ? -2.321  17.554  -2.418  1.00 65.19 ? 2   DG  B "O5'" 1 
ATOM   267 C "C5'" . DG  B 1 2  ? -2.565  18.262  -3.647  1.00 66.23 ? 2   DG  B "C5'" 1 
ATOM   268 C "C4'" . DG  B 1 2  ? -2.790  17.278  -4.766  1.00 59.71 ? 2   DG  B "C4'" 1 
ATOM   269 O "O4'" . DG  B 1 2  ? -1.516  16.725  -5.181  1.00 56.77 ? 2   DG  B "O4'" 1 
ATOM   270 C "C3'" . DG  B 1 2  ? -3.667  16.106  -4.332  1.00 59.87 ? 2   DG  B "C3'" 1 
ATOM   271 O "O3'" . DG  B 1 2  ? -4.723  15.842  -5.257  1.00 63.82 ? 2   DG  B "O3'" 1 
ATOM   272 C "C2'" . DG  B 1 2  ? -2.696  14.951  -4.168  1.00 56.81 ? 2   DG  B "C2'" 1 
ATOM   273 C "C1'" . DG  B 1 2  ? -1.525  15.310  -5.077  1.00 56.49 ? 2   DG  B "C1'" 1 
ATOM   274 N N9    . DG  B 1 2  ? -0.231  14.895  -4.542  1.00 50.94 ? 2   DG  B N9    1 
ATOM   275 C C8    . DG  B 1 2  ? 0.219   15.046  -3.253  1.00 52.30 ? 2   DG  B C8    1 
ATOM   276 N N7    . DG  B 1 2  ? 1.417   14.561  -3.069  1.00 46.78 ? 2   DG  B N7    1 
ATOM   277 C C5    . DG  B 1 2  ? 1.774   14.056  -4.308  1.00 39.94 ? 2   DG  B C5    1 
ATOM   278 C C6    . DG  B 1 2  ? 2.960   13.425  -4.722  1.00 41.65 ? 2   DG  B C6    1 
ATOM   279 O O6    . DG  B 1 2  ? 3.961   13.153  -4.048  1.00 40.42 ? 2   DG  B O6    1 
ATOM   280 N N1    . DG  B 1 2  ? 2.905   13.065  -6.063  1.00 40.42 ? 2   DG  B N1    1 
ATOM   281 C C2    . DG  B 1 2  ? 1.839   13.298  -6.901  1.00 41.11 ? 2   DG  B C2    1 
ATOM   282 N N2    . DG  B 1 2  ? 1.972   12.884  -8.164  1.00 42.19 ? 2   DG  B N2    1 
ATOM   283 N N3    . DG  B 1 2  ? 0.736   13.911  -6.530  1.00 41.30 ? 2   DG  B N3    1 
ATOM   284 C C4    . DG  B 1 2  ? 0.751   14.218  -5.218  1.00 45.49 ? 2   DG  B C4    1 
ATOM   285 P P     . DC  B 1 3  ? -5.690  14.609  -4.993  1.00 64.06 ? 3   DC  B P     1 
ATOM   286 O OP1   . DC  B 1 3  ? -6.943  14.813  -5.766  1.00 63.31 ? 3   DC  B OP1   1 
ATOM   287 O OP2   . DC  B 1 3  ? -5.664  14.310  -3.536  1.00 63.43 ? 3   DC  B OP2   1 
ATOM   288 O "O5'" . DC  B 1 3  ? -4.961  13.385  -5.698  1.00 55.28 ? 3   DC  B "O5'" 1 
ATOM   289 C "C5'" . DC  B 1 3  ? -4.957  13.246  -7.122  1.00 48.99 ? 3   DC  B "C5'" 1 
ATOM   290 C "C4'" . DC  B 1 3  ? -4.037  12.102  -7.455  1.00 47.36 ? 3   DC  B "C4'" 1 
ATOM   291 O "O4'" . DC  B 1 3  ? -2.765  12.312  -6.816  1.00 44.38 ? 3   DC  B "O4'" 1 
ATOM   292 C "C3'" . DC  B 1 3  ? -4.520  10.777  -6.898  1.00 49.21 ? 3   DC  B "C3'" 1 
ATOM   293 O "O3'" . DC  B 1 3  ? -5.357  10.169  -7.871  1.00 59.75 ? 3   DC  B "O3'" 1 
ATOM   294 C "C2'" . DC  B 1 3  ? -3.236  10.001  -6.643  1.00 50.04 ? 3   DC  B "C2'" 1 
ATOM   295 C "C1'" . DC  B 1 3  ? -2.122  11.046  -6.668  1.00 44.08 ? 3   DC  B "C1'" 1 
ATOM   296 N N1    . DC  B 1 3  ? -1.369  11.079  -5.418  1.00 43.33 ? 3   DC  B N1    1 
ATOM   297 C C2    . DC  B 1 3  ? -0.048  10.614  -5.387  1.00 41.04 ? 3   DC  B C2    1 
ATOM   298 O O2    . DC  B 1 3  ? 0.461   10.154  -6.429  1.00 41.43 ? 3   DC  B O2    1 
ATOM   299 N N3    . DC  B 1 3  ? 0.644   10.689  -4.235  1.00 38.00 ? 3   DC  B N3    1 
ATOM   300 C C4    . DC  B 1 3  ? 0.046   11.118  -3.121  1.00 40.88 ? 3   DC  B C4    1 
ATOM   301 N N4    . DC  B 1 3  ? 0.758   11.129  -1.996  1.00 46.17 ? 3   DC  B N4    1 
ATOM   302 C C5    . DC  B 1 3  ? -1.300  11.581  -3.118  1.00 42.28 ? 3   DC  B C5    1 
ATOM   303 C C6    . DC  B 1 3  ? -1.971  11.526  -4.274  1.00 40.68 ? 3   DC  B C6    1 
ATOM   304 P P     . DG  B 1 4  ? -6.083  8.797   -7.530  1.00 62.15 ? 4   DG  B P     1 
ATOM   305 O OP1   . DG  B 1 4  ? -7.186  8.604   -8.502  1.00 70.38 ? 4   DG  B OP1   1 
ATOM   306 O OP2   . DG  B 1 4  ? -6.293  8.749   -6.067  1.00 58.51 ? 4   DG  B OP2   1 
ATOM   307 O "O5'" . DG  B 1 4  ? -4.996  7.712   -7.916  1.00 58.69 ? 4   DG  B "O5'" 1 
ATOM   308 C "C5'" . DG  B 1 4  ? -4.622  7.602   -9.279  1.00 59.68 ? 4   DG  B "C5'" 1 
ATOM   309 C "C4'" . DG  B 1 4  ? -3.410  6.717   -9.323  1.00 56.53 ? 4   DG  B "C4'" 1 
ATOM   310 O "O4'" . DG  B 1 4  ? -2.494  7.181   -8.300  1.00 52.43 ? 4   DG  B "O4'" 1 
ATOM   311 C "C3'" . DG  B 1 4  ? -3.739  5.267   -8.974  1.00 56.80 ? 4   DG  B "C3'" 1 
ATOM   312 O "O3'" . DG  B 1 4  ? -2.935  4.518   -9.879  1.00 57.19 ? 4   DG  B "O3'" 1 
ATOM   313 C "C2'" . DG  B 1 4  ? -3.373  5.182   -7.499  1.00 55.23 ? 4   DG  B "C2'" 1 
ATOM   314 C "C1'" . DG  B 1 4  ? -2.157  6.087   -7.483  1.00 50.59 ? 4   DG  B "C1'" 1 
ATOM   315 N N9    . DG  B 1 4  ? -1.704  6.603   -6.200  1.00 48.74 ? 4   DG  B N9    1 
ATOM   316 C C8    . DG  B 1 4  ? -2.441  7.143   -5.173  1.00 41.13 ? 4   DG  B C8    1 
ATOM   317 N N7    . DG  B 1 4  ? -1.703  7.530   -4.167  1.00 43.22 ? 4   DG  B N7    1 
ATOM   318 C C5    . DG  B 1 4  ? -0.407  7.210   -4.548  1.00 39.26 ? 4   DG  B C5    1 
ATOM   319 C C6    . DG  B 1 4  ? 0.828   7.357   -3.851  1.00 41.00 ? 4   DG  B C6    1 
ATOM   320 O O6    . DG  B 1 4  ? 1.031   7.844   -2.731  1.00 45.31 ? 4   DG  B O6    1 
ATOM   321 N N1    . DG  B 1 4  ? 1.899   6.899   -4.608  1.00 40.39 ? 4   DG  B N1    1 
ATOM   322 C C2    . DG  B 1 4  ? 1.805   6.395   -5.882  1.00 46.93 ? 4   DG  B C2    1 
ATOM   323 N N2    . DG  B 1 4  ? 2.954   6.001   -6.458  1.00 50.73 ? 4   DG  B N2    1 
ATOM   324 N N3    . DG  B 1 4  ? 0.664   6.237   -6.532  1.00 44.66 ? 4   DG  B N3    1 
ATOM   325 C C4    . DG  B 1 4  ? -0.393  6.652   -5.805  1.00 43.30 ? 4   DG  B C4    1 
ATOM   326 P P     . DA  B 1 5  ? -2.827  2.951   -9.753  1.00 72.74 ? 5   DA  B P     1 
ATOM   327 O OP1   . DA  B 1 5  ? -2.810  2.385   -11.117 1.00 84.60 ? 5   DA  B OP1   1 
ATOM   328 O OP2   . DA  B 1 5  ? -3.847  2.493   -8.756  1.00 70.63 ? 5   DA  B OP2   1 
ATOM   329 O "O5'" . DA  B 1 5  ? -1.326  2.733   -9.289  1.00 65.40 ? 5   DA  B "O5'" 1 
ATOM   330 C "C5'" . DA  B 1 5  ? -0.248  3.275   -10.058 1.00 64.47 ? 5   DA  B "C5'" 1 
ATOM   331 C "C4'" . DA  B 1 5  ? 1.045   2.781   -9.463  1.00 65.52 ? 5   DA  B "C4'" 1 
ATOM   332 O "O4'" . DA  B 1 5  ? 1.219   3.365   -8.149  1.00 67.68 ? 5   DA  B "O4'" 1 
ATOM   333 C "C3'" . DA  B 1 5  ? 1.081   1.270   -9.258  1.00 65.31 ? 5   DA  B "C3'" 1 
ATOM   334 O "O3'" . DA  B 1 5  ? 2.405   0.848   -9.583  1.00 67.20 ? 5   DA  B "O3'" 1 
ATOM   335 C "C2'" . DA  B 1 5  ? 0.648   1.110   -7.806  1.00 63.53 ? 5   DA  B "C2'" 1 
ATOM   336 C "C1'" . DA  B 1 5  ? 1.220   2.359   -7.140  1.00 58.59 ? 5   DA  B "C1'" 1 
ATOM   337 N N9    . DA  B 1 5  ? 0.502   2.893   -5.968  1.00 51.84 ? 5   DA  B N9    1 
ATOM   338 C C8    . DA  B 1 5  ? -0.849  3.126   -5.859  1.00 46.38 ? 5   DA  B C8    1 
ATOM   339 N N7    . DA  B 1 5  ? -1.200  3.674   -4.720  1.00 42.11 ? 5   DA  B N7    1 
ATOM   340 C C5    . DA  B 1 5  ? -0.010  3.779   -4.020  1.00 39.48 ? 5   DA  B C5    1 
ATOM   341 C C6    . DA  B 1 5  ? 0.281   4.222   -2.721  1.00 37.76 ? 5   DA  B C6    1 
ATOM   342 N N6    . DA  B 1 5  ? -0.642  4.692   -1.882  1.00 38.37 ? 5   DA  B N6    1 
ATOM   343 N N1    . DA  B 1 5  ? 1.567   4.184   -2.316  1.00 42.77 ? 5   DA  B N1    1 
ATOM   344 C C2    . DA  B 1 5  ? 2.492   3.724   -3.168  1.00 42.51 ? 5   DA  B C2    1 
ATOM   345 N N3    . DA  B 1 5  ? 2.336   3.240   -4.397  1.00 45.52 ? 5   DA  B N3    1 
ATOM   346 C C4    . DA  B 1 5  ? 1.049   3.307   -4.774  1.00 44.34 ? 5   DA  B C4    1 
ATOM   347 P P     . DA  B 1 6  ? 2.822   -0.687  -9.456  1.00 71.62 ? 6   DA  B P     1 
ATOM   348 O OP1   . DA  B 1 6  ? 3.846   -0.975  -10.489 1.00 82.39 ? 6   DA  B OP1   1 
ATOM   349 O OP2   . DA  B 1 6  ? 1.574   -1.494  -9.401  1.00 73.89 ? 6   DA  B OP2   1 
ATOM   350 O "O5'" . DA  B 1 6  ? 3.538   -0.741  -8.029  1.00 75.52 ? 6   DA  B "O5'" 1 
ATOM   351 C "C5'" . DA  B 1 6  ? 4.710   0.055   -7.743  1.00 69.60 ? 6   DA  B "C5'" 1 
ATOM   352 C "C4'" . DA  B 1 6  ? 5.159   -0.134  -6.310  1.00 59.31 ? 6   DA  B "C4'" 1 
ATOM   353 O "O4'" . DA  B 1 6  ? 4.186   0.411   -5.396  1.00 53.04 ? 6   DA  B "O4'" 1 
ATOM   354 C "C3'" . DA  B 1 6  ? 5.367   -1.586  -5.883  1.00 62.06 ? 6   DA  B "C3'" 1 
ATOM   355 O "O3'" . DA  B 1 6  ? 6.645   -1.690  -5.255  1.00 64.61 ? 6   DA  B "O3'" 1 
ATOM   356 C "C2'" . DA  B 1 6  ? 4.210   -1.867  -4.929  1.00 57.68 ? 6   DA  B "C2'" 1 
ATOM   357 C "C1'" . DA  B 1 6  ? 3.927   -0.502  -4.336  1.00 51.52 ? 6   DA  B "C1'" 1 
ATOM   358 N N9    . DA  B 1 6  ? 2.556   -0.258  -3.884  1.00 46.36 ? 6   DA  B N9    1 
ATOM   359 C C8    . DA  B 1 6  ? 1.401   -0.377  -4.614  1.00 46.81 ? 6   DA  B C8    1 
ATOM   360 N N7    . DA  B 1 6  ? 0.331   0.045   -3.985  1.00 44.84 ? 6   DA  B N7    1 
ATOM   361 C C5    . DA  B 1 6  ? 0.816   0.487   -2.760  1.00 41.08 ? 6   DA  B C5    1 
ATOM   362 C C6    . DA  B 1 6  ? 0.185   1.070   -1.639  1.00 38.07 ? 6   DA  B C6    1 
ATOM   363 N N6    . DA  B 1 6  ? -1.125  1.273   -1.548  1.00 42.39 ? 6   DA  B N6    1 
ATOM   364 N N1    . DA  B 1 6  ? 0.961   1.420   -0.595  1.00 38.32 ? 6   DA  B N1    1 
ATOM   365 C C2    . DA  B 1 6  ? 2.283   1.224   -0.684  1.00 42.48 ? 6   DA  B C2    1 
ATOM   366 N N3    . DA  B 1 6  ? 2.994   0.713   -1.692  1.00 40.75 ? 6   DA  B N3    1 
ATOM   367 C C4    . DA  B 1 6  ? 2.190   0.346   -2.703  1.00 43.25 ? 6   DA  B C4    1 
ATOM   368 P P     . DT  B 1 7  ? 7.117   -3.105  -4.711  1.00 68.24 ? 7   DT  B P     1 
ATOM   369 O OP1   . DT  B 1 7  ? 8.512   -3.328  -5.172  1.00 76.50 ? 7   DT  B OP1   1 
ATOM   370 O OP2   . DT  B 1 7  ? 6.048   -4.099  -5.030  1.00 68.64 ? 7   DT  B OP2   1 
ATOM   371 O "O5'" . DT  B 1 7  ? 7.048   -2.951  -3.126  1.00 65.91 ? 7   DT  B "O5'" 1 
ATOM   372 C "C5'" . DT  B 1 7  ? 7.434   -1.737  -2.464  1.00 62.52 ? 7   DT  B "C5'" 1 
ATOM   373 C "C4'" . DT  B 1 7  ? 6.838   -1.718  -1.080  1.00 55.88 ? 7   DT  B "C4'" 1 
ATOM   374 O "O4'" . DT  B 1 7  ? 5.407   -1.526  -1.144  1.00 55.91 ? 7   DT  B "O4'" 1 
ATOM   375 C "C3'" . DT  B 1 7  ? 7.060   -3.003  -0.285  1.00 56.75 ? 7   DT  B "C3'" 1 
ATOM   376 O "O3'" . DT  B 1 7  ? 7.742   -2.530  0.866   1.00 58.28 ? 7   DT  B "O3'" 1 
ATOM   377 C "C2'" . DT  B 1 7  ? 5.654   -3.540  -0.018  1.00 54.69 ? 7   DT  B "C2'" 1 
ATOM   378 C "C1'" . DT  B 1 7  ? 4.791   -2.292  -0.120  1.00 53.50 ? 7   DT  B "C1'" 1 
ATOM   379 N N1    . DT  B 1 7  ? 3.352   -2.429  -0.473  1.00 45.77 ? 7   DT  B N1    1 
ATOM   380 C C2    . DT  B 1 7  ? 2.416   -1.863  0.369   1.00 43.55 ? 7   DT  B C2    1 
ATOM   381 O O2    . DT  B 1 7  ? 2.703   -1.361  1.440   1.00 42.71 ? 7   DT  B O2    1 
ATOM   382 N N3    . DT  B 1 7  ? 1.116   -1.963  -0.065  1.00 40.15 ? 7   DT  B N3    1 
ATOM   383 C C4    . DT  B 1 7  ? 0.672   -2.553  -1.230  1.00 42.96 ? 7   DT  B C4    1 
ATOM   384 O O4    . DT  B 1 7  ? -0.522  -2.528  -1.509  1.00 41.37 ? 7   DT  B O4    1 
ATOM   385 C C5    . DT  B 1 7  ? 1.709   -3.102  -2.080  1.00 45.82 ? 7   DT  B C5    1 
ATOM   386 C C7    . DT  B 1 7  ? 1.317   -3.767  -3.361  1.00 47.56 ? 7   DT  B C7    1 
ATOM   387 C C6    . DT  B 1 7  ? 2.979   -3.013  -1.664  1.00 44.07 ? 7   DT  B C6    1 
ATOM   388 P P     . DT  B 1 8  ? 8.382   -3.531  1.899   1.00 71.95 ? 8   DT  B P     1 
ATOM   389 O OP1   . DT  B 1 8  ? 9.680   -2.943  2.322   1.00 71.51 ? 8   DT  B OP1   1 
ATOM   390 O OP2   . DT  B 1 8  ? 8.287   -4.913  1.350   1.00 63.90 ? 8   DT  B OP2   1 
ATOM   391 O "O5'" . DT  B 1 8  ? 7.369   -3.472  3.109   1.00 59.45 ? 8   DT  B "O5'" 1 
ATOM   392 C "C5'" . DT  B 1 8  ? 6.823   -2.213  3.501   1.00 65.00 ? 8   DT  B "C5'" 1 
ATOM   393 C "C4'" . DT  B 1 8  ? 5.763   -2.482  4.532   1.00 62.45 ? 8   DT  B "C4'" 1 
ATOM   394 O "O4'" . DT  B 1 8  ? 4.485   -2.629  3.865   1.00 62.83 ? 8   DT  B "O4'" 1 
ATOM   395 C "C3'" . DT  B 1 8  ? 5.998   -3.800  5.281   1.00 66.87 ? 8   DT  B "C3'" 1 
ATOM   396 O "O3'" . DT  B 1 8  ? 5.489   -3.623  6.599   1.00 73.52 ? 8   DT  B "O3'" 1 
ATOM   397 C "C2'" . DT  B 1 8  ? 5.102   -4.776  4.545   1.00 65.04 ? 8   DT  B "C2'" 1 
ATOM   398 C "C1'" . DT  B 1 8  ? 3.911   -3.859  4.305   1.00 58.20 ? 8   DT  B "C1'" 1 
ATOM   399 N N1    . DT  B 1 8  ? 2.909   -4.282  3.316   1.00 46.71 ? 8   DT  B N1    1 
ATOM   400 C C2    . DT  B 1 8  ? 1.596   -3.957  3.570   1.00 42.74 ? 8   DT  B C2    1 
ATOM   401 O O2    . DT  B 1 8  ? 1.244   -3.364  4.574   1.00 43.28 ? 8   DT  B O2    1 
ATOM   402 N N3    . DT  B 1 8  ? 0.704   -4.375  2.616   1.00 41.37 ? 8   DT  B N3    1 
ATOM   403 C C4    . DT  B 1 8  ? 0.998   -5.061  1.450   1.00 40.62 ? 8   DT  B C4    1 
ATOM   404 O O4    . DT  B 1 8  ? 0.100   -5.358  0.682   1.00 33.55 ? 8   DT  B O4    1 
ATOM   405 C C5    . DT  B 1 8  ? 2.399   -5.373  1.248   1.00 44.29 ? 8   DT  B C5    1 
ATOM   406 C C7    . DT  B 1 8  ? 2.814   -6.108  0.011   1.00 46.23 ? 8   DT  B C7    1 
ATOM   407 C C6    . DT  B 1 8  ? 3.268   -4.978  2.182   1.00 48.25 ? 8   DT  B C6    1 
HETATM 408 C C4    . 9V9 B 1 9  ? 0.666   -7.658  3.835   1.00 37.95 ? 9   9V9 B C4    1 
HETATM 409 C C5    . 9V9 B 1 9  ? 2.007   -7.466  4.359   1.00 44.54 ? 9   9V9 B C5    1 
HETATM 410 C C6    . 9V9 B 1 9  ? 2.084   -6.759  5.521   1.00 46.62 ? 9   9V9 B C6    1 
HETATM 411 P P     . 9V9 B 1 9  ? 6.309   -4.091  7.854   1.00 74.18 ? 9   9V9 B P     1 
HETATM 412 O OP1   . 9V9 B 1 9  ? 6.860   -2.859  8.514   1.00 74.39 ? 9   9V9 B OP1   1 
HETATM 413 O OP2   . 9V9 B 1 9  ? 7.130   -5.296  7.456   1.00 73.40 ? 9   9V9 B OP2   1 
HETATM 414 O "O5'" . 9V9 B 1 9  ? 5.160   -4.548  8.820   1.00 68.72 ? 9   9V9 B "O5'" 1 
HETATM 415 C "C5'" . 9V9 B 1 9  ? 4.461   -5.653  8.368   1.00 65.49 ? 9   9V9 B "C5'" 1 
HETATM 416 C "C4'" . 9V9 B 1 9  ? 3.000   -5.327  8.486   1.00 62.61 ? 9   9V9 B "C4'" 1 
HETATM 417 O "O4'" . 9V9 B 1 9  ? 2.400   -5.009  7.256   1.00 60.72 ? 9   9V9 B "O4'" 1 
HETATM 418 C "C1'" . 9V9 B 1 9  ? 1.060   -5.541  7.344   1.00 58.16 ? 9   9V9 B "C1'" 1 
HETATM 419 N N1    . 9V9 B 1 9  ? 0.940   -6.295  6.098   1.00 49.77 ? 9   9V9 B N1    1 
HETATM 420 C C2    . 9V9 B 1 9  ? -0.354  -6.506  5.552   1.00 39.62 ? 9   9V9 B C2    1 
HETATM 421 N N3    . 9V9 B 1 9  ? -0.435  -7.181  4.439   1.00 40.16 ? 9   9V9 B N3    1 
HETATM 422 O O4    . 9V9 B 1 9  ? 0.542   -8.284  2.797   1.00 42.10 ? 9   9V9 B O4    1 
HETATM 423 C C5M   . 9V9 B 1 9  ? 3.233   -8.019  3.649   1.00 48.27 ? 9   9V9 B C5M   1 
HETATM 424 S S1    . 9V9 B 1 9  ? -1.692  -5.950  6.247   1.00 48.83 ? 9   9V9 B S1    1 
HETATM 425 C "C2'" . 9V9 B 1 9  ? 0.958   -5.983  8.767   1.00 62.41 ? 9   9V9 B "C2'" 1 
HETATM 426 O "O2'" . 9V9 B 1 9  ? 1.026   -4.729  9.470   1.00 60.35 ? 9   9V9 B "O2'" 1 
HETATM 427 C "C6'" . 9V9 B 1 9  ? 2.396   -4.234  9.358   1.00 61.65 ? 9   9V9 B "C6'" 1 
HETATM 428 C "C3'" . 9V9 B 1 9  ? 2.311   -6.583  8.948   1.00 65.82 ? 9   9V9 B "C3'" 1 
HETATM 429 O "O3'" . 9V9 B 1 9  ? 2.618   -6.873  10.312  1.00 65.26 ? 9   9V9 B "O3'" 1 
ATOM   430 P P     . DG  B 1 10 ? 2.316   -8.313  10.886  1.00 64.61 ? 10  DG  B P     1 
ATOM   431 O OP1   . DG  B 1 10 ? 2.745   -8.362  12.320  1.00 69.08 ? 10  DG  B OP1   1 
ATOM   432 O OP2   . DG  B 1 10 ? 2.829   -9.309  9.900   1.00 65.51 ? 10  DG  B OP2   1 
ATOM   433 O "O5'" . DG  B 1 10 ? 0.728   -8.348  10.954  1.00 55.50 ? 10  DG  B "O5'" 1 
ATOM   434 C "C5'" . DG  B 1 10 ? -0.043  -7.291  11.564  1.00 53.82 ? 10  DG  B "C5'" 1 
ATOM   435 C "C4'" . DG  B 1 10 ? -1.496  -7.572  11.263  1.00 52.79 ? 10  DG  B "C4'" 1 
ATOM   436 O "O4'" . DG  B 1 10 ? -1.695  -7.651  9.822   1.00 45.25 ? 10  DG  B "O4'" 1 
ATOM   437 C "C3'" . DG  B 1 10 ? -1.954  -8.923  11.818  1.00 57.39 ? 10  DG  B "C3'" 1 
ATOM   438 O "O3'" . DG  B 1 10 ? -3.323  -8.950  12.230  1.00 60.16 ? 10  DG  B "O3'" 1 
ATOM   439 C "C2'" . DG  B 1 10 ? -1.743  -9.860  10.645  1.00 55.82 ? 10  DG  B "C2'" 1 
ATOM   440 C "C1'" . DG  B 1 10 ? -2.095  -8.962  9.467   1.00 49.26 ? 10  DG  B "C1'" 1 
ATOM   441 N N9    . DG  B 1 10 ? -1.470  -9.313  8.192   1.00 41.25 ? 10  DG  B N9    1 
ATOM   442 C C8    . DG  B 1 10 ? -0.154  -9.612  7.912   1.00 49.35 ? 10  DG  B C8    1 
ATOM   443 N N7    . DG  B 1 10 ? 0.047   -9.911  6.656   1.00 40.82 ? 10  DG  B N7    1 
ATOM   444 C C5    . DG  B 1 10 ? -1.221  -9.840  6.084   1.00 42.39 ? 10  DG  B C5    1 
ATOM   445 C C6    . DG  B 1 10 ? -1.646  -10.065 4.749   1.00 37.49 ? 10  DG  B C6    1 
ATOM   446 O O6    . DG  B 1 10 ? -0.961  -10.341 3.760   1.00 42.81 ? 10  DG  B O6    1 
ATOM   447 N N1    . DG  B 1 10 ? -3.014  -9.878  4.608   1.00 37.18 ? 10  DG  B N1    1 
ATOM   448 C C2    . DG  B 1 10 ? -3.872  -9.509  5.615   1.00 38.61 ? 10  DG  B C2    1 
ATOM   449 N N2    . DG  B 1 10 ? -5.168  -9.362  5.277   1.00 38.66 ? 10  DG  B N2    1 
ATOM   450 N N3    . DG  B 1 10 ? -3.495  -9.315  6.864   1.00 39.09 ? 10  DG  B N3    1 
ATOM   451 C C4    . DG  B 1 10 ? -2.163  -9.481  7.021   1.00 36.64 ? 10  DG  B C4    1 
ATOM   452 P P     . DC  B 1 11 ? -3.839  -10.092 13.254  1.00 68.24 ? 11  DC  B P     1 
ATOM   453 O OP1   . DC  B 1 11 ? -4.341  -9.408  14.474  1.00 69.07 ? 11  DC  B OP1   1 
ATOM   454 O OP2   . DC  B 1 11 ? -2.799  -11.163 13.339  1.00 52.87 ? 11  DC  B OP2   1 
ATOM   455 O "O5'" . DC  B 1 11 ? -5.141  -10.650 12.525  1.00 63.74 ? 11  DC  B "O5'" 1 
ATOM   456 C "C5'" . DC  B 1 11 ? -6.206  -9.753  12.156  1.00 63.12 ? 11  DC  B "C5'" 1 
ATOM   457 C "C4'" . DC  B 1 11 ? -7.125  -10.477 11.203  1.00 62.45 ? 11  DC  B "C4'" 1 
ATOM   458 O "O4'" . DC  B 1 11 ? -6.468  -10.556 9.921   1.00 54.13 ? 11  DC  B "O4'" 1 
ATOM   459 C "C3'" . DC  B 1 11 ? -7.388  -11.911 11.651  1.00 60.79 ? 11  DC  B "C3'" 1 
ATOM   460 O "O3'" . DC  B 1 11 ? -8.739  -12.216 11.967  1.00 63.36 ? 11  DC  B "O3'" 1 
ATOM   461 C "C2'" . DC  B 1 11 ? -6.982  -12.780 10.479  1.00 57.46 ? 11  DC  B "C2'" 1 
ATOM   462 C "C1'" . DC  B 1 11 ? -6.617  -11.842 9.364   1.00 53.05 ? 11  DC  B "C1'" 1 
ATOM   463 N N1    . DC  B 1 11 ? -5.350  -12.193 8.726   1.00 43.52 ? 11  DC  B N1    1 
ATOM   464 C C2    . DC  B 1 11 ? -5.335  -12.380 7.343   1.00 37.67 ? 11  DC  B C2    1 
ATOM   465 O O2    . DC  B 1 11 ? -6.395  -12.268 6.716   1.00 38.28 ? 11  DC  B O2    1 
ATOM   466 N N3    . DC  B 1 11 ? -4.183  -12.741 6.737   1.00 36.99 ? 11  DC  B N3    1 
ATOM   467 C C4    . DC  B 1 11 ? -3.066  -12.861 7.452   1.00 36.08 ? 11  DC  B C4    1 
ATOM   468 N N4    . DC  B 1 11 ? -1.947  -13.164 6.803   1.00 40.11 ? 11  DC  B N4    1 
ATOM   469 C C5    . DC  B 1 11 ? -3.058  -12.716 8.871   1.00 41.71 ? 11  DC  B C5    1 
ATOM   470 C C6    . DC  B 1 11 ? -4.212  -12.377 9.463   1.00 41.15 ? 11  DC  B C6    1 
ATOM   471 P P     . DG  B 1 12 ? -9.058  -13.669 12.611  1.00 72.38 ? 12  DG  B P     1 
ATOM   472 O OP1   . DG  B 1 12 ? -10.356 -13.582 13.316  1.00 74.60 ? 12  DG  B OP1   1 
ATOM   473 O OP2   . DG  B 1 12 ? -7.831  -14.177 13.298  1.00 61.15 ? 12  DG  B OP2   1 
ATOM   474 O "O5'" . DG  B 1 12 ? -9.426  -14.552 11.344  1.00 58.64 ? 12  DG  B "O5'" 1 
ATOM   475 C "C5'" . DG  B 1 12 ? -10.381 -14.042 10.415  1.00 58.18 ? 12  DG  B "C5'" 1 
ATOM   476 C "C4'" . DG  B 1 12 ? -10.430 -14.992 9.253   1.00 58.38 ? 12  DG  B "C4'" 1 
ATOM   477 O "O4'" . DG  B 1 12 ? -9.305  -14.712 8.386   1.00 51.88 ? 12  DG  B "O4'" 1 
ATOM   478 C "C3'" . DG  B 1 12 ? -10.252 -16.439 9.688   1.00 58.12 ? 12  DG  B "C3'" 1 
ATOM   479 O "O3'" . DG  B 1 12 ? -11.491 -17.004 10.132  1.00 67.20 ? 12  DG  B "O3'" 1 
ATOM   480 C "C2'" . DG  B 1 12 ? -9.666  -17.068 8.445   1.00 57.18 ? 12  DG  B "C2'" 1 
ATOM   481 C "C1'" . DG  B 1 12 ? -8.823  -15.938 7.850   1.00 50.19 ? 12  DG  B "C1'" 1 
ATOM   482 N N9    . DG  B 1 12 ? -7.409  -16.014 8.162   1.00 42.13 ? 12  DG  B N9    1 
ATOM   483 C C8    . DG  B 1 12 ? -6.831  -15.928 9.404   1.00 42.58 ? 12  DG  B C8    1 
ATOM   484 N N7    . DG  B 1 12 ? -5.529  -15.987 9.367   1.00 39.42 ? 12  DG  B N7    1 
ATOM   485 C C5    . DG  B 1 12 ? -5.231  -16.154 8.020   1.00 37.89 ? 12  DG  B C5    1 
ATOM   486 C C6    . DG  B 1 12 ? -3.980  -16.262 7.367   1.00 34.68 ? 12  DG  B C6    1 
ATOM   487 O O6    . DG  B 1 12 ? -2.852  -16.252 7.867   1.00 37.97 ? 12  DG  B O6    1 
ATOM   488 N N1    . DG  B 1 12 ? -4.131  -16.408 5.989   1.00 33.54 ? 12  DG  B N1    1 
ATOM   489 C C2    . DG  B 1 12 ? -5.335  -16.396 5.324   1.00 32.68 ? 12  DG  B C2    1 
ATOM   490 N N2    . DG  B 1 12 ? -5.284  -16.529 4.000   1.00 36.80 ? 12  DG  B N2    1 
ATOM   491 N N3    . DG  B 1 12 ? -6.506  -16.260 5.920   1.00 31.57 ? 12  DG  B N3    1 
ATOM   492 C C4    . DG  B 1 12 ? -6.378  -16.136 7.260   1.00 36.14 ? 12  DG  B C4    1 
HETATM 493 O O     . HOH C 2 .  ? -1.010  -7.700  0.602   1.00 32.91 ? 101 HOH A O     1 
HETATM 494 O O     . HOH C 2 .  ? 10.326  11.327  -12.762 1.00 64.04 ? 102 HOH A O     1 
HETATM 495 O O     . HOH C 2 .  ? -8.602  -5.982  4.858   1.00 58.61 ? 103 HOH A O     1 
HETATM 496 O O     . HOH C 2 .  ? -4.401  -2.623  7.292   1.00 50.44 ? 104 HOH A O     1 
HETATM 497 O O     . HOH C 2 .  ? 0.376   -0.611  6.425   1.00 51.66 ? 105 HOH A O     1 
HETATM 498 O O     . HOH C 2 .  ? -10.989 -11.900 -5.872  1.00 50.79 ? 106 HOH A O     1 
HETATM 499 O O     . HOH D 2 .  ? 3.915   2.577   -6.133  1.00 61.08 ? 101 HOH B O     1 
HETATM 500 O O     . HOH D 2 .  ? -0.166  8.422   -0.609  1.00 45.92 ? 102 HOH B O     1 
HETATM 501 O O     . HOH D 2 .  ? 2.304   -10.808 5.683   1.00 45.55 ? 103 HOH B O     1 
HETATM 502 O O     . HOH D 2 .  ? -2.294  -0.071  -4.642  1.00 47.62 ? 104 HOH B O     1 
HETATM 503 O O     . HOH D 2 .  ? 1.249   -9.486  14.348  1.00 51.52 ? 105 HOH B O     1 
HETATM 504 O O     . HOH D 2 .  ? -4.817  8.199   -3.777  1.00 48.91 ? 106 HOH B O     1 
HETATM 505 O O     . HOH D 2 .  ? 0.507   -11.515 10.101  1.00 62.38 ? 107 HOH B O     1 
HETATM 506 O O     . HOH D 2 .  ? -4.030  0.866   -3.162  1.00 32.15 ? 108 HOH B O     1 
HETATM 507 O O     . HOH D 2 .  ? 11.557  15.526  -4.320  1.00 58.77 ? 109 HOH B O     1 
# 
loop_
_atom_site_anisotrop.id 
_atom_site_anisotrop.type_symbol 
_atom_site_anisotrop.pdbx_label_atom_id 
_atom_site_anisotrop.pdbx_label_alt_id 
_atom_site_anisotrop.pdbx_label_comp_id 
_atom_site_anisotrop.pdbx_label_asym_id 
_atom_site_anisotrop.pdbx_label_seq_id 
_atom_site_anisotrop.pdbx_PDB_ins_code 
_atom_site_anisotrop.U[1][1] 
_atom_site_anisotrop.U[2][2] 
_atom_site_anisotrop.U[3][3] 
_atom_site_anisotrop.U[1][2] 
_atom_site_anisotrop.U[1][3] 
_atom_site_anisotrop.U[2][3] 
_atom_site_anisotrop.pdbx_auth_seq_id 
_atom_site_anisotrop.pdbx_auth_comp_id 
_atom_site_anisotrop.pdbx_auth_asym_id 
_atom_site_anisotrop.pdbx_auth_atom_id 
1   O "O5'" . DC  A 1  ? 1.0530 0.7781 0.9438 0.0990  0.1436  0.0430  1  DC  A "O5'" 
2   C "C5'" . DC  A 1  ? 0.9434 0.6766 0.8168 0.0912  0.1213  0.0360  1  DC  A "C5'" 
3   C "C4'" . DC  A 1  ? 0.8724 0.6187 0.7259 0.0821  0.0992  0.0270  1  DC  A "C4'" 
4   O "O4'" . DC  A 1  ? 0.8113 0.5899 0.6899 0.0757  0.0796  0.0301  1  DC  A "O4'" 
5   C "C3'" . DC  A 1  ? 0.8750 0.6271 0.7312 0.0825  0.1013  0.0274  1  DC  A "C3'" 
6   O "O3'" . DC  A 1  ? 0.9906 0.7351 0.8152 0.0752  0.0883  0.0177  1  DC  A "O3'" 
7   C "C2'" . DC  A 1  ? 0.8391 0.6297 0.7334 0.0786  0.0862  0.0342  1  DC  A "C2'" 
8   C "C1'" . DC  A 1  ? 0.7928 0.5895 0.6780 0.0710  0.0701  0.0288  1  DC  A "C1'" 
9   N N1    . DC  A 1  ? 0.7429 0.5640 0.6513 0.0630  0.0559  0.0348  1  DC  A N1    
10  C C2    . DC  A 1  ? 0.6892 0.5157 0.5840 0.0529  0.0431  0.0263  1  DC  A C2    
11  O O2    . DC  A 1  ? 0.6859 0.5026 0.5607 0.0525  0.0424  0.0165  1  DC  A O2    
12  N N3    . DC  A 1  ? 0.6898 0.5279 0.5933 0.0421  0.0323  0.0306  1  DC  A N3    
13  C C4    . DC  A 1  ? 0.7278 0.5744 0.6547 0.0399  0.0276  0.0452  1  DC  A C4    
14  N N4    . DC  A 1  ? 0.7672 0.6170 0.6922 0.0247  0.0131  0.0503  1  DC  A N4    
15  C C5    . DC  A 1  ? 0.7967 0.6444 0.7507 0.0515  0.0382  0.0568  1  DC  A C5    
16  C C6    . DC  A 1  ? 0.7937 0.6271 0.7361 0.0636  0.0553  0.0498  1  DC  A C6    
17  P P     . DG  A 2  ? 1.1030 0.8034 0.8780 0.0731  0.0969  0.0120  2  DG  A P     
18  O OP1   . DG  A 2  ? 1.0791 0.7437 0.8235 0.0734  0.1079  0.0097  2  DG  A OP1   
19  O OP2   . DG  A 2  ? 1.0882 0.7852 0.8675 0.0773  0.1106  0.0151  2  DG  A OP2   
20  O "O5'" . DG  A 2  ? 0.9916 0.6956 0.7516 0.0623  0.0713  0.0068  2  DG  A "O5'" 
21  C "C5'" . DG  A 2  ? 0.9135 0.6130 0.6635 0.0563  0.0572  0.0038  2  DG  A "C5'" 
22  C "C4'" . DG  A 2  ? 0.8626 0.5853 0.6326 0.0492  0.0365  0.0030  2  DG  A "C4'" 
23  O "O4'" . DG  A 2  ? 0.7718 0.5311 0.5802 0.0517  0.0369  0.0033  2  DG  A "O4'" 
24  C "C3'" . DG  A 2  ? 0.8443 0.5659 0.6129 0.0463  0.0319  0.0044  2  DG  A "C3'" 
25  O "O3'" . DG  A 2  ? 0.9104 0.6263 0.6782 0.0362  0.0111  0.0062  2  DG  A "O3'" 
26  C "C2'" . DG  A 2  ? 0.7790 0.5383 0.5873 0.0509  0.0367  0.0051  2  DG  A "C2'" 
27  C "C1'" . DG  A 2  ? 0.7067 0.4852 0.5354 0.0502  0.0341  0.0037  2  DG  A "C1'" 
28  N N9    . DG  A 2  ? 0.6787 0.4800 0.5303 0.0532  0.0413  0.0064  2  DG  A N9    
29  C C8    . DG  A 2  ? 0.6220 0.4248 0.4801 0.0598  0.0526  0.0122  2  DG  A C8    
30  N N7    . DG  A 2  ? 0.6027 0.4263 0.4840 0.0576  0.0508  0.0170  2  DG  A N7    
31  C C5    . DG  A 2  ? 0.6009 0.4328 0.4834 0.0487  0.0416  0.0115  2  DG  A C5    
32  C C6    . DG  A 2  ? 0.5443 0.3880 0.4358 0.0395  0.0372  0.0124  2  DG  A C6    
33  O O6    . DG  A 2  ? 0.5668 0.4184 0.4680 0.0357  0.0349  0.0202  2  DG  A O6    
34  N N1    . DG  A 2  ? 0.5820 0.4229 0.4694 0.0320  0.0357  0.0043  2  DG  A N1    
35  C C2    . DG  A 2  ? 0.5470 0.3808 0.4330 0.0340  0.0344  -0.0007 2  DG  A C2    
36  N N2    . DG  A 2  ? 0.6233 0.4562 0.5169 0.0268  0.0361  -0.0058 2  DG  A N2    
37  N N3    . DG  A 2  ? 0.6382 0.4619 0.5149 0.0406  0.0321  0.0005  2  DG  A N3    
38  C C4    . DG  A 2  ? 0.5866 0.4073 0.4570 0.0474  0.0375  0.0052  2  DG  A C4    
39  P P     . DC  A 3  ? 0.9624 0.6736 0.7301 0.0304  0.0007  0.0102  3  DC  A P     
40  O OP1   . DC  A 3  ? 1.0572 0.7433 0.8092 0.0171  -0.0236 0.0164  3  DC  A OP1   
41  O OP2   . DC  A 3  ? 0.9747 0.6739 0.7217 0.0360  0.0178  0.0092  3  DC  A OP2   
42  O "O5'" . DC  A 3  ? 0.8303 0.5839 0.6524 0.0326  -0.0007 0.0101  3  DC  A "O5'" 
43  C "C5'" . DC  A 3  ? 0.7359 0.5032 0.5882 0.0284  -0.0098 0.0110  3  DC  A "C5'" 
44  C "C4'" . DC  A 3  ? 0.6635 0.4611 0.5566 0.0305  -0.0005 0.0085  3  DC  A "C4'" 
45  O "O4'" . DC  A 3  ? 0.5756 0.3842 0.4623 0.0363  0.0144  0.0034  3  DC  A "O4'" 
46  C "C3'" . DC  A 3  ? 0.6243 0.4284 0.5299 0.0304  -0.0009 0.0113  3  DC  A "C3'" 
47  O "O3'" . DC  A 3  ? 0.6862 0.4941 0.6273 0.0241  -0.0121 0.0175  3  DC  A "O3'" 
48  C "C2'" . DC  A 3  ? 0.5997 0.4253 0.5199 0.0344  0.0157  0.0058  3  DC  A "C2'" 
49  C "C1'" . DC  A 3  ? 0.5701 0.3968 0.4772 0.0364  0.0227  0.0019  3  DC  A "C1'" 
50  N N1    . DC  A 3  ? 0.5401 0.3708 0.4343 0.0415  0.0312  0.0022  3  DC  A N1    
51  C C2    . DC  A 3  ? 0.5194 0.3633 0.4227 0.0386  0.0374  0.0011  3  DC  A C2    
52  O O2    . DC  A 3  ? 0.5077 0.3544 0.4216 0.0316  0.0401  -0.0028 3  DC  A O2    
53  N N3    . DC  A 3  ? 0.4919 0.3409 0.3923 0.0416  0.0410  0.0059  3  DC  A N3    
54  C C4    . DC  A 3  ? 0.5649 0.4070 0.4578 0.0497  0.0444  0.0099  3  DC  A C4    
55  N N4    . DC  A 3  ? 0.5642 0.4129 0.4663 0.0533  0.0495  0.0173  3  DC  A N4    
56  C C5    . DC  A 3  ? 0.5850 0.4077 0.4593 0.0526  0.0429  0.0083  3  DC  A C5    
57  C C6    . DC  A 3  ? 0.5817 0.3995 0.4556 0.0471  0.0333  0.0051  3  DC  A C6    
58  P P     . DG  A 4  ? 0.7332 0.5437 0.6928 0.0214  -0.0193 0.0241  4  DG  A P     
59  O OP1   . DG  A 4  ? 0.8562 0.6571 0.8407 0.0121  -0.0415 0.0364  4  DG  A OP1   
60  O OP2   . DG  A 4  ? 0.8051 0.6041 0.7242 0.0247  -0.0162 0.0219  4  DG  A OP2   
61  O "O5'" . DG  A 4  ? 0.6636 0.4986 0.6624 0.0245  -0.0003 0.0191  4  DG  A "O5'" 
62  C "C5'" . DG  A 4  ? 0.6306 0.4735 0.6613 0.0228  0.0107  0.0165  4  DG  A "C5'" 
63  C "C4'" . DG  A 4  ? 0.6283 0.4819 0.6685 0.0237  0.0332  0.0086  4  DG  A "C4'" 
64  O "O4'" . DG  A 4  ? 0.6269 0.4802 0.6264 0.0262  0.0391  0.0016  4  DG  A "O4'" 
65  C "C3'" . DG  A 4  ? 0.6575 0.5174 0.7138 0.0243  0.0345  0.0116  4  DG  A "C3'" 
66  O "O3'" . DG  A 4  ? 0.7372 0.5999 0.8213 0.0214  0.0565  0.0068  4  DG  A "O3'" 
67  C "C2'" . DG  A 4  ? 0.6245 0.4860 0.6403 0.0283  0.0363  0.0069  4  DG  A "C2'" 
68  C "C1'" . DG  A 4  ? 0.6049 0.4645 0.6001 0.0272  0.0460  0.0000  4  DG  A "C1'" 
69  N N9    . DG  A 4  ? 0.5357 0.3957 0.4981 0.0307  0.0444  -0.0009 4  DG  A N9    
70  C C8    . DG  A 4  ? 0.5133 0.3687 0.4559 0.0366  0.0363  0.0030  4  DG  A C8    
71  N N7    . DG  A 4  ? 0.5355 0.3934 0.4627 0.0396  0.0408  0.0035  4  DG  A N7    
72  C C5    . DG  A 4  ? 0.5061 0.3698 0.4381 0.0331  0.0469  0.0006  4  DG  A C5    
73  C C6    . DG  A 4  ? 0.5272 0.3940 0.4504 0.0295  0.0483  0.0033  4  DG  A C6    
74  O O6    . DG  A 4  ? 0.5598 0.4300 0.4799 0.0340  0.0459  0.0100  4  DG  A O6    
75  N N1    . DG  A 4  ? 0.5443 0.4055 0.4634 0.0178  0.0533  -0.0008 4  DG  A N1    
76  C C2    . DG  A 4  ? 0.5998 0.4539 0.5278 0.0126  0.0628  -0.0078 4  DG  A C2    
77  N N2    . DG  A 4  ? 0.6009 0.4405 0.5149 -0.0006 0.0726  -0.0124 4  DG  A N2    
78  N N3    . DG  A 4  ? 0.5488 0.4056 0.4985 0.0182  0.0631  -0.0086 4  DG  A N3    
79  C C4    . DG  A 4  ? 0.5091 0.3708 0.4577 0.0273  0.0519  -0.0037 4  DG  A C4    
80  P P     . DA  A 5  ? 0.7588 0.6266 0.8687 0.0210  0.0662  0.0081  5  DA  A P     
81  O OP1   . DA  A 5  ? 0.8541 0.7204 1.0219 0.0181  0.0798  0.0125  5  DA  A OP1   
82  O OP2   . DA  A 5  ? 0.6640 0.5367 0.7620 0.0243  0.0469  0.0145  5  DA  A OP2   
83  O "O5'" . DA  A 5  ? 0.7202 0.5823 0.7974 0.0174  0.0870  -0.0036 5  DA  A "O5'" 
84  C "C5'" . DA  A 5  ? 0.7243 0.5729 0.7916 0.0111  0.1040  -0.0109 5  DA  A "C5'" 
85  C "C4'" . DA  A 5  ? 0.7187 0.5541 0.7481 0.0027  0.1188  -0.0193 5  DA  A "C4'" 
86  O "O4'" . DA  A 5  ? 0.7168 0.5596 0.7085 0.0046  0.1010  -0.0175 5  DA  A "O4'" 
87  C "C3'" . DA  A 5  ? 0.7561 0.5894 0.7967 0.0005  0.1310  -0.0204 5  DA  A "C3'" 
88  O "O3'" . DA  A 5  ? 0.8075 0.6156 0.8100 -0.0130 0.1494  -0.0289 5  DA  A "O3'" 
89  C "C2'" . DA  A 5  ? 0.7160 0.5676 0.7427 0.0075  0.1090  -0.0148 5  DA  A "C2'" 
90  C "C1'" . DA  A 5  ? 0.6710 0.5218 0.6593 0.0064  0.0972  -0.0151 5  DA  A "C1'" 
91  N N9    . DA  A 5  ? 0.5938 0.4591 0.5744 0.0160  0.0777  -0.0086 5  DA  A N9    
92  C C8    . DA  A 5  ? 0.5663 0.4393 0.5603 0.0246  0.0651  -0.0032 5  DA  A C8    
93  N N7    . DA  A 5  ? 0.5190 0.3951 0.4929 0.0304  0.0555  0.0005  5  DA  A N7    
94  C C5    . DA  A 5  ? 0.4974 0.3740 0.4539 0.0264  0.0594  -0.0003 5  DA  A C5    
95  C C6    . DA  A 5  ? 0.5040 0.3845 0.4468 0.0296  0.0544  0.0052  5  DA  A C6    
96  N N6    . DA  A 5  ? 0.4583 0.3397 0.3979 0.0392  0.0508  0.0099  5  DA  A N6    
97  N N1    . DA  A 5  ? 0.4978 0.3767 0.4308 0.0209  0.0543  0.0075  5  DA  A N1    
98  C C2    . DA  A 5  ? 0.5901 0.4573 0.5145 0.0085  0.0610  0.0016  5  DA  A C2    
99  N N3    . DA  A 5  ? 0.5203 0.3795 0.4532 0.0054  0.0726  -0.0062 5  DA  A N3    
100 C C4    . DA  A 5  ? 0.5276 0.3955 0.4827 0.0159  0.0703  -0.0058 5  DA  A C4    
101 P P     . DA  A 6  ? 0.9213 0.7119 0.9209 -0.0211 0.1710  -0.0337 6  DA  A P     
102 O OP1   . DA  A 6  ? 0.9591 0.7095 0.9353 -0.0364 0.2020  -0.0435 6  DA  A OP1   
103 O OP2   . DA  A 6  ? 0.8330 0.6437 0.8866 -0.0101 0.1698  -0.0273 6  DA  A OP2   
104 O "O5'" . DA  A 6  ? 0.7623 0.5543 0.7147 -0.0268 0.1532  -0.0320 6  DA  A "O5'" 
105 C "C5'" . DA  A 6  ? 0.7894 0.5644 0.6931 -0.0391 0.1458  -0.0330 6  DA  A "C5'" 
106 C "C4'" . DA  A 6  ? 0.8106 0.5944 0.6899 -0.0422 0.1245  -0.0255 6  DA  A "C4'" 
107 O "O4'" . DA  A 6  ? 0.7021 0.5211 0.6069 -0.0246 0.1035  -0.0170 6  DA  A "O4'" 
108 C "C3'" . DA  A 6  ? 0.8630 0.6402 0.7401 -0.0470 0.1323  -0.0265 6  DA  A "C3'" 
109 O "O3'" . DA  A 6  ? 0.9981 0.7553 0.8287 -0.0651 0.1213  -0.0224 6  DA  A "O3'" 
110 C "C2'" . DA  A 6  ? 0.7544 0.5694 0.6708 -0.0277 0.1183  -0.0195 6  DA  A "C2'" 
111 C "C1'" . DA  A 6  ? 0.7165 0.5502 0.6320 -0.0193 0.0974  -0.0122 6  DA  A "C1'" 
112 N N9    . DA  A 6  ? 0.6137 0.4730 0.5592 -0.0014 0.0876  -0.0077 6  DA  A N9    
113 C C8    . DA  A 6  ? 0.6290 0.4958 0.6052 0.0077  0.0908  -0.0089 6  DA  A C8    
114 N N7    . DA  A 6  ? 0.5721 0.4530 0.5563 0.0188  0.0769  -0.0031 6  DA  A N7    
115 C C5    . DA  A 6  ? 0.5277 0.4128 0.4914 0.0197  0.0689  0.0014  6  DA  A C5    
116 C C6    . DA  A 6  ? 0.4814 0.3745 0.4419 0.0292  0.0599  0.0080  6  DA  A C6    
117 N N6    . DA  A 6  ? 0.5034 0.3967 0.4682 0.0375  0.0556  0.0095  6  DA  A N6    
118 N N1    . DA  A 6  ? 0.5274 0.4239 0.4798 0.0280  0.0561  0.0146  6  DA  A N1    
119 C C2    . DA  A 6  ? 0.5470 0.4375 0.4887 0.0153  0.0552  0.0154  6  DA  A C2    
120 N N3    . DA  A 6  ? 0.5961 0.4724 0.5266 0.0030  0.0627  0.0081  6  DA  A N3    
121 C C4    . DA  A 6  ? 0.5747 0.4495 0.5193 0.0073  0.0723  0.0004  6  DA  A C4    
122 P P     . DT  A 7  ? 1.0444 0.7828 0.8532 -0.0780 0.1264  -0.0227 7  DT  A P     
123 O OP1   . DT  A 7  ? 0.9749 0.6610 0.7209 -0.1065 0.1339  -0.0268 7  DT  A OP1   
124 O OP2   . DT  A 7  ? 0.9246 0.6754 0.7737 -0.0648 0.1451  -0.0282 7  DT  A OP2   
125 O "O5'" . DT  A 7  ? 0.8351 0.6017 0.6499 -0.0734 0.0951  -0.0074 7  DT  A "O5'" 
126 C "C5'" . DT  A 7  ? 0.8225 0.6031 0.6377 -0.0715 0.0725  0.0035  7  DT  A "C5'" 
127 C "C4'" . DT  A 7  ? 0.7407 0.5585 0.5913 -0.0551 0.0557  0.0159  7  DT  A "C4'" 
128 O "O4'" . DT  A 7  ? 0.7072 0.5508 0.5946 -0.0324 0.0643  0.0108  7  DT  A "O4'" 
129 C "C3'" . DT  A 7  ? 0.7978 0.6144 0.6458 -0.0612 0.0523  0.0206  7  DT  A "C3'" 
130 O "O3'" . DT  A 7  ? 0.8363 0.6568 0.6819 -0.0705 0.0275  0.0387  7  DT  A "O3'" 
131 C "C2'" . DT  A 7  ? 0.7478 0.5934 0.6354 -0.0386 0.0609  0.0172  7  DT  A "C2'" 
132 C "C1'" . DT  A 7  ? 0.7044 0.5689 0.6138 -0.0219 0.0590  0.0173  7  DT  A "C1'" 
133 N N1    . DT  A 7  ? 0.6485 0.5288 0.5849 -0.0042 0.0673  0.0117  7  DT  A N1    
134 C C2    . DT  A 7  ? 0.5840 0.4830 0.5380 0.0110  0.0604  0.0179  7  DT  A C2    
135 O O2    . DT  A 7  ? 0.5532 0.4599 0.5103 0.0136  0.0518  0.0281  7  DT  A O2    
136 N N3    . DT  A 7  ? 0.5512 0.4552 0.5197 0.0216  0.0645  0.0134  7  DT  A N3    
137 C C4    . DT  A 7  ? 0.6189 0.5172 0.5985 0.0199  0.0729  0.0061  7  DT  A C4    
138 O O4    . DT  A 7  ? 0.6252 0.5280 0.6207 0.0276  0.0703  0.0067  7  DT  A O4    
139 C C5    . DT  A 7  ? 0.6298 0.5121 0.6004 0.0068  0.0851  -0.0003 7  DT  A C5    
140 C C7    . DT  A 7  ? 0.6311 0.5052 0.6239 0.0053  0.1006  -0.0069 7  DT  A C7    
141 C C6    . DT  A 7  ? 0.6629 0.5338 0.6061 -0.0053 0.0824  0.0015  7  DT  A C6    
142 P P     . DT  A 8  ? 0.9144 0.7312 0.7551 -0.0822 0.0152  0.0498  8  DT  A P     
143 O OP1   . DT  A 8  ? 0.9537 0.7458 0.7644 -0.1085 -0.0094 0.0653  8  DT  A OP1   
144 O OP2   . DT  A 8  ? 0.8326 0.6336 0.6577 -0.0848 0.0358  0.0352  8  DT  A OP2   
145 O "O5'" . DT  A 8  ? 0.7888 0.6485 0.6842 -0.0572 0.0099  0.0606  8  DT  A "O5'" 
146 C "C5'" . DT  A 8  ? 0.7609 0.6397 0.6853 -0.0475 -0.0012 0.0740  8  DT  A "C5'" 
147 C "C4'" . DT  A 8  ? 0.7388 0.6474 0.7061 -0.0237 0.0058  0.0785  8  DT  A "C4'" 
148 O "O4'" . DT  A 8  ? 0.6659 0.5785 0.6318 -0.0084 0.0249  0.0609  8  DT  A "O4'" 
149 C "C3'" . DT  A 8  ? 0.7549 0.6714 0.7368 -0.0254 0.0008  0.0881  8  DT  A "C3'" 
150 O "O3'" . DT  A 8  ? 0.7681 0.7038 0.7937 -0.0172 -0.0076 0.1090  8  DT  A "O3'" 
151 C "C2'" . DT  A 8  ? 0.6855 0.6091 0.6689 -0.0106 0.0198  0.0724  8  DT  A "C2'" 
152 C "C1'" . DT  A 8  ? 0.6709 0.5977 0.6563 0.0037  0.0310  0.0621  8  DT  A "C1'" 
153 N N1    . DT  A 8  ? 0.6270 0.5512 0.6052 0.0110  0.0446  0.0459  8  DT  A N1    
154 C C2    . DT  A 8  ? 0.6135 0.5457 0.6036 0.0273  0.0516  0.0432  8  DT  A C2    
155 O O2    . DT  A 8  ? 0.6334 0.5719 0.6362 0.0371  0.0525  0.0515  8  DT  A O2    
156 N N3    . DT  A 8  ? 0.5476 0.4757 0.5342 0.0300  0.0582  0.0320  8  DT  A N3    
157 C C4    . DT  A 8  ? 0.5152 0.4340 0.4962 0.0209  0.0634  0.0230  8  DT  A C4    
158 O O4    . DT  A 8  ? 0.4813 0.3992 0.4721 0.0249  0.0686  0.0169  8  DT  A O4    
159 C C5    . DT  A 8  ? 0.6182 0.5247 0.5817 0.0048  0.0625  0.0235  8  DT  A C5    
160 C C7    . DT  A 8  ? 0.6790 0.5658 0.6306 -0.0067 0.0755  0.0129  8  DT  A C7    
161 C C6    . DT  A 8  ? 0.6394 0.5479 0.5983 -0.0007 0.0506  0.0349  8  DT  A C6    
162 C C4    . 9V9 A 9  ? 0.5804 0.5215 0.5837 0.0273  0.0596  0.0384  9  9V9 A C4    
163 C C5    . 9V9 A 9  ? 0.6315 0.5712 0.6305 0.0171  0.0506  0.0482  9  9V9 A C5    
164 C C6    . 9V9 A 9  ? 0.6110 0.5604 0.6264 0.0243  0.0462  0.0608  9  9V9 A C6    
165 P P     . 9V9 A 9  ? 0.7759 0.7231 0.8291 -0.0186 -0.0152 0.1249  9  9V9 A P     
166 O OP1   . 9V9 A 9  ? 0.7235 0.6826 0.8238 -0.0200 -0.0308 0.1529  9  9V9 A OP1   
167 O OP2   . 9V9 A 9  ? 0.7517 0.6801 0.7661 -0.0373 -0.0209 0.1172  9  9V9 A OP2   
168 O "O5'" . 9V9 A 9  ? 0.6438 0.6060 0.7144 0.0060  0.0086  0.1147  9  9V9 A "O5'" 
169 C "C5'" . 9V9 A 9  ? 0.6305 0.6015 0.7294 0.0238  0.0211  0.1193  9  9V9 A "C5'" 
170 C "C4'" . 9V9 A 9  ? 0.6235 0.5942 0.7141 0.0407  0.0425  0.1046  9  9V9 A "C4'" 
171 O "O4'" . 9V9 A 9  ? 0.6215 0.5818 0.6757 0.0384  0.0454  0.0845  9  9V9 A "O4'" 
172 C "C1'" . 9V9 A 9  ? 0.6257 0.5850 0.6731 0.0481  0.0573  0.0749  9  9V9 A "C1'" 
173 N N1    . 9V9 A 9  ? 0.5858 0.5399 0.6116 0.0399  0.0546  0.0613  9  9V9 A N1    
174 C C2    . 9V9 A 9  ? 0.6073 0.5565 0.6236 0.0466  0.0617  0.0502  9  9V9 A C2    
175 N N3    . 9V9 A 9  ? 0.5549 0.5005 0.5647 0.0403  0.0615  0.0408  9  9V9 A N3    
176 O O4    . 9V9 A 9  ? 0.5899 0.5241 0.5910 0.0223  0.0655  0.0295  9  9V9 A O4    
177 C C5M   . 9V9 A 9  ? 0.7211 0.6437 0.6978 -0.0026 0.0474  0.0458  9  9V9 A C5M   
178 S S1    . 9V9 A 9  ? 0.6180 0.5595 0.6304 0.0594  0.0705  0.0508  9  9V9 A S1    
179 C "C2'" . 9V9 A 9  ? 0.6430 0.6111 0.7197 0.0550  0.0625  0.0895  9  9V9 A "C2'" 
180 O "O2'" . 9V9 A 9  ? 0.6018 0.5660 0.6946 0.0658  0.0742  0.0966  9  9V9 A "O2'" 
181 C "C6'" . 9V9 A 9  ? 0.5650 0.5340 0.6727 0.0584  0.0620  0.1069  9  9V9 A "C6'" 
182 C "C3'" . 9V9 A 9  ? 0.6315 0.6083 0.7295 0.0430  0.0461  0.1058  9  9V9 A "C3'" 
183 O "O3'" . 9V9 A 9  ? 0.6853 0.6717 0.8243 0.0517  0.0528  0.1233  9  9V9 A "O3'" 
184 P P     . DG  A 10 ? 0.6710 0.6656 0.8245 0.0520  0.0534  0.1293  10 DG  A P     
185 O OP1   . DG  A 10 ? 0.7473 0.7530 0.9553 0.0570  0.0561  0.1535  10 DG  A OP1   
186 O OP2   . DG  A 10 ? 0.6592 0.6512 0.7849 0.0353  0.0367  0.1221  10 DG  A OP2   
187 O "O5'" . DG  A 10 ? 0.7821 0.7674 0.9168 0.0667  0.0763  0.1145  10 DG  A "O5'" 
188 C "C5'" . DG  A 10 ? 0.7958 0.7686 0.9334 0.0802  0.0977  0.1141  10 DG  A "C5'" 
189 C "C4'" . DG  A 10 ? 0.8207 0.7756 0.9209 0.0857  0.1105  0.0982  10 DG  A "C4'" 
190 O "O4'" . DG  A 10 ? 0.7445 0.6974 0.8120 0.0778  0.0965  0.0829  10 DG  A "O4'" 
191 C "C3'" . DG  A 10 ? 0.8231 0.7813 0.9298 0.0874  0.1154  0.1009  10 DG  A "C3'" 
192 O "O3'" . DG  A 10 ? 0.9104 0.8433 0.9833 0.0929  0.1312  0.0909  10 DG  A "O3'" 
193 C "C2'" . DG  A 10 ? 0.7880 0.7571 0.8801 0.0766  0.0954  0.0925  10 DG  A "C2'" 
194 C "C1'" . DG  A 10 ? 0.7416 0.6987 0.8022 0.0745  0.0920  0.0782  10 DG  A "C1'" 
195 N N9    . DG  A 10 ? 0.6341 0.5975 0.6853 0.0639  0.0771  0.0703  10 DG  A N9    
196 C C8    . DG  A 10 ? 0.6065 0.5792 0.6662 0.0528  0.0654  0.0746  10 DG  A C8    
197 N N7    . DG  A 10 ? 0.6050 0.5729 0.6478 0.0442  0.0606  0.0637  10 DG  A N7    
198 C C5    . DG  A 10 ? 0.5956 0.5565 0.6280 0.0509  0.0664  0.0538  10 DG  A C5    
199 C C6    . DG  A 10 ? 0.5452 0.5002 0.5702 0.0470  0.0656  0.0431  10 DG  A C6    
200 O O6    . DG  A 10 ? 0.5557 0.5080 0.5793 0.0380  0.0654  0.0375  10 DG  A O6    
201 N N1    . DG  A 10 ? 0.5408 0.4878 0.5597 0.0534  0.0662  0.0404  10 DG  A N1    
202 C C2    . DG  A 10 ? 0.5510 0.4893 0.5594 0.0609  0.0704  0.0446  10 DG  A C2    
203 N N2    . DG  A 10 ? 0.5555 0.4774 0.5477 0.0613  0.0673  0.0419  10 DG  A N2    
204 N N3    . DG  A 10 ? 0.5638 0.5047 0.5778 0.0659  0.0780  0.0524  10 DG  A N3    
205 C C4    . DG  A 10 ? 0.6263 0.5820 0.6580 0.0614  0.0742  0.0578  10 DG  A C4    
206 P P     . DC  A 11 ? 0.8507 0.7681 0.9311 0.1013  0.1563  0.0979  11 DC  A P     
207 O OP1   . DC  A 11 ? 0.8839 0.7925 0.9916 0.1098  0.1783  0.1088  11 DC  A OP1   
208 O OP2   . DC  A 11 ? 0.7486 0.6878 0.8534 0.0987  0.1475  0.1046  11 DC  A OP2   
209 O "O5'" . DC  A 11 ? 0.8452 0.7258 0.8665 0.0995  0.1640  0.0834  11 DC  A "O5'" 
210 C "C5'" . DC  A 11 ? 0.8597 0.7160 0.8423 0.0968  0.1629  0.0738  11 DC  A "C5'" 
211 C "C4'" . DC  A 11 ? 0.8932 0.7355 0.8344 0.0875  0.1456  0.0633  11 DC  A "C4'" 
212 O "O4'" . DC  A 11 ? 0.8049 0.6802 0.7674 0.0824  0.1207  0.0607  11 DC  A "O4'" 
213 C "C3'" . DC  A 11 ? 0.9503 0.7744 0.8709 0.0853  0.1516  0.0635  11 DC  A "C3'" 
214 O "O3'" . DC  A 11 ? 1.0684 0.8541 0.9340 0.0755  0.1437  0.0566  11 DC  A "O3'" 
215 C "C2'" . DC  A 11 ? 0.8868 0.7496 0.8410 0.0832  0.1325  0.0652  11 DC  A "C2'" 
216 C "C1'" . DC  A 11 ? 0.8094 0.6894 0.7700 0.0783  0.1120  0.0597  11 DC  A "C1'" 
217 N N1    . DC  A 11 ? 0.6696 0.5843 0.6642 0.0758  0.0987  0.0605  11 DC  A N1    
218 C C2    . DC  A 11 ? 0.6136 0.5349 0.6082 0.0689  0.0827  0.0539  11 DC  A C2    
219 O O2    . DC  A 11 ? 0.5485 0.4516 0.5217 0.0653  0.0758  0.0501  11 DC  A O2    
220 N N3    . DC  A 11 ? 0.5735 0.5170 0.5915 0.0648  0.0761  0.0532  11 DC  A N3    
221 C C4    . DC  A 11 ? 0.6066 0.5648 0.6427 0.0653  0.0790  0.0597  11 DC  A C4    
222 N N4    . DC  A 11 ? 0.6394 0.6096 0.6864 0.0575  0.0722  0.0585  11 DC  A N4    
223 C C5    . DC  A 11 ? 0.6102 0.5673 0.6552 0.0723  0.0901  0.0695  11 DC  A C5    
224 C C6    . DC  A 11 ? 0.6215 0.5570 0.6476 0.0784  0.1025  0.0689  11 DC  A C6    
225 P P     . DG  A 12 ? 1.2501 0.9976 1.0726 0.0685  0.1497  0.0565  12 DG  A P     
226 O OP1   . DG  A 12 ? 1.2996 0.9900 1.0699 0.0665  0.1768  0.0545  12 DG  A OP1   
227 O OP2   . DG  A 12 ? 1.0865 0.8629 0.9463 0.0742  0.1539  0.0618  12 DG  A OP2   
228 O "O5'" . DG  A 12 ? 1.2444 0.9858 1.0441 0.0545  0.1157  0.0539  12 DG  A "O5'" 
229 C "C5'" . DG  A 12 ? 1.0745 0.8604 0.9188 0.0543  0.0911  0.0538  12 DG  A "C5'" 
230 C "C4'" . DG  A 12 ? 0.9665 0.7616 0.8207 0.0481  0.0742  0.0567  12 DG  A "C4'" 
231 O "O4'" . DG  A 12 ? 0.8273 0.6703 0.7360 0.0546  0.0713  0.0567  12 DG  A "O4'" 
232 C "C3'" . DG  A 12 ? 0.9367 0.7068 0.7636 0.0456  0.0846  0.0596  12 DG  A "C3'" 
233 O "O3'" . DG  A 12 ? 1.0499 0.8073 0.8636 0.0325  0.0590  0.0633  12 DG  A "O3'" 
234 C "C2'" . DG  A 12 ? 0.8925 0.7037 0.7678 0.0566  0.0952  0.0614  12 DG  A "C2'" 
235 C "C1'" . DG  A 12 ? 0.8059 0.6585 0.7262 0.0576  0.0783  0.0598  12 DG  A "C1'" 
236 N N9    . DG  A 12 ? 0.7109 0.5985 0.6711 0.0659  0.0871  0.0607  12 DG  A N9    
237 C C8    . DG  A 12 ? 0.6999 0.5913 0.6708 0.0739  0.1061  0.0655  12 DG  A C8    
238 N N7    . DG  A 12 ? 0.6921 0.6142 0.6993 0.0762  0.1037  0.0685  12 DG  A N7    
239 C C5    . DG  A 12 ? 0.6186 0.5543 0.6331 0.0697  0.0868  0.0629  12 DG  A C5    
240 C C6    . DG  A 12 ? 0.5402 0.4988 0.5786 0.0658  0.0796  0.0619  12 DG  A C6    
241 O O6    . DG  A 12 ? 0.5335 0.5058 0.5891 0.0654  0.0808  0.0675  12 DG  A O6    
242 N N1    . DG  A 12 ? 0.5290 0.4886 0.5691 0.0599  0.0702  0.0551  12 DG  A N1    
243 C C2    . DG  A 12 ? 0.5224 0.4682 0.5522 0.0579  0.0630  0.0528  12 DG  A C2    
244 N N2    . DG  A 12 ? 0.5047 0.4556 0.5520 0.0528  0.0561  0.0493  12 DG  A N2    
245 N N3    . DG  A 12 ? 0.5362 0.4600 0.5398 0.0588  0.0632  0.0553  12 DG  A N3    
246 C C4    . DG  A 12 ? 0.5930 0.5108 0.5860 0.0648  0.0775  0.0588  12 DG  A C4    
247 O "O5'" . DC  B 1  ? 0.9428 0.8353 0.9350 -0.0165 0.1666  0.0187  1  DC  B "O5'" 
248 C "C5'" . DC  B 1  ? 0.8605 0.7592 0.8777 -0.0030 0.1746  0.0215  1  DC  B "C5'" 
249 C "C4'" . DC  B 1  ? 0.8243 0.7457 0.8404 0.0096  0.1545  0.0287  1  DC  B "C4'" 
250 O "O4'" . DC  B 1  ? 0.7507 0.6878 0.7584 0.0154  0.1395  0.0365  1  DC  B "O4'" 
251 C "C3'" . DC  B 1  ? 0.7879 0.7034 0.7824 0.0027  0.1485  0.0203  1  DC  B "C3'" 
252 O "O3'" . DC  B 1  ? 0.8445 0.7701 0.8575 0.0145  0.1440  0.0258  1  DC  B "O3'" 
253 C "C2'" . DC  B 1  ? 0.7562 0.6859 0.7325 0.0040  0.1288  0.0244  1  DC  B "C2'" 
254 C "C1'" . DC  B 1  ? 0.6989 0.6436 0.6913 0.0185  0.1257  0.0360  1  DC  B "C1'" 
255 N N1    . DC  B 1  ? 0.7089 0.6636 0.6950 0.0212  0.1168  0.0429  1  DC  B N1    
256 C C2    . DC  B 1  ? 0.6279 0.5906 0.6104 0.0355  0.1117  0.0506  1  DC  B C2    
257 O O2    . DC  B 1  ? 0.5847 0.5458 0.5643 0.0431  0.1094  0.0519  1  DC  B O2    
258 N N3    . DC  B 1  ? 0.6522 0.6202 0.6346 0.0390  0.1104  0.0577  1  DC  B N3    
259 C C4    . DC  B 1  ? 0.7327 0.7038 0.7258 0.0286  0.1084  0.0607  1  DC  B C4    
260 N N4    . DC  B 1  ? 0.8118 0.7902 0.8180 0.0335  0.1086  0.0720  1  DC  B N4    
261 C C5    . DC  B 1  ? 0.7164 0.6792 0.7071 0.0110  0.1067  0.0534  1  DC  B C5    
262 C C6    . DC  B 1  ? 0.7068 0.6587 0.6899 0.0081  0.1138  0.0431  1  DC  B C6    
263 P P     . DG  B 2  ? 0.9541 0.8670 0.9914 0.0130  0.1614  0.0233  2  DG  B P     
264 O OP1   . DG  B 2  ? 0.9355 0.8401 1.0042 0.0140  0.1819  0.0272  2  DG  B OP1   
265 O OP2   . DG  B 2  ? 0.9685 0.8631 0.9772 0.0000  0.1675  0.0101  2  DG  B OP2   
266 O "O5'" . DG  B 2  ? 0.8285 0.7603 0.8882 0.0262  0.1433  0.0362  2  DG  B "O5'" 
267 C "C5'" . DG  B 2  ? 0.8288 0.7719 0.9156 0.0356  0.1366  0.0518  2  DG  B "C5'" 
268 C "C4'" . DG  B 2  ? 0.7458 0.7001 0.8226 0.0422  0.1100  0.0617  2  DG  B "C4'" 
269 O "O4'" . DG  B 2  ? 0.7221 0.6780 0.7566 0.0439  0.1005  0.0572  2  DG  B "O4'" 
270 C "C3'" . DG  B 2  ? 0.7473 0.7009 0.8266 0.0402  0.1025  0.0591  2  DG  B "C3'" 
271 O "O3'" . DG  B 2  ? 0.7869 0.7465 0.8913 0.0435  0.0836  0.0758  2  DG  B "O3'" 
272 C "C2'" . DG  B 2  ? 0.7243 0.6774 0.7569 0.0387  0.0929  0.0481  2  DG  B "C2'" 
273 C "C1'" . DG  B 2  ? 0.7270 0.6825 0.7369 0.0433  0.0883  0.0518  2  DG  B "C1'" 
274 N N9    . DG  B 2  ? 0.6654 0.6207 0.6491 0.0404  0.0920  0.0427  2  DG  B N9    
275 C C8    . DG  B 2  ? 0.6851 0.6363 0.6657 0.0306  0.1020  0.0331  2  DG  B C8    
276 N N7    . DG  B 2  ? 0.6201 0.5742 0.5830 0.0283  0.0977  0.0318  2  DG  B N7    
277 C C5    . DG  B 2  ? 0.5350 0.4932 0.4892 0.0393  0.0905  0.0390  2  DG  B C5    
278 C C6    . DG  B 2  ? 0.5599 0.5201 0.5022 0.0436  0.0893  0.0427  2  DG  B C6    
279 O O6    . DG  B 2  ? 0.5419 0.5063 0.4875 0.0384  0.0897  0.0434  2  DG  B O6    
280 N N1    . DG  B 2  ? 0.5524 0.5050 0.4783 0.0535  0.0877  0.0481  2  DG  B N1    
281 C C2    . DG  B 2  ? 0.5656 0.5112 0.4852 0.0560  0.0808  0.0516  2  DG  B C2    
282 N N2    . DG  B 2  ? 0.5943 0.5243 0.4845 0.0613  0.0781  0.0567  2  DG  B N2    
283 N N3    . DG  B 2  ? 0.5592 0.5092 0.5007 0.0522  0.0774  0.0521  2  DG  B N3    
284 C C4    . DG  B 2  ? 0.6046 0.5604 0.5634 0.0452  0.0855  0.0445  2  DG  B C4    
285 P P     . DC  B 3  ? 0.7870 0.7472 0.8995 0.0414  0.0714  0.0767  3  DC  B P     
286 O OP1   . DC  B 3  ? 0.7599 0.7258 0.9195 0.0419  0.0547  0.0995  3  DC  B OP1   
287 O OP2   . DC  B 3  ? 0.7826 0.7355 0.8919 0.0371  0.0937  0.0602  3  DC  B OP2   
288 O "O5'" . DC  B 3  ? 0.6954 0.6528 0.7519 0.0417  0.0493  0.0716  3  DC  B "O5'" 
289 C "C5'" . DC  B 3  ? 0.6248 0.5771 0.6595 0.0421  0.0257  0.0842  3  DC  B "C5'" 
290 C "C4'" . DC  B 3  ? 0.6269 0.5684 0.6038 0.0426  0.0196  0.0731  3  DC  B "C4'" 
291 O "O4'" . DC  B 3  ? 0.5930 0.5377 0.5553 0.0456  0.0399  0.0603  3  DC  B "O4'" 
292 C "C3'" . DC  B 3  ? 0.6524 0.5927 0.6245 0.0396  0.0125  0.0657  3  DC  B "C3'" 
293 O "O3'" . DC  B 3  ? 0.7928 0.7224 0.7548 0.0346  -0.0142 0.0772  3  DC  B "O3'" 
294 C "C2'" . DC  B 3  ? 0.6781 0.6135 0.6095 0.0422  0.0222  0.0514  3  DC  B "C2'" 
295 C "C1'" . DC  B 3  ? 0.6023 0.5413 0.5313 0.0460  0.0383  0.0504  3  DC  B "C1'" 
296 N N1    . DC  B 3  ? 0.5876 0.5349 0.5237 0.0445  0.0538  0.0401  3  DC  B N1    
297 C C2    . DC  B 3  ? 0.5660 0.5124 0.4809 0.0466  0.0596  0.0361  3  DC  B C2    
298 O O2    . DC  B 3  ? 0.5833 0.5185 0.4725 0.0517  0.0577  0.0392  3  DC  B O2    
299 N N3    . DC  B 3  ? 0.5225 0.4758 0.4453 0.0414  0.0677  0.0309  3  DC  B N3    
300 C C4    . DC  B 3  ? 0.5536 0.5081 0.4913 0.0334  0.0726  0.0257  3  DC  B C4    
301 N N4    . DC  B 3  ? 0.6220 0.5765 0.5555 0.0240  0.0770  0.0212  3  DC  B N4    
302 C C5    . DC  B 3  ? 0.5650 0.5176 0.5237 0.0331  0.0742  0.0273  3  DC  B C5    
303 C C6    . DC  B 3  ? 0.5434 0.4957 0.5064 0.0393  0.0631  0.0361  3  DC  B C6    
304 P P     . DG  B 4  ? 0.8245 0.7511 0.7854 0.0302  -0.0273 0.0737  4  DG  B P     
305 O OP1   . DG  B 4  ? 0.9300 0.8470 0.8970 0.0216  -0.0588 0.0921  4  DG  B OP1   
306 O OP2   . DG  B 4  ? 0.7614 0.7031 0.7584 0.0327  -0.0073 0.0645  4  DG  B OP2   
307 O "O5'" . DG  B 4  ? 0.8078 0.7164 0.7056 0.0314  -0.0256 0.0601  4  DG  B "O5'" 
308 C "C5'" . DG  B 4  ? 0.8464 0.7287 0.6923 0.0280  -0.0370 0.0646  4  DG  B "C5'" 
309 C "C4'" . DG  B 4  ? 0.8267 0.6937 0.6275 0.0326  -0.0205 0.0500  4  DG  B "C4'" 
310 O "O4'" . DG  B 4  ? 0.7582 0.6480 0.5858 0.0408  0.0034  0.0427  4  DG  B "O4'" 
311 C "C3'" . DG  B 4  ? 0.8362 0.6962 0.6256 0.0296  -0.0270 0.0420  4  DG  B "C3'" 
312 O "O3'" . DG  B 4  ? 0.8726 0.6982 0.6021 0.0291  -0.0203 0.0358  4  DG  B "O3'" 
313 C "C2'" . DG  B 4  ? 0.7937 0.6821 0.6224 0.0358  -0.0095 0.0335  4  DG  B "C2'" 
314 C "C1'" . DG  B 4  ? 0.7334 0.6277 0.5610 0.0422  0.0103  0.0326  4  DG  B "C1'" 
315 N N9    . DG  B 4  ? 0.6906 0.6086 0.5524 0.0442  0.0246  0.0287  4  DG  B N9    
316 C C8    . DG  B 4  ? 0.5770 0.5109 0.4750 0.0408  0.0260  0.0285  4  DG  B C8    
317 N N7    . DG  B 4  ? 0.5968 0.5403 0.5048 0.0396  0.0396  0.0238  4  DG  B N7    
318 C C5    . DG  B 4  ? 0.5544 0.4945 0.4427 0.0435  0.0450  0.0234  4  DG  B C5    
319 C C6    . DG  B 4  ? 0.5720 0.5199 0.4659 0.0422  0.0546  0.0233  4  DG  B C6    
320 O O6    . DG  B 4  ? 0.6195 0.5753 0.5266 0.0345  0.0579  0.0216  4  DG  B O6    
321 N N1    . DG  B 4  ? 0.5704 0.5117 0.4523 0.0488  0.0608  0.0271  4  DG  B N1    
322 C C2    . DG  B 4  ? 0.6687 0.5907 0.5235 0.0549  0.0615  0.0278  4  DG  B C2    
323 N N2    . DG  B 4  ? 0.7235 0.6346 0.5694 0.0614  0.0759  0.0313  4  DG  B N2    
324 N N3    . DG  B 4  ? 0.6502 0.5597 0.4870 0.0530  0.0493  0.0265  4  DG  B N3    
325 C C4    . DG  B 4  ? 0.6205 0.5436 0.4809 0.0477  0.0398  0.0257  4  DG  B C4    
326 P P     . DA  B 5  ? 1.0839 0.8919 0.7877 0.0277  -0.0182 0.0252  5  DA  B P     
327 O OP1   . DA  B 5  ? 1.2747 1.0320 0.9075 0.0187  -0.0245 0.0242  5  DA  B OP1   
328 O OP2   . DA  B 5  ? 1.0345 0.8671 0.7819 0.0249  -0.0322 0.0254  5  DA  B OP2   
329 O "O5'" . DA  B 5  ? 0.9879 0.8016 0.6953 0.0393  0.0138  0.0174  5  DA  B "O5'" 
330 C "C5'" . DA  B 5  ? 0.9905 0.7864 0.6726 0.0446  0.0340  0.0189  5  DA  B "C5'" 
331 C "C4'" . DA  B 5  ? 0.9941 0.7991 0.6962 0.0545  0.0608  0.0154  5  DA  B "C4'" 
332 O "O4'" . DA  B 5  ? 0.9880 0.8368 0.7467 0.0572  0.0595  0.0182  5  DA  B "O4'" 
333 C "C3'" . DA  B 5  ? 0.9997 0.7905 0.6913 0.0543  0.0654  0.0083  5  DA  B "C3'" 
334 O "O3'" . DA  B 5  ? 1.0312 0.8043 0.7175 0.0629  0.0967  0.0086  5  DA  B "O3'" 
335 C "C2'" . DA  B 5  ? 0.9462 0.7784 0.6893 0.0535  0.0530  0.0082  5  DA  B "C2'" 
336 C "C1'" . DA  B 5  ? 0.8605 0.7237 0.6417 0.0568  0.0583  0.0144  5  DA  B "C1'" 
337 N N9    . DA  B 5  ? 0.7533 0.6469 0.5695 0.0518  0.0449  0.0147  5  DA  B N9    
338 C C8    . DA  B 5  ? 0.6810 0.5785 0.5024 0.0461  0.0279  0.0142  5  DA  B C8    
339 N N7    . DA  B 5  ? 0.6088 0.5284 0.4626 0.0430  0.0270  0.0142  5  DA  B N7    
340 C C5    . DA  B 5  ? 0.5683 0.4988 0.4328 0.0441  0.0390  0.0147  5  DA  B C5    
341 C C6    . DA  B 5  ? 0.5343 0.4805 0.4196 0.0380  0.0420  0.0148  5  DA  B C6    
342 N N6    . DA  B 5  ? 0.5366 0.4874 0.4337 0.0313  0.0403  0.0116  5  DA  B N6    
343 N N1    . DA  B 5  ? 0.5929 0.5458 0.4860 0.0373  0.0479  0.0197  5  DA  B N1    
344 C C2    . DA  B 5  ? 0.5935 0.5394 0.4823 0.0454  0.0558  0.0244  5  DA  B C2    
345 N N3    . DA  B 5  ? 0.6459 0.5723 0.5113 0.0529  0.0604  0.0223  5  DA  B N3    
346 C C4    . DA  B 5  ? 0.6390 0.5574 0.4881 0.0505  0.0491  0.0169  5  DA  B C4    
347 P P     . DA  B 6  ? 1.0945 0.8491 0.7774 0.0658  0.1130  0.0036  6  DA  B P     
348 O OP1   . DA  B 6  ? 1.2564 0.9669 0.9070 0.0719  0.1485  0.0034  6  DA  B OP1   
349 O OP2   . DA  B 6  ? 1.1342 0.8791 0.7941 0.0562  0.0888  -0.0041 6  DA  B OP2   
350 O "O5'" . DA  B 6  ? 1.1038 0.9067 0.8588 0.0718  0.1156  0.0116  6  DA  B "O5'" 
351 C "C5'" . DA  B 6  ? 1.0086 0.8321 0.8035 0.0785  0.1305  0.0231  6  DA  B "C5'" 
352 C "C4'" . DA  B 6  ? 0.8449 0.7095 0.6989 0.0772  0.1220  0.0320  6  DA  B "C4'" 
353 O "O4'" . DA  B 6  ? 0.7548 0.6453 0.6148 0.0680  0.0950  0.0280  6  DA  B "O4'" 
354 C "C3'" . DA  B 6  ? 0.8750 0.7369 0.7460 0.0787  0.1279  0.0333  6  DA  B "C3'" 
355 O "O3'" . DA  B 6  ? 0.8809 0.7639 0.8097 0.0825  0.1386  0.0507  6  DA  B "O3'" 
356 C "C2'" . DA  B 6  ? 0.8135 0.6946 0.6836 0.0695  0.0999  0.0264  6  DA  B "C2'" 
357 C "C1'" . DA  B 6  ? 0.7236 0.6298 0.6040 0.0633  0.0841  0.0281  6  DA  B "C1'" 
358 N N9    . DA  B 6  ? 0.6604 0.5735 0.5274 0.0556  0.0637  0.0192  6  DA  B N9    
359 C C8    . DA  B 6  ? 0.6828 0.5777 0.5179 0.0540  0.0550  0.0105  6  DA  B C8    
360 N N7    . DA  B 6  ? 0.6505 0.5593 0.4939 0.0476  0.0395  0.0079  6  DA  B N7    
361 C C5    . DA  B 6  ? 0.5859 0.5176 0.4574 0.0437  0.0403  0.0121  6  DA  B C5    
362 C C6    . DA  B 6  ? 0.5387 0.4842 0.4236 0.0353  0.0336  0.0107  6  DA  B C6    
363 N N6    . DA  B 6  ? 0.5938 0.5376 0.4791 0.0325  0.0270  0.0063  6  DA  B N6    
364 N N1    . DA  B 6  ? 0.5334 0.4908 0.4317 0.0284  0.0350  0.0156  6  DA  B N1    
365 C C2    . DA  B 6  ? 0.5807 0.5425 0.4906 0.0307  0.0395  0.0248  6  DA  B C2    
366 N N3    . DA  B 6  ? 0.5613 0.5150 0.4720 0.0412  0.0497  0.0287  6  DA  B N3    
367 C C4    . DA  B 6  ? 0.6073 0.5430 0.4927 0.0471  0.0513  0.0202  6  DA  B C4    
368 P P     . DT  B 7  ? 0.9137 0.8001 0.8788 0.0847  0.1461  0.0593  7  DT  B P     
369 O OP1   . DT  B 7  ? 1.0074 0.8849 1.0140 0.0954  0.1780  0.0759  7  DT  B OP1   
370 O OP2   . DT  B 7  ? 0.9413 0.8037 0.8629 0.0831  0.1427  0.0427  7  DT  B OP2   
371 O "O5'" . DT  B 7  ? 0.8577 0.7860 0.8604 0.0728  0.1156  0.0691  7  DT  B "O5'" 
372 C "C5'" . DT  B 7  ? 0.8000 0.7530 0.8224 0.0647  0.1005  0.0783  7  DT  B "C5'" 
373 C "C4'" . DT  B 7  ? 0.7087 0.6826 0.7316 0.0493  0.0717  0.0779  7  DT  B "C4'" 
374 O "O4'" . DT  B 7  ? 0.7274 0.6921 0.7045 0.0466  0.0628  0.0575  7  DT  B "O4'" 
375 C "C3'" . DT  B 7  ? 0.7072 0.6901 0.7590 0.0455  0.0650  0.0887  7  DT  B "C3'" 
376 O "O3'" . DT  B 7  ? 0.7092 0.7141 0.7909 0.0304  0.0445  0.1069  7  DT  B "O3'" 
377 C "C2'" . DT  B 7  ? 0.6966 0.6717 0.7095 0.0420  0.0550  0.0700  7  DT  B "C2'" 
378 C "C1'" . DT  B 7  ? 0.6944 0.6667 0.6715 0.0377  0.0479  0.0558  7  DT  B "C1'" 
379 N N1    . DT  B 7  ? 0.6128 0.5722 0.5538 0.0391  0.0448  0.0374  7  DT  B N1    
380 C C2    . DT  B 7  ? 0.5868 0.5522 0.5157 0.0288  0.0322  0.0308  7  DT  B C2    
381 O O2    . DT  B 7  ? 0.5705 0.5458 0.5063 0.0170  0.0240  0.0367  7  DT  B O2    
382 N N3    . DT  B 7  ? 0.5540 0.5090 0.4624 0.0312  0.0299  0.0184  7  DT  B N3    
383 C C4    . DT  B 7  ? 0.6012 0.5387 0.4924 0.0393  0.0335  0.0120  7  DT  B C4    
384 O O4    . DT  B 7  ? 0.5877 0.5181 0.4659 0.0379  0.0255  0.0046  7  DT  B O4    
385 C C5    . DT  B 7  ? 0.6419 0.5666 0.5322 0.0478  0.0479  0.0162  7  DT  B C5    
386 C C7    . DT  B 7  ? 0.6854 0.5790 0.5427 0.0531  0.0545  0.0079  7  DT  B C7    
387 C C6    . DT  B 7  ? 0.6059 0.5430 0.5252 0.0489  0.0554  0.0287  7  DT  B C6    
388 P P     . DT  B 8  ? 0.8624 0.8832 0.9881 0.0208  0.0299  0.1295  8  DT  B P     
389 O OP1   . DT  B 8  ? 0.8348 0.8727 1.0094 0.0117  0.0191  0.1570  8  DT  B OP1   
390 O OP2   . DT  B 8  ? 0.7591 0.7702 0.8985 0.0347  0.0485  0.1279  8  DT  B OP2   
391 O "O5'" . DT  B 8  ? 0.7173 0.7387 0.8028 0.0025  0.0052  0.1193  8  DT  B "O5'" 
392 C "C5'" . DT  B 8  ? 0.8025 0.8187 0.8484 -0.0091 -0.0042 0.1070  8  DT  B "C5'" 
393 C "C4'" . DT  B 8  ? 0.7851 0.7936 0.7939 -0.0229 -0.0168 0.0959  8  DT  B "C4'" 
394 O "O4'" . DT  B 8  ? 0.8031 0.8005 0.7834 -0.0101 -0.0028 0.0726  8  DT  B "O4'" 
395 C "C3'" . DT  B 8  ? 0.8317 0.8471 0.8619 -0.0293 -0.0284 0.1107  8  DT  B "C3'" 
396 O "O3'" . DT  B 8  ? 0.9308 0.9370 0.9253 -0.0521 -0.0460 0.1090  8  DT  B "O3'" 
397 C "C2'" . DT  B 8  ? 0.8128 0.8218 0.8364 -0.0116 -0.0120 0.0945  8  DT  B "C2'" 
398 C "C1'" . DT  B 8  ? 0.7453 0.7415 0.7246 -0.0107 -0.0062 0.0709  8  DT  B "C1'" 
399 N N1    . DT  B 8  ? 0.6076 0.5940 0.5731 0.0048  0.0069  0.0534  8  DT  B N1    
400 C C2    . DT  B 8  ? 0.5691 0.5472 0.5073 0.0013  0.0060  0.0383  8  DT  B C2    
401 O O2    . DT  B 8  ? 0.5825 0.5572 0.5045 -0.0126 0.0007  0.0367  8  DT  B O2    
402 N N3    . DT  B 8  ? 0.5573 0.5267 0.4876 0.0131  0.0125  0.0263  8  DT  B N3    
403 C C4    . DT  B 8  ? 0.5494 0.5107 0.4831 0.0259  0.0207  0.0252  8  DT  B C4    
404 O O4    . DT  B 8  ? 0.4696 0.4180 0.3869 0.0311  0.0217  0.0147  8  DT  B O4    
405 C C5    . DT  B 8  ? 0.5863 0.5522 0.5443 0.0301  0.0285  0.0388  8  DT  B C5    
406 C C7    . DT  B 8  ? 0.6165 0.5648 0.5750 0.0434  0.0459  0.0373  8  DT  B C7    
407 C C6    . DT  B 8  ? 0.6243 0.6055 0.6033 0.0204  0.0203  0.0536  8  DT  B C6    
408 C C4    . 9V9 B 9  ? 0.5017 0.4768 0.4633 0.0104  0.0039  0.0386  9  9V9 B C4    
409 C C5    . 9V9 B 9  ? 0.5737 0.5607 0.5576 0.0038  -0.0010 0.0572  9  9V9 B C5    
410 C C6    . 9V9 B 9  ? 0.6034 0.5932 0.5745 -0.0136 -0.0136 0.0630  9  9V9 B C6    
411 P P     . 9V9 B 9  ? 0.9333 0.9439 0.9413 -0.0760 -0.0734 0.1357  9  9V9 B P     
412 O OP1   . 9V9 B 9  ? 0.9462 0.9478 0.9322 -0.0992 -0.0906 0.1434  9  9V9 B OP1   
413 O OP2   . 9V9 B 9  ? 0.8955 0.9261 0.9669 -0.0638 -0.0725 0.1573  9  9V9 B OP2   
414 O "O5'" . 9V9 B 9  ? 0.8860 0.8787 0.8461 -0.0882 -0.0769 0.1226  9  9V9 B "O5'" 
415 C "C5'" . 9V9 B 9  ? 0.8394 0.8367 0.8119 -0.0706 -0.0637 0.1135  9  9V9 B "C5'" 
416 C "C4'" . 9V9 B 9  ? 0.8244 0.8032 0.7509 -0.0692 -0.0501 0.0872  9  9V9 B "C4'" 
417 O "O4'" . 9V9 B 9  ? 0.7986 0.7790 0.7294 -0.0477 -0.0311 0.0695  9  9V9 B "O4'" 
418 C "C1'" . 9V9 B 9  ? 0.7744 0.7458 0.6893 -0.0428 -0.0224 0.0543  9  9V9 B "C1'" 
419 N N1    . 9V9 B 9  ? 0.6573 0.6365 0.5970 -0.0216 -0.0137 0.0497  9  9V9 B N1    
420 C C2    . 9V9 B 9  ? 0.5344 0.5060 0.4649 -0.0118 -0.0051 0.0335  9  9V9 B C2    
421 N N3    . 9V9 B 9  ? 0.5375 0.5087 0.4795 0.0029  0.0000  0.0295  9  9V9 B N3    
422 O O4    . 9V9 B 9  ? 0.5573 0.5225 0.5195 0.0220  0.0125  0.0326  9  9V9 B O4    
423 C C5M   . 9V9 B 9  ? 0.6077 0.5987 0.6277 0.0144  0.0089  0.0708  9  9V9 B C5M   
424 S S1    . 9V9 B 9  ? 0.6626 0.6218 0.5709 -0.0197 -0.0002 0.0221  9  9V9 B S1    
425 C "C2'" . 9V9 B 9  ? 0.8383 0.7997 0.7330 -0.0633 -0.0333 0.0619  9  9V9 B "C2'" 
426 O "O2'" . 9V9 B 9  ? 0.8308 0.7739 0.6883 -0.0817 -0.0346 0.0592  9  9V9 B "O2'" 
427 C "C6'" . 9V9 B 9  ? 0.8383 0.7919 0.7119 -0.0884 -0.0492 0.0759  9  9V9 B "C6'" 
428 C "C3'" . 9V9 B 9  ? 0.8659 0.8428 0.7920 -0.0686 -0.0504 0.0861  9  9V9 B "C3'" 
429 O "O3'" . 9V9 B 9  ? 0.8682 0.8359 0.7753 -0.0937 -0.0695 0.1013  9  9V9 B "O3'" 
430 P P     . DG  B 10 ? 0.8555 0.8260 0.7734 -0.0956 -0.0753 0.1097  10 DG  B P     
431 O OP1   . DG  B 10 ? 0.9270 0.8826 0.8150 -0.1268 -0.0988 0.1281  10 DG  B OP1   
432 O OP2   . DG  B 10 ? 0.8393 0.8335 0.8159 -0.0735 -0.0704 0.1180  10 DG  B OP2   
433 O "O5'" . DG  B 10 ? 0.7567 0.7098 0.6421 -0.0894 -0.0554 0.0845  10 DG  B "O5'" 
434 C "C5'" . DG  B 10 ? 0.7616 0.6869 0.5962 -0.1024 -0.0448 0.0696  10 DG  B "C5'" 
435 C "C4'" . DG  B 10 ? 0.7506 0.6696 0.5854 -0.0879 -0.0234 0.0507  10 DG  B "C4'" 
436 O "O4'" . DG  B 10 ? 0.6362 0.5752 0.5080 -0.0629 -0.0165 0.0426  10 DG  B "O4'" 
437 C "C3'" . DG  B 10 ? 0.8064 0.7256 0.6483 -0.0890 -0.0259 0.0559  10 DG  B "C3'" 
438 O "O3'" . DG  B 10 ? 0.8537 0.7535 0.6784 -0.0889 -0.0065 0.0424  10 DG  B "O3'" 
439 C "C2'" . DG  B 10 ? 0.7608 0.7072 0.6528 -0.0662 -0.0284 0.0579  10 DG  B "C2'" 
440 C "C1'" . DG  B 10 ? 0.6746 0.6240 0.5730 -0.0506 -0.0168 0.0432  10 DG  B "C1'" 
441 N N9    . DG  B 10 ? 0.5570 0.5230 0.4870 -0.0332 -0.0182 0.0450  10 DG  B N9    
442 C C8    . DG  B 10 ? 0.6473 0.6261 0.6014 -0.0313 -0.0257 0.0601  10 DG  B C8    
443 N N7    . DG  B 10 ? 0.5313 0.5143 0.5053 -0.0139 -0.0172 0.0558  10 DG  B N7    
444 C C5    . DG  B 10 ? 0.5593 0.5327 0.5187 -0.0061 -0.0098 0.0377  10 DG  B C5    
445 C C6    . DG  B 10 ? 0.4992 0.4655 0.4597 0.0081  -0.0029 0.0268  10 DG  B C6    
446 O O6    . DG  B 10 ? 0.5656 0.5278 0.5331 0.0179  0.0037  0.0276  10 DG  B O6    
447 N N1    . DG  B 10 ? 0.5014 0.4601 0.4510 0.0086  -0.0031 0.0150  10 DG  B N1    
448 C C2    . DG  B 10 ? 0.5219 0.4794 0.4657 -0.0006 -0.0028 0.0131  10 DG  B C2    
449 N N2    . DG  B 10 ? 0.5233 0.4747 0.4707 0.0024  -0.0012 0.0051  10 DG  B N2    
450 N N3    . DG  B 10 ? 0.5308 0.4888 0.4655 -0.0134 -0.0036 0.0203  10 DG  B N3    
451 C C4    . DG  B 10 ? 0.4951 0.4613 0.4355 -0.0167 -0.0102 0.0326  10 DG  B C4    
452 P P     . DC  B 11 ? 0.9636 0.8515 0.7777 -0.0985 -0.0063 0.0482  11 DC  B P     
453 O OP1   . DC  B 11 ? 1.0069 0.8540 0.7634 -0.1206 0.0083  0.0433  11 DC  B OP1   
454 O OP2   . DC  B 11 ? 0.7542 0.6626 0.5918 -0.1008 -0.0298 0.0679  11 DC  B OP2   
455 O "O5'" . DC  B 11 ? 0.8917 0.7884 0.7414 -0.0770 0.0095  0.0359  11 DC  B "O5'" 
456 C "C5'" . DC  B 11 ? 0.8865 0.7728 0.7390 -0.0694 0.0305  0.0217  11 DC  B "C5'" 
457 C "C4'" . DC  B 11 ? 0.8570 0.7603 0.7554 -0.0497 0.0320  0.0171  11 DC  B "C4'" 
458 O "O4'" . DC  B 11 ? 0.7370 0.6622 0.6572 -0.0364 0.0174  0.0170  11 DC  B "O4'" 
459 C "C3'" . DC  B 11 ? 0.8304 0.7372 0.7418 -0.0497 0.0272  0.0233  11 DC  B "C3'" 
460 O "O3'" . DC  B 11 ? 0.8613 0.7575 0.7885 -0.0469 0.0436  0.0195  11 DC  B "O3'" 
461 C "C2'" . DC  B 11 ? 0.7693 0.6996 0.7140 -0.0346 0.0113  0.0248  11 DC  B "C2'" 
462 C "C1'" . DC  B 11 ? 0.7102 0.6477 0.6576 -0.0262 0.0087  0.0190  11 DC  B "C1'" 
463 N N1    . DC  B 11 ? 0.5833 0.5337 0.5365 -0.0215 -0.0033 0.0249  11 DC  B N1    
464 C C2    . DC  B 11 ? 0.5027 0.4577 0.4706 -0.0076 -0.0061 0.0190  11 DC  B C2    
465 O O2    . DC  B 11 ? 0.5096 0.4600 0.4849 -0.0019 -0.0046 0.0107  11 DC  B O2    
466 N N3    . DC  B 11 ? 0.4899 0.4510 0.4646 -0.0022 -0.0096 0.0242  11 DC  B N3    
467 C C4    . DC  B 11 ? 0.4746 0.4433 0.4528 -0.0095 -0.0141 0.0381  11 DC  B C4    
468 N N4    . DC  B 11 ? 0.5177 0.4925 0.5136 -0.0026 -0.0136 0.0458  11 DC  B N4    
469 C C5    . DC  B 11 ? 0.5516 0.5181 0.5150 -0.0260 -0.0186 0.0467  11 DC  B C5    
470 C C6    . DC  B 11 ? 0.5546 0.5089 0.5000 -0.0318 -0.0114 0.0380  11 DC  B C6    
471 P P     . DG  B 12 ? 0.9719 0.8683 0.9096 -0.0491 0.0413  0.0266  12 DG  B P     
472 O OP1   . DG  B 12 ? 1.0057 0.8811 0.9474 -0.0519 0.0661  0.0239  12 DG  B OP1   
473 O OP2   . DG  B 12 ? 0.8382 0.7356 0.7496 -0.0617 0.0258  0.0382  12 DG  B OP2   
474 O "O5'" . DG  B 12 ? 0.7747 0.6936 0.7595 -0.0313 0.0284  0.0245  12 DG  B "O5'" 
475 C "C5'" . DG  B 12 ? 0.7586 0.6804 0.7714 -0.0210 0.0317  0.0178  12 DG  B "C5'" 
476 C "C4'" . DG  B 12 ? 0.7481 0.6829 0.7870 -0.0103 0.0136  0.0167  12 DG  B "C4'" 
477 O "O4'" . DG  B 12 ? 0.6687 0.6102 0.6920 -0.0065 0.0026  0.0142  12 DG  B "O4'" 
478 C "C3'" . DG  B 12 ? 0.7412 0.6790 0.7879 -0.0111 0.0084  0.0220  12 DG  B "C3'" 
479 O "O3'" . DG  B 12 ? 0.8490 0.7819 0.9220 -0.0111 0.0160  0.0241  12 DG  B "O3'" 
480 C "C2'" . DG  B 12 ? 0.7252 0.6691 0.7779 -0.0027 -0.0066 0.0187  12 DG  B "C2'" 
481 C "C1'" . DG  B 12 ? 0.6433 0.5888 0.6747 -0.0014 -0.0079 0.0153  12 DG  B "C1'" 
482 N N9    . DG  B 12 ? 0.5440 0.4953 0.5613 -0.0041 -0.0093 0.0220  12 DG  B N9    
483 C C8    . DG  B 12 ? 0.5536 0.5062 0.5578 -0.0152 -0.0074 0.0319  12 DG  B C8    
484 N N7    . DG  B 12 ? 0.5115 0.4718 0.5144 -0.0167 -0.0137 0.0408  12 DG  B N7    
485 C C5    . DG  B 12 ? 0.4877 0.4495 0.5024 -0.0038 -0.0141 0.0344  12 DG  B C5    
486 C C6    . DG  B 12 ? 0.4427 0.4088 0.4661 0.0019  -0.0139 0.0402  12 DG  B C6    
487 O O6    . DG  B 12 ? 0.4780 0.4535 0.5110 -0.0030 -0.0173 0.0553  12 DG  B O6    
488 N N1    . DG  B 12 ? 0.4325 0.3875 0.4541 0.0130  -0.0092 0.0286  12 DG  B N1    
489 C C2    . DG  B 12 ? 0.4287 0.3719 0.4409 0.0156  -0.0116 0.0154  12 DG  B C2    
490 N N2    . DG  B 12 ? 0.4907 0.4167 0.4907 0.0219  -0.0098 0.0064  12 DG  B N2    
491 N N3    . DG  B 12 ? 0.4133 0.3581 0.4282 0.0107  -0.0151 0.0131  12 DG  B N3    
492 C C4    . DG  B 12 ? 0.4678 0.4214 0.4840 0.0024  -0.0129 0.0220  12 DG  B C4    
# 
loop_
_pdbx_poly_seq_scheme.asym_id 
_pdbx_poly_seq_scheme.entity_id 
_pdbx_poly_seq_scheme.seq_id 
_pdbx_poly_seq_scheme.mon_id 
_pdbx_poly_seq_scheme.ndb_seq_num 
_pdbx_poly_seq_scheme.pdb_seq_num 
_pdbx_poly_seq_scheme.auth_seq_num 
_pdbx_poly_seq_scheme.pdb_mon_id 
_pdbx_poly_seq_scheme.auth_mon_id 
_pdbx_poly_seq_scheme.pdb_strand_id 
_pdbx_poly_seq_scheme.pdb_ins_code 
_pdbx_poly_seq_scheme.hetero 
A 1 1  DC  1  1  1  DC  DC  A . n 
A 1 2  DG  2  2  2  DG  DG  A . n 
A 1 3  DC  3  3  3  DC  DC  A . n 
A 1 4  DG  4  4  4  DG  DG  A . n 
A 1 5  DA  5  5  5  DA  DA  A . n 
A 1 6  DA  6  6  6  DA  DA  A . n 
A 1 7  DT  7  7  7  DT  DT  A . n 
A 1 8  DT  8  8  8  DT  DT  A . n 
A 1 9  9V9 9  9  9  9V9 TLS A . n 
A 1 10 DG  10 10 10 DG  DG  A . n 
A 1 11 DC  11 11 11 DC  DC  A . n 
A 1 12 DG  12 12 12 DG  DG  A . n 
B 1 1  DC  1  1  1  DC  DC  B . n 
B 1 2  DG  2  2  2  DG  DG  B . n 
B 1 3  DC  3  3  3  DC  DC  B . n 
B 1 4  DG  4  4  4  DG  DG  B . n 
B 1 5  DA  5  5  5  DA  DA  B . n 
B 1 6  DA  6  6  6  DA  DA  B . n 
B 1 7  DT  7  7  7  DT  DT  B . n 
B 1 8  DT  8  8  8  DT  DT  B . n 
B 1 9  9V9 9  9  9  9V9 TLS B . n 
B 1 10 DG  10 10 10 DG  DG  B . n 
B 1 11 DC  11 11 11 DC  DC  B . n 
B 1 12 DG  12 12 12 DG  DG  B . n 
# 
loop_
_pdbx_nonpoly_scheme.asym_id 
_pdbx_nonpoly_scheme.entity_id 
_pdbx_nonpoly_scheme.mon_id 
_pdbx_nonpoly_scheme.ndb_seq_num 
_pdbx_nonpoly_scheme.pdb_seq_num 
_pdbx_nonpoly_scheme.auth_seq_num 
_pdbx_nonpoly_scheme.pdb_mon_id 
_pdbx_nonpoly_scheme.auth_mon_id 
_pdbx_nonpoly_scheme.pdb_strand_id 
_pdbx_nonpoly_scheme.pdb_ins_code 
C 2 HOH 1 101 1  HOH HOH A . 
C 2 HOH 2 102 10 HOH HOH A . 
C 2 HOH 3 103 2  HOH HOH A . 
C 2 HOH 4 104 12 HOH HOH A . 
C 2 HOH 5 105 6  HOH HOH A . 
C 2 HOH 6 106 15 HOH HOH A . 
D 2 HOH 1 101 13 HOH HOH B . 
D 2 HOH 2 102 14 HOH HOH B . 
D 2 HOH 3 103 11 HOH HOH B . 
D 2 HOH 4 104 5  HOH HOH B . 
D 2 HOH 5 105 4  HOH HOH B . 
D 2 HOH 6 106 3  HOH HOH B . 
D 2 HOH 7 107 8  HOH HOH B . 
D 2 HOH 8 108 7  HOH HOH B . 
D 2 HOH 9 109 9  HOH HOH B . 
# 
_pdbx_struct_assembly.id                   1 
_pdbx_struct_assembly.details              author_defined_assembly 
_pdbx_struct_assembly.method_details       ? 
_pdbx_struct_assembly.oligomeric_details   dimeric 
_pdbx_struct_assembly.oligomeric_count     2 
# 
_pdbx_struct_assembly_gen.assembly_id       1 
_pdbx_struct_assembly_gen.oper_expression   1 
_pdbx_struct_assembly_gen.asym_id_list      A,B,C,D 
# 
_pdbx_struct_oper_list.id                   1 
_pdbx_struct_oper_list.type                 'identity operation' 
_pdbx_struct_oper_list.name                 1_555 
_pdbx_struct_oper_list.symmetry_operation   x,y,z 
_pdbx_struct_oper_list.matrix[1][1]         1.0000000000 
_pdbx_struct_oper_list.matrix[1][2]         0.0000000000 
_pdbx_struct_oper_list.matrix[1][3]         0.0000000000 
_pdbx_struct_oper_list.vector[1]            0.0000000000 
_pdbx_struct_oper_list.matrix[2][1]         0.0000000000 
_pdbx_struct_oper_list.matrix[2][2]         1.0000000000 
_pdbx_struct_oper_list.matrix[2][3]         0.0000000000 
_pdbx_struct_oper_list.vector[2]            0.0000000000 
_pdbx_struct_oper_list.matrix[3][1]         0.0000000000 
_pdbx_struct_oper_list.matrix[3][2]         0.0000000000 
_pdbx_struct_oper_list.matrix[3][3]         1.0000000000 
_pdbx_struct_oper_list.vector[3]            0.0000000000 
# 
loop_
_pdbx_audit_revision_history.ordinal 
_pdbx_audit_revision_history.data_content_type 
_pdbx_audit_revision_history.major_revision 
_pdbx_audit_revision_history.minor_revision 
_pdbx_audit_revision_history.revision_date 
1 'Structure model' 1 0 2019-03-27 
2 'Structure model' 1 1 2023-11-22 
# 
_pdbx_audit_revision_details.ordinal             1 
_pdbx_audit_revision_details.revision_ordinal    1 
_pdbx_audit_revision_details.data_content_type   'Structure model' 
_pdbx_audit_revision_details.provider            repository 
_pdbx_audit_revision_details.type                'Initial release' 
_pdbx_audit_revision_details.description         ? 
_pdbx_audit_revision_details.details             ? 
# 
loop_
_pdbx_audit_revision_group.ordinal 
_pdbx_audit_revision_group.revision_ordinal 
_pdbx_audit_revision_group.data_content_type 
_pdbx_audit_revision_group.group 
1 2 'Structure model' 'Data collection'        
2 2 'Structure model' 'Database references'    
3 2 'Structure model' 'Refinement description' 
# 
loop_
_pdbx_audit_revision_category.ordinal 
_pdbx_audit_revision_category.revision_ordinal 
_pdbx_audit_revision_category.data_content_type 
_pdbx_audit_revision_category.category 
1 2 'Structure model' chem_comp_atom                
2 2 'Structure model' chem_comp_bond                
3 2 'Structure model' database_2                    
4 2 'Structure model' pdbx_initial_refinement_model 
5 2 'Structure model' struct_ncs_dom_lim            
# 
loop_
_pdbx_audit_revision_item.ordinal 
_pdbx_audit_revision_item.revision_ordinal 
_pdbx_audit_revision_item.data_content_type 
_pdbx_audit_revision_item.item 
1  2 'Structure model' '_database_2.pdbx_DOI'                  
2  2 'Structure model' '_database_2.pdbx_database_accession'   
3  2 'Structure model' '_struct_ncs_dom_lim.beg_auth_comp_id'  
4  2 'Structure model' '_struct_ncs_dom_lim.beg_label_asym_id' 
5  2 'Structure model' '_struct_ncs_dom_lim.beg_label_comp_id' 
6  2 'Structure model' '_struct_ncs_dom_lim.beg_label_seq_id'  
7  2 'Structure model' '_struct_ncs_dom_lim.end_auth_comp_id'  
8  2 'Structure model' '_struct_ncs_dom_lim.end_label_asym_id' 
9  2 'Structure model' '_struct_ncs_dom_lim.end_label_comp_id' 
10 2 'Structure model' '_struct_ncs_dom_lim.end_label_seq_id'  
# 
loop_
_pdbx_refine_tls.pdbx_refine_id 
_pdbx_refine_tls.id 
_pdbx_refine_tls.details 
_pdbx_refine_tls.method 
_pdbx_refine_tls.origin_x 
_pdbx_refine_tls.origin_y 
_pdbx_refine_tls.origin_z 
_pdbx_refine_tls.T[1][1] 
_pdbx_refine_tls.T[2][2] 
_pdbx_refine_tls.T[3][3] 
_pdbx_refine_tls.T[1][2] 
_pdbx_refine_tls.T[1][3] 
_pdbx_refine_tls.T[2][3] 
_pdbx_refine_tls.L[1][1] 
_pdbx_refine_tls.L[2][2] 
_pdbx_refine_tls.L[3][3] 
_pdbx_refine_tls.L[1][2] 
_pdbx_refine_tls.L[1][3] 
_pdbx_refine_tls.L[2][3] 
_pdbx_refine_tls.S[1][1] 
_pdbx_refine_tls.S[2][2] 
_pdbx_refine_tls.S[3][3] 
_pdbx_refine_tls.S[1][2] 
_pdbx_refine_tls.S[1][3] 
_pdbx_refine_tls.S[2][3] 
_pdbx_refine_tls.S[2][1] 
_pdbx_refine_tls.S[3][1] 
_pdbx_refine_tls.S[3][2] 
'X-RAY DIFFRACTION' 1 ? refined 0.2180  -0.1986 -0.5103 0.1746 0.0790 0.1363 0.0460 0.0567 0.0226 0.8539 6.2396 0.6395 2.1436 -0.5462 -1.8638 0.1330 -0.2350 0.1020 -0.0366 0.0398  -0.0640 -0.0531 0.1213 0.1220 
'X-RAY DIFFRACTION' 2 ? refined -0.1818 0.2388  0.4410  0.1266 0.0839 0.0250 0.0216 0.0270 0.0100 1.8327 6.5761 0.8846 1.9150 -0.9419 -2.2939 0.2033 -0.2569 0.0536 -0.0169 -0.0444 -0.0896 -0.1112 0.0236 0.1084 
# 
loop_
_pdbx_refine_tls_group.pdbx_refine_id 
_pdbx_refine_tls_group.id 
_pdbx_refine_tls_group.refine_tls_id 
_pdbx_refine_tls_group.beg_auth_asym_id 
_pdbx_refine_tls_group.beg_auth_seq_id 
_pdbx_refine_tls_group.end_auth_asym_id 
_pdbx_refine_tls_group.end_auth_seq_id 
_pdbx_refine_tls_group.selection_details 
_pdbx_refine_tls_group.beg_label_asym_id 
_pdbx_refine_tls_group.beg_label_seq_id 
_pdbx_refine_tls_group.end_label_asym_id 
_pdbx_refine_tls_group.end_label_seq_id 
_pdbx_refine_tls_group.selection 
'X-RAY DIFFRACTION' 1 1 A 1 A 12 ? ? ? ? ? ? 
'X-RAY DIFFRACTION' 2 2 B 1 B 12 ? ? ? ? ? ? 
# 
_pdbx_phasing_MR.entry_id                     6ADV 
_pdbx_phasing_MR.method_rotation              ? 
_pdbx_phasing_MR.method_translation           ? 
_pdbx_phasing_MR.model_details                'Phaser MODE: MR_AUTO' 
_pdbx_phasing_MR.R_factor                     ? 
_pdbx_phasing_MR.R_rigid_body                 ? 
_pdbx_phasing_MR.correlation_coeff_Fo_to_Fc   ? 
_pdbx_phasing_MR.correlation_coeff_Io_to_Ic   ? 
_pdbx_phasing_MR.d_res_high_rotation          1.960 
_pdbx_phasing_MR.d_res_low_rotation           17.410 
_pdbx_phasing_MR.d_res_high_translation       1.960 
_pdbx_phasing_MR.d_res_low_translation        17.410 
_pdbx_phasing_MR.packing                      ? 
_pdbx_phasing_MR.reflns_percent_rotation      ? 
_pdbx_phasing_MR.reflns_percent_translation   ? 
_pdbx_phasing_MR.sigma_F_rotation             ? 
_pdbx_phasing_MR.sigma_F_translation          ? 
_pdbx_phasing_MR.sigma_I_rotation             ? 
_pdbx_phasing_MR.sigma_I_translation          ? 
# 
_phasing.method   MR 
# 
loop_
_software.citation_id 
_software.classification 
_software.compiler_name 
_software.compiler_version 
_software.contact_author 
_software.contact_author_email 
_software.date 
_software.description 
_software.dependencies 
_software.hardware 
_software.language 
_software.location 
_software.mods 
_software.name 
_software.os 
_software.os_version 
_software.type 
_software.version 
_software.pdbx_ordinal 
? 'data scaling'    ? ? ? ? ? ? ? ? ? ? ? Aimless     ? ? ? 0.2.17   1 
? phasing           ? ? ? ? ? ? ? ? ? ? ? PHASER      ? ? ? 2.5.6    2 
? refinement        ? ? ? ? ? ? ? ? ? ? ? REFMAC      ? ? ? 5.8.0069 3 
? 'data extraction' ? ? ? ? ? ? ? ? ? ? ? PDB_EXTRACT ? ? ? 3.24     4 
? 'data reduction'  ? ? ? ? ? ? ? ? ? ? ? MOSFLM      ? ? ? .        5 
# 
loop_
_chem_comp_atom.comp_id 
_chem_comp_atom.atom_id 
_chem_comp_atom.type_symbol 
_chem_comp_atom.pdbx_aromatic_flag 
_chem_comp_atom.pdbx_stereo_config 
_chem_comp_atom.pdbx_ordinal 
9V9 C4     C N N 1   
9V9 C5     C N N 2   
9V9 C6     C N N 3   
9V9 P      P N N 4   
9V9 OP1    O N N 5   
9V9 OP2    O N N 6   
9V9 "O5'"  O N N 7   
9V9 "C5'"  C N N 8   
9V9 "C4'"  C N R 9   
9V9 "O4'"  O N N 10  
9V9 "C1'"  C N R 11  
9V9 N1     N N N 12  
9V9 C2     C N N 13  
9V9 N3     N N N 14  
9V9 O4     O N N 15  
9V9 C5M    C N N 16  
9V9 S1     S N N 17  
9V9 "C2'"  C N R 18  
9V9 "O2'"  O N N 19  
9V9 "C6'"  C N N 20  
9V9 "C3'"  C N S 21  
9V9 "O3'"  O N N 22  
9V9 H1     H N N 23  
9V9 H2     H N N 24  
9V9 H4     H N N 25  
9V9 H5     H N N 26  
9V9 H6     H N N 27  
9V9 H7     H N N 28  
9V9 H8     H N N 29  
9V9 H9     H N N 30  
9V9 H10    H N N 31  
9V9 H11    H N N 32  
9V9 H12    H N N 33  
9V9 H13    H N N 34  
9V9 H14    H N N 35  
9V9 H15    H N N 36  
9V9 OP3    O N N 37  
9V9 H3     H N N 38  
DA  OP3    O N N 39  
DA  P      P N N 40  
DA  OP1    O N N 41  
DA  OP2    O N N 42  
DA  "O5'"  O N N 43  
DA  "C5'"  C N N 44  
DA  "C4'"  C N R 45  
DA  "O4'"  O N N 46  
DA  "C3'"  C N S 47  
DA  "O3'"  O N N 48  
DA  "C2'"  C N N 49  
DA  "C1'"  C N R 50  
DA  N9     N Y N 51  
DA  C8     C Y N 52  
DA  N7     N Y N 53  
DA  C5     C Y N 54  
DA  C6     C Y N 55  
DA  N6     N N N 56  
DA  N1     N Y N 57  
DA  C2     C Y N 58  
DA  N3     N Y N 59  
DA  C4     C Y N 60  
DA  HOP3   H N N 61  
DA  HOP2   H N N 62  
DA  "H5'"  H N N 63  
DA  "H5''" H N N 64  
DA  "H4'"  H N N 65  
DA  "H3'"  H N N 66  
DA  "HO3'" H N N 67  
DA  "H2'"  H N N 68  
DA  "H2''" H N N 69  
DA  "H1'"  H N N 70  
DA  H8     H N N 71  
DA  H61    H N N 72  
DA  H62    H N N 73  
DA  H2     H N N 74  
DC  OP3    O N N 75  
DC  P      P N N 76  
DC  OP1    O N N 77  
DC  OP2    O N N 78  
DC  "O5'"  O N N 79  
DC  "C5'"  C N N 80  
DC  "C4'"  C N R 81  
DC  "O4'"  O N N 82  
DC  "C3'"  C N S 83  
DC  "O3'"  O N N 84  
DC  "C2'"  C N N 85  
DC  "C1'"  C N R 86  
DC  N1     N N N 87  
DC  C2     C N N 88  
DC  O2     O N N 89  
DC  N3     N N N 90  
DC  C4     C N N 91  
DC  N4     N N N 92  
DC  C5     C N N 93  
DC  C6     C N N 94  
DC  HOP3   H N N 95  
DC  HOP2   H N N 96  
DC  "H5'"  H N N 97  
DC  "H5''" H N N 98  
DC  "H4'"  H N N 99  
DC  "H3'"  H N N 100 
DC  "HO3'" H N N 101 
DC  "H2'"  H N N 102 
DC  "H2''" H N N 103 
DC  "H1'"  H N N 104 
DC  H41    H N N 105 
DC  H42    H N N 106 
DC  H5     H N N 107 
DC  H6     H N N 108 
DG  OP3    O N N 109 
DG  P      P N N 110 
DG  OP1    O N N 111 
DG  OP2    O N N 112 
DG  "O5'"  O N N 113 
DG  "C5'"  C N N 114 
DG  "C4'"  C N R 115 
DG  "O4'"  O N N 116 
DG  "C3'"  C N S 117 
DG  "O3'"  O N N 118 
DG  "C2'"  C N N 119 
DG  "C1'"  C N R 120 
DG  N9     N Y N 121 
DG  C8     C Y N 122 
DG  N7     N Y N 123 
DG  C5     C Y N 124 
DG  C6     C N N 125 
DG  O6     O N N 126 
DG  N1     N N N 127 
DG  C2     C N N 128 
DG  N2     N N N 129 
DG  N3     N N N 130 
DG  C4     C Y N 131 
DG  HOP3   H N N 132 
DG  HOP2   H N N 133 
DG  "H5'"  H N N 134 
DG  "H5''" H N N 135 
DG  "H4'"  H N N 136 
DG  "H3'"  H N N 137 
DG  "HO3'" H N N 138 
DG  "H2'"  H N N 139 
DG  "H2''" H N N 140 
DG  "H1'"  H N N 141 
DG  H8     H N N 142 
DG  H1     H N N 143 
DG  H21    H N N 144 
DG  H22    H N N 145 
DT  OP3    O N N 146 
DT  P      P N N 147 
DT  OP1    O N N 148 
DT  OP2    O N N 149 
DT  "O5'"  O N N 150 
DT  "C5'"  C N N 151 
DT  "C4'"  C N R 152 
DT  "O4'"  O N N 153 
DT  "C3'"  C N S 154 
DT  "O3'"  O N N 155 
DT  "C2'"  C N N 156 
DT  "C1'"  C N R 157 
DT  N1     N N N 158 
DT  C2     C N N 159 
DT  O2     O N N 160 
DT  N3     N N N 161 
DT  C4     C N N 162 
DT  O4     O N N 163 
DT  C5     C N N 164 
DT  C7     C N N 165 
DT  C6     C N N 166 
DT  HOP3   H N N 167 
DT  HOP2   H N N 168 
DT  "H5'"  H N N 169 
DT  "H5''" H N N 170 
DT  "H4'"  H N N 171 
DT  "H3'"  H N N 172 
DT  "HO3'" H N N 173 
DT  "H2'"  H N N 174 
DT  "H2''" H N N 175 
DT  "H1'"  H N N 176 
DT  H3     H N N 177 
DT  H71    H N N 178 
DT  H72    H N N 179 
DT  H73    H N N 180 
DT  H6     H N N 181 
HOH O      O N N 182 
HOH H1     H N N 183 
HOH H2     H N N 184 
# 
loop_
_chem_comp_bond.comp_id 
_chem_comp_bond.atom_id_1 
_chem_comp_bond.atom_id_2 
_chem_comp_bond.value_order 
_chem_comp_bond.pdbx_aromatic_flag 
_chem_comp_bond.pdbx_stereo_config 
_chem_comp_bond.pdbx_ordinal 
9V9 OP1   P      doub N N 1   
9V9 P     OP2    sing N N 2   
9V9 P     "O5'"  sing N N 3   
9V9 "C5'" "O5'"  sing N N 4   
9V9 "C5'" "C4'"  sing N N 5   
9V9 "O4'" "C4'"  sing N N 6   
9V9 "O4'" "C1'"  sing N N 7   
9V9 "C6'" "C4'"  sing N N 8   
9V9 "C6'" "O2'"  sing N N 9   
9V9 "C4'" "C3'"  sing N N 10  
9V9 C5M   C5     sing N N 11  
9V9 C6    C5     doub N N 12  
9V9 C6    N1     sing N N 13  
9V9 C5    C4     sing N N 14  
9V9 "C1'" N1     sing N N 15  
9V9 "C1'" "C2'"  sing N N 16  
9V9 N1    C2     sing N N 17  
9V9 C4    O4     doub N N 18  
9V9 C4    N3     sing N N 19  
9V9 "O2'" "C2'"  sing N N 20  
9V9 C2    N3     sing N N 21  
9V9 C2    S1     doub N N 22  
9V9 "C3'" "C2'"  sing N N 23  
9V9 "C3'" "O3'"  sing N N 24  
9V9 C6    H1     sing N N 25  
9V9 OP2   H2     sing N N 26  
9V9 "C5'" H4     sing N N 27  
9V9 "C5'" H5     sing N N 28  
9V9 "C1'" H6     sing N N 29  
9V9 N3    H7     sing N N 30  
9V9 C5M   H8     sing N N 31  
9V9 C5M   H9     sing N N 32  
9V9 C5M   H10    sing N N 33  
9V9 "C2'" H11    sing N N 34  
9V9 "C6'" H12    sing N N 35  
9V9 "C6'" H13    sing N N 36  
9V9 "C3'" H14    sing N N 37  
9V9 "O3'" H15    sing N N 38  
9V9 P     OP3    sing N N 39  
9V9 OP3   H3     sing N N 40  
DA  OP3   P      sing N N 41  
DA  OP3   HOP3   sing N N 42  
DA  P     OP1    doub N N 43  
DA  P     OP2    sing N N 44  
DA  P     "O5'"  sing N N 45  
DA  OP2   HOP2   sing N N 46  
DA  "O5'" "C5'"  sing N N 47  
DA  "C5'" "C4'"  sing N N 48  
DA  "C5'" "H5'"  sing N N 49  
DA  "C5'" "H5''" sing N N 50  
DA  "C4'" "O4'"  sing N N 51  
DA  "C4'" "C3'"  sing N N 52  
DA  "C4'" "H4'"  sing N N 53  
DA  "O4'" "C1'"  sing N N 54  
DA  "C3'" "O3'"  sing N N 55  
DA  "C3'" "C2'"  sing N N 56  
DA  "C3'" "H3'"  sing N N 57  
DA  "O3'" "HO3'" sing N N 58  
DA  "C2'" "C1'"  sing N N 59  
DA  "C2'" "H2'"  sing N N 60  
DA  "C2'" "H2''" sing N N 61  
DA  "C1'" N9     sing N N 62  
DA  "C1'" "H1'"  sing N N 63  
DA  N9    C8     sing Y N 64  
DA  N9    C4     sing Y N 65  
DA  C8    N7     doub Y N 66  
DA  C8    H8     sing N N 67  
DA  N7    C5     sing Y N 68  
DA  C5    C6     sing Y N 69  
DA  C5    C4     doub Y N 70  
DA  C6    N6     sing N N 71  
DA  C6    N1     doub Y N 72  
DA  N6    H61    sing N N 73  
DA  N6    H62    sing N N 74  
DA  N1    C2     sing Y N 75  
DA  C2    N3     doub Y N 76  
DA  C2    H2     sing N N 77  
DA  N3    C4     sing Y N 78  
DC  OP3   P      sing N N 79  
DC  OP3   HOP3   sing N N 80  
DC  P     OP1    doub N N 81  
DC  P     OP2    sing N N 82  
DC  P     "O5'"  sing N N 83  
DC  OP2   HOP2   sing N N 84  
DC  "O5'" "C5'"  sing N N 85  
DC  "C5'" "C4'"  sing N N 86  
DC  "C5'" "H5'"  sing N N 87  
DC  "C5'" "H5''" sing N N 88  
DC  "C4'" "O4'"  sing N N 89  
DC  "C4'" "C3'"  sing N N 90  
DC  "C4'" "H4'"  sing N N 91  
DC  "O4'" "C1'"  sing N N 92  
DC  "C3'" "O3'"  sing N N 93  
DC  "C3'" "C2'"  sing N N 94  
DC  "C3'" "H3'"  sing N N 95  
DC  "O3'" "HO3'" sing N N 96  
DC  "C2'" "C1'"  sing N N 97  
DC  "C2'" "H2'"  sing N N 98  
DC  "C2'" "H2''" sing N N 99  
DC  "C1'" N1     sing N N 100 
DC  "C1'" "H1'"  sing N N 101 
DC  N1    C2     sing N N 102 
DC  N1    C6     sing N N 103 
DC  C2    O2     doub N N 104 
DC  C2    N3     sing N N 105 
DC  N3    C4     doub N N 106 
DC  C4    N4     sing N N 107 
DC  C4    C5     sing N N 108 
DC  N4    H41    sing N N 109 
DC  N4    H42    sing N N 110 
DC  C5    C6     doub N N 111 
DC  C5    H5     sing N N 112 
DC  C6    H6     sing N N 113 
DG  OP3   P      sing N N 114 
DG  OP3   HOP3   sing N N 115 
DG  P     OP1    doub N N 116 
DG  P     OP2    sing N N 117 
DG  P     "O5'"  sing N N 118 
DG  OP2   HOP2   sing N N 119 
DG  "O5'" "C5'"  sing N N 120 
DG  "C5'" "C4'"  sing N N 121 
DG  "C5'" "H5'"  sing N N 122 
DG  "C5'" "H5''" sing N N 123 
DG  "C4'" "O4'"  sing N N 124 
DG  "C4'" "C3'"  sing N N 125 
DG  "C4'" "H4'"  sing N N 126 
DG  "O4'" "C1'"  sing N N 127 
DG  "C3'" "O3'"  sing N N 128 
DG  "C3'" "C2'"  sing N N 129 
DG  "C3'" "H3'"  sing N N 130 
DG  "O3'" "HO3'" sing N N 131 
DG  "C2'" "C1'"  sing N N 132 
DG  "C2'" "H2'"  sing N N 133 
DG  "C2'" "H2''" sing N N 134 
DG  "C1'" N9     sing N N 135 
DG  "C1'" "H1'"  sing N N 136 
DG  N9    C8     sing Y N 137 
DG  N9    C4     sing Y N 138 
DG  C8    N7     doub Y N 139 
DG  C8    H8     sing N N 140 
DG  N7    C5     sing Y N 141 
DG  C5    C6     sing N N 142 
DG  C5    C4     doub Y N 143 
DG  C6    O6     doub N N 144 
DG  C6    N1     sing N N 145 
DG  N1    C2     sing N N 146 
DG  N1    H1     sing N N 147 
DG  C2    N2     sing N N 148 
DG  C2    N3     doub N N 149 
DG  N2    H21    sing N N 150 
DG  N2    H22    sing N N 151 
DG  N3    C4     sing N N 152 
DT  OP3   P      sing N N 153 
DT  OP3   HOP3   sing N N 154 
DT  P     OP1    doub N N 155 
DT  P     OP2    sing N N 156 
DT  P     "O5'"  sing N N 157 
DT  OP2   HOP2   sing N N 158 
DT  "O5'" "C5'"  sing N N 159 
DT  "C5'" "C4'"  sing N N 160 
DT  "C5'" "H5'"  sing N N 161 
DT  "C5'" "H5''" sing N N 162 
DT  "C4'" "O4'"  sing N N 163 
DT  "C4'" "C3'"  sing N N 164 
DT  "C4'" "H4'"  sing N N 165 
DT  "O4'" "C1'"  sing N N 166 
DT  "C3'" "O3'"  sing N N 167 
DT  "C3'" "C2'"  sing N N 168 
DT  "C3'" "H3'"  sing N N 169 
DT  "O3'" "HO3'" sing N N 170 
DT  "C2'" "C1'"  sing N N 171 
DT  "C2'" "H2'"  sing N N 172 
DT  "C2'" "H2''" sing N N 173 
DT  "C1'" N1     sing N N 174 
DT  "C1'" "H1'"  sing N N 175 
DT  N1    C2     sing N N 176 
DT  N1    C6     sing N N 177 
DT  C2    O2     doub N N 178 
DT  C2    N3     sing N N 179 
DT  N3    C4     sing N N 180 
DT  N3    H3     sing N N 181 
DT  C4    O4     doub N N 182 
DT  C4    C5     sing N N 183 
DT  C5    C7     sing N N 184 
DT  C5    C6     doub N N 185 
DT  C7    H71    sing N N 186 
DT  C7    H72    sing N N 187 
DT  C7    H73    sing N N 188 
DT  C6    H6     sing N N 189 
HOH O     H1     sing N N 190 
HOH O     H2     sing N N 191 
# 
_ndb_struct_conf_na.entry_id   6ADV 
_ndb_struct_conf_na.feature    'b-form double helix' 
# 
loop_
_ndb_struct_na_base_pair.model_number 
_ndb_struct_na_base_pair.i_label_asym_id 
_ndb_struct_na_base_pair.i_label_comp_id 
_ndb_struct_na_base_pair.i_label_seq_id 
_ndb_struct_na_base_pair.i_symmetry 
_ndb_struct_na_base_pair.j_label_asym_id 
_ndb_struct_na_base_pair.j_label_comp_id 
_ndb_struct_na_base_pair.j_label_seq_id 
_ndb_struct_na_base_pair.j_symmetry 
_ndb_struct_na_base_pair.shear 
_ndb_struct_na_base_pair.stretch 
_ndb_struct_na_base_pair.stagger 
_ndb_struct_na_base_pair.buckle 
_ndb_struct_na_base_pair.propeller 
_ndb_struct_na_base_pair.opening 
_ndb_struct_na_base_pair.pair_number 
_ndb_struct_na_base_pair.pair_name 
_ndb_struct_na_base_pair.i_auth_asym_id 
_ndb_struct_na_base_pair.i_auth_seq_id 
_ndb_struct_na_base_pair.i_PDB_ins_code 
_ndb_struct_na_base_pair.j_auth_asym_id 
_ndb_struct_na_base_pair.j_auth_seq_id 
_ndb_struct_na_base_pair.j_PDB_ins_code 
_ndb_struct_na_base_pair.hbond_type_28 
_ndb_struct_na_base_pair.hbond_type_12 
1 A DC 1  1_555 B DG 12 1_555 0.224  -0.135 -0.021 -6.528 2.436   0.709  1  A_DC1:DG12_B A 1  ? B 12 ? 19 1 
1 A DG 2  1_555 B DC 11 1_555 -0.367 -0.252 0.021  -6.985 -14.326 -4.169 2  A_DG2:DC11_B A 2  ? B 11 ? 19 1 
1 A DC 3  1_555 B DG 10 1_555 0.381  -0.106 0.157  -4.366 -6.491  -1.111 3  A_DC3:DG10_B A 3  ? B 10 ? 19 1 
1 A DA 5  1_555 B DT 8  1_555 -0.131 -0.033 0.048  10.091 -17.232 -9.200 4  A_DA5:DT8_B  A 5  ? B 8  ? 20 1 
1 A DA 6  1_555 B DT 7  1_555 -0.078 -0.039 0.068  1.916  -18.354 1.042  5  A_DA6:DT7_B  A 6  ? B 7  ? 20 1 
1 A DT 7  1_555 B DA 6  1_555 0.461  -0.088 0.320  -4.988 -16.827 2.441  6  A_DT7:DA6_B  A 7  ? B 6  ? 20 1 
1 A DT 8  1_555 B DA 5  1_555 -0.155 -0.156 0.119  -7.528 -13.286 -3.953 7  A_DT8:DA5_B  A 8  ? B 5  ? 20 1 
1 A DG 10 1_555 B DC 3  1_555 -0.238 -0.167 0.221  7.371  -3.049  -2.989 8  A_DG10:DC3_B A 10 ? B 3  ? 19 1 
1 A DC 11 1_555 B DG 2  1_555 -0.034 -0.298 0.419  5.634  -22.003 -9.725 9  A_DC11:DG2_B A 11 ? B 2  ? 19 1 
1 A DG 12 1_555 B DC 1  1_555 -0.577 0.007  0.216  13.268 8.137   -0.870 10 A_DG12:DC1_B A 12 ? B 1  ? 19 1 
# 
loop_
_ndb_struct_na_base_pair_step.model_number 
_ndb_struct_na_base_pair_step.i_label_asym_id_1 
_ndb_struct_na_base_pair_step.i_label_comp_id_1 
_ndb_struct_na_base_pair_step.i_label_seq_id_1 
_ndb_struct_na_base_pair_step.i_symmetry_1 
_ndb_struct_na_base_pair_step.j_label_asym_id_1 
_ndb_struct_na_base_pair_step.j_label_comp_id_1 
_ndb_struct_na_base_pair_step.j_label_seq_id_1 
_ndb_struct_na_base_pair_step.j_symmetry_1 
_ndb_struct_na_base_pair_step.i_label_asym_id_2 
_ndb_struct_na_base_pair_step.i_label_comp_id_2 
_ndb_struct_na_base_pair_step.i_label_seq_id_2 
_ndb_struct_na_base_pair_step.i_symmetry_2 
_ndb_struct_na_base_pair_step.j_label_asym_id_2 
_ndb_struct_na_base_pair_step.j_label_comp_id_2 
_ndb_struct_na_base_pair_step.j_label_seq_id_2 
_ndb_struct_na_base_pair_step.j_symmetry_2 
_ndb_struct_na_base_pair_step.shift 
_ndb_struct_na_base_pair_step.slide 
_ndb_struct_na_base_pair_step.rise 
_ndb_struct_na_base_pair_step.tilt 
_ndb_struct_na_base_pair_step.roll 
_ndb_struct_na_base_pair_step.twist 
_ndb_struct_na_base_pair_step.x_displacement 
_ndb_struct_na_base_pair_step.y_displacement 
_ndb_struct_na_base_pair_step.helical_rise 
_ndb_struct_na_base_pair_step.inclination 
_ndb_struct_na_base_pair_step.tip 
_ndb_struct_na_base_pair_step.helical_twist 
_ndb_struct_na_base_pair_step.step_number 
_ndb_struct_na_base_pair_step.step_name 
_ndb_struct_na_base_pair_step.i_auth_asym_id_1 
_ndb_struct_na_base_pair_step.i_auth_seq_id_1 
_ndb_struct_na_base_pair_step.i_PDB_ins_code_1 
_ndb_struct_na_base_pair_step.j_auth_asym_id_1 
_ndb_struct_na_base_pair_step.j_auth_seq_id_1 
_ndb_struct_na_base_pair_step.j_PDB_ins_code_1 
_ndb_struct_na_base_pair_step.i_auth_asym_id_2 
_ndb_struct_na_base_pair_step.i_auth_seq_id_2 
_ndb_struct_na_base_pair_step.i_PDB_ins_code_2 
_ndb_struct_na_base_pair_step.j_auth_asym_id_2 
_ndb_struct_na_base_pair_step.j_auth_seq_id_2 
_ndb_struct_na_base_pair_step.j_PDB_ins_code_2 
1 A DC 1  1_555 B DG 12 1_555 A DG 2  1_555 B DC 11 1_555 -1.288 0.498  3.465 -4.480 -2.595 36.936 1.149  1.375  3.550 -4.072  
7.028  37.285 1 AA_DC1DG2:DC11DG12_BB A 1  ? B 12 ? A 2  ? B 11 ? 
1 A DG 2  1_555 B DC 11 1_555 A DC 3  1_555 B DG 10 1_555 0.824  0.116  3.268 -0.974 -1.126 40.948 0.288  -1.283 3.245 -1.609  
1.392  40.974 2 AA_DG2DC3:DG10DC11_BB A 2  ? B 11 ? A 3  ? B 10 ? 
1 A DC 3  1_555 B DG 10 1_555 A DA 5  1_555 B DT 8  1_555 -0.645 -0.294 6.144 2.845  10.682 59.994 -1.248 0.892  5.986 10.585  
-2.819 60.911 3 AA_DC3DA5:DT8DG10_BB  A 3  ? B 10 ? A 5  ? B 8  ? 
1 A DA 5  1_555 B DT 8  1_555 A DA 6  1_555 B DT 7  1_555 0.354  -0.241 3.358 -0.345 0.937  36.459 -0.518 -0.615 3.347 1.497   
0.552  36.472 4 AA_DA5DA6:DT7DT8_BB   A 5  ? B 8  ? A 6  ? B 7  ? 
1 A DA 6  1_555 B DT 7  1_555 A DT 7  1_555 B DA 6  1_555 0.095  -0.369 3.421 -0.656 -3.408 37.059 -0.102 -0.240 3.438 -5.348  
1.030  37.216 5 AA_DA6DT7:DA6DT7_BB   A 6  ? B 7  ? A 7  ? B 6  ? 
1 A DT 7  1_555 B DA 6  1_555 A DT 8  1_555 B DA 5  1_555 -0.421 -0.222 3.204 1.545  -1.456 36.173 -0.158 0.889  3.190 -2.342  
-2.486 36.234 6 AA_DT7DT8:DA5DA6_BB   A 7  ? B 6  ? A 8  ? B 5  ? 
1 A DT 8  1_555 B DA 5  1_555 A DG 10 1_555 B DC 3  1_555 -0.020 -0.093 6.173 -2.350 5.302  63.597 -0.521 -0.173 6.146 5.019   
2.225  63.833 7 AA_DT8DG10:DC3DA5_BB  A 8  ? B 5  ? A 10 ? B 3  ? 
1 A DG 10 1_555 B DC 3  1_555 A DC 11 1_555 B DG 2  1_555 -1.102 0.338  3.479 -2.214 -7.858 39.621 1.428  1.330  3.408 -11.446 
3.225  40.420 8 AA_DG10DC11:DG2DC3_BB A 10 ? B 3  ? A 11 ? B 2  ? 
1 A DC 11 1_555 B DG 2  1_555 A DG 12 1_555 B DC 1  1_555 1.539  0.881  3.211 3.478  -0.894 37.469 1.482  -1.934 3.315 -1.387  
-5.399 37.635 9 AA_DC11DG12:DC1DG2_BB A 11 ? B 2  ? A 12 ? B 1  ? 
# 
_pdbx_entity_nonpoly.entity_id   2 
_pdbx_entity_nonpoly.name        water 
_pdbx_entity_nonpoly.comp_id     HOH 
# 
_pdbx_initial_refinement_model.id               1 
_pdbx_initial_refinement_model.entity_id_list   ? 
_pdbx_initial_refinement_model.type             'experimental model' 
_pdbx_initial_refinement_model.source_name      PDB 
_pdbx_initial_refinement_model.accession_code   1D27 
_pdbx_initial_refinement_model.details          ? 
# 
_pdbx_struct_assembly_auth_evidence.id                     1 
_pdbx_struct_assembly_auth_evidence.assembly_id            1 
_pdbx_struct_assembly_auth_evidence.experimental_support   none 
_pdbx_struct_assembly_auth_evidence.details                ? 
# 
